data_3IWX
# 
_entry.id   3IWX 
# 
_audit_conform.dict_name       mmcif_pdbx.dic 
_audit_conform.dict_version    5.387 
_audit_conform.dict_location   http://mmcif.pdb.org/dictionaries/ascii/mmcif_pdbx.dic 
# 
loop_
_database_2.database_id 
_database_2.database_code 
_database_2.pdbx_database_accession 
_database_2.pdbx_DOI 
PDB   3IWX         pdb_00003iwx 10.2210/pdb3iwx/pdb 
RCSB  RCSB054967   ?            ?                   
WWPDB D_1000054967 ?            ?                   
# 
loop_
_pdbx_audit_revision_history.ordinal 
_pdbx_audit_revision_history.data_content_type 
_pdbx_audit_revision_history.major_revision 
_pdbx_audit_revision_history.minor_revision 
_pdbx_audit_revision_history.revision_date 
1 'Structure model' 1 0 2009-09-22 
2 'Structure model' 1 1 2011-07-13 
3 'Structure model' 1 2 2024-02-21 
# 
_pdbx_audit_revision_details.ordinal             1 
_pdbx_audit_revision_details.revision_ordinal    1 
_pdbx_audit_revision_details.data_content_type   'Structure model' 
_pdbx_audit_revision_details.provider            repository 
_pdbx_audit_revision_details.type                'Initial release' 
_pdbx_audit_revision_details.description         ? 
_pdbx_audit_revision_details.details             ? 
# 
loop_
_pdbx_audit_revision_group.ordinal 
_pdbx_audit_revision_group.revision_ordinal 
_pdbx_audit_revision_group.data_content_type 
_pdbx_audit_revision_group.group 
1 2 'Structure model' Advisory                    
2 2 'Structure model' 'Refinement description'    
3 2 'Structure model' 'Version format compliance' 
4 3 'Structure model' 'Data collection'           
5 3 'Structure model' 'Database references'       
6 3 'Structure model' 'Derived calculations'      
# 
loop_
_pdbx_audit_revision_category.ordinal 
_pdbx_audit_revision_category.revision_ordinal 
_pdbx_audit_revision_category.data_content_type 
_pdbx_audit_revision_category.category 
1 3 'Structure model' chem_comp_atom         
2 3 'Structure model' chem_comp_bond         
3 3 'Structure model' database_2             
4 3 'Structure model' pdbx_struct_conn_angle 
5 3 'Structure model' struct_conn            
6 3 'Structure model' struct_site            
# 
loop_
_pdbx_audit_revision_item.ordinal 
_pdbx_audit_revision_item.revision_ordinal 
_pdbx_audit_revision_item.data_content_type 
_pdbx_audit_revision_item.item 
1  3 'Structure model' '_database_2.pdbx_DOI'                        
2  3 'Structure model' '_database_2.pdbx_database_accession'         
3  3 'Structure model' '_pdbx_struct_conn_angle.ptnr1_auth_asym_id'  
4  3 'Structure model' '_pdbx_struct_conn_angle.ptnr1_auth_seq_id'   
5  3 'Structure model' '_pdbx_struct_conn_angle.ptnr1_label_asym_id' 
6  3 'Structure model' '_pdbx_struct_conn_angle.ptnr1_label_seq_id'  
7  3 'Structure model' '_pdbx_struct_conn_angle.ptnr3_auth_asym_id'  
8  3 'Structure model' '_pdbx_struct_conn_angle.ptnr3_auth_seq_id'   
9  3 'Structure model' '_pdbx_struct_conn_angle.ptnr3_label_asym_id' 
10 3 'Structure model' '_pdbx_struct_conn_angle.ptnr3_label_seq_id'  
11 3 'Structure model' '_pdbx_struct_conn_angle.value'               
12 3 'Structure model' '_struct_conn.pdbx_dist_value'                
13 3 'Structure model' '_struct_conn.ptnr1_auth_asym_id'             
14 3 'Structure model' '_struct_conn.ptnr1_auth_comp_id'             
15 3 'Structure model' '_struct_conn.ptnr1_auth_seq_id'              
16 3 'Structure model' '_struct_conn.ptnr1_label_asym_id'            
17 3 'Structure model' '_struct_conn.ptnr1_label_atom_id'            
18 3 'Structure model' '_struct_conn.ptnr1_label_comp_id'            
19 3 'Structure model' '_struct_conn.ptnr1_label_seq_id'             
20 3 'Structure model' '_struct_conn.ptnr2_auth_asym_id'             
21 3 'Structure model' '_struct_conn.ptnr2_auth_comp_id'             
22 3 'Structure model' '_struct_conn.ptnr2_auth_seq_id'              
23 3 'Structure model' '_struct_conn.ptnr2_label_asym_id'            
24 3 'Structure model' '_struct_conn.ptnr2_label_atom_id'            
25 3 'Structure model' '_struct_conn.ptnr2_label_comp_id'            
26 3 'Structure model' '_struct_conn.ptnr2_label_seq_id'             
27 3 'Structure model' '_struct_site.pdbx_auth_asym_id'              
28 3 'Structure model' '_struct_site.pdbx_auth_comp_id'              
29 3 'Structure model' '_struct_site.pdbx_auth_seq_id'               
# 
_pdbx_database_status.entry_id                        3IWX 
_pdbx_database_status.status_code                     REL 
_pdbx_database_status.deposit_site                    RCSB 
_pdbx_database_status.process_site                    RCSB 
_pdbx_database_status.recvd_initial_deposition_date   2009-09-03 
_pdbx_database_status.status_code_sf                  REL 
_pdbx_database_status.status_code_mr                  ? 
_pdbx_database_status.SG_entry                        ? 
_pdbx_database_status.pdb_format_compatible           Y 
_pdbx_database_status.status_code_cs                  ? 
_pdbx_database_status.status_code_nmr_data            ? 
_pdbx_database_status.methods_development_category    ? 
# 
_pdbx_database_related.db_name        PDB 
_pdbx_database_related.db_id          3IWL 
_pdbx_database_related.details        . 
_pdbx_database_related.content_type   unspecified 
# 
loop_
_audit_author.name 
_audit_author.pdbx_ordinal 
'Boal, A.K.'       1 
'Rosenzweig, A.C.' 2 
# 
_citation.id                        primary 
_citation.title                     'Crystal structures of cisplatin bound to a human copper chaperone.' 
_citation.journal_abbrev            J.Am.Chem.Soc. 
_citation.journal_volume            131 
_citation.page_first                14196 
_citation.page_last                 14197 
_citation.year                      2009 
_citation.journal_id_ASTM           JACSAT 
_citation.country                   US 
_citation.journal_id_ISSN           0002-7863 
_citation.journal_id_CSD            0004 
_citation.book_publisher            ? 
_citation.pdbx_database_id_PubMed   19807176 
_citation.pdbx_database_id_DOI      10.1021/ja906363t 
# 
loop_
_citation_author.citation_id 
_citation_author.name 
_citation_author.ordinal 
_citation_author.identifier_ORCID 
primary 'Boal, A.K.'       1 ? 
primary 'Rosenzweig, A.C.' 2 ? 
# 
loop_
_entity.id 
_entity.type 
_entity.src_method 
_entity.pdbx_description 
_entity.formula_weight 
_entity.pdbx_number_of_molecules 
_entity.pdbx_ec 
_entity.pdbx_mutation 
_entity.pdbx_fragment 
_entity.details 
1 polymer     man 'Copper transport protein ATOX1' 7412.646 2   ? ? ? ? 
2 non-polymer syn Cisplatin                        300.045  1   ? ? ? ? 
3 non-polymer syn 'SULFATE ION'                    96.063   3   ? ? ? ? 
4 water       nat water                            18.015   105 ? ? ? ? 
# 
_entity_name_com.entity_id   1 
_entity_name_com.name        'Metal transport protein ATX1' 
# 
_entity_poly.entity_id                      1 
_entity_poly.type                           'polypeptide(L)' 
_entity_poly.nstd_linkage                   no 
_entity_poly.nstd_monomer                   no 
_entity_poly.pdbx_seq_one_letter_code       MPKHEFSVDMTCGGCAEAVSRVLNKLGGVKYDIDLPNKKVCIESEHSMDTLLATLKKTGKTVSYLGLE 
_entity_poly.pdbx_seq_one_letter_code_can   MPKHEFSVDMTCGGCAEAVSRVLNKLGGVKYDIDLPNKKVCIESEHSMDTLLATLKKTGKTVSYLGLE 
_entity_poly.pdbx_strand_id                 A,B 
_entity_poly.pdbx_target_identifier         ? 
# 
loop_
_pdbx_entity_nonpoly.entity_id 
_pdbx_entity_nonpoly.name 
_pdbx_entity_nonpoly.comp_id 
2 Cisplatin     CPT 
3 'SULFATE ION' SO4 
4 water         HOH 
# 
loop_
_entity_poly_seq.entity_id 
_entity_poly_seq.num 
_entity_poly_seq.mon_id 
_entity_poly_seq.hetero 
1 1  MET n 
1 2  PRO n 
1 3  LYS n 
1 4  HIS n 
1 5  GLU n 
1 6  PHE n 
1 7  SER n 
1 8  VAL n 
1 9  ASP n 
1 10 MET n 
1 11 THR n 
1 12 CYS n 
1 13 GLY n 
1 14 GLY n 
1 15 CYS n 
1 16 ALA n 
1 17 GLU n 
1 18 ALA n 
1 19 VAL n 
1 20 SER n 
1 21 ARG n 
1 22 VAL n 
1 23 LEU n 
1 24 ASN n 
1 25 LYS n 
1 26 LEU n 
1 27 GLY n 
1 28 GLY n 
1 29 VAL n 
1 30 LYS n 
1 31 TYR n 
1 32 ASP n 
1 33 ILE n 
1 34 ASP n 
1 35 LEU n 
1 36 PRO n 
1 37 ASN n 
1 38 LYS n 
1 39 LYS n 
1 40 VAL n 
1 41 CYS n 
1 42 ILE n 
1 43 GLU n 
1 44 SER n 
1 45 GLU n 
1 46 HIS n 
1 47 SER n 
1 48 MET n 
1 49 ASP n 
1 50 THR n 
1 51 LEU n 
1 52 LEU n 
1 53 ALA n 
1 54 THR n 
1 55 LEU n 
1 56 LYS n 
1 57 LYS n 
1 58 THR n 
1 59 GLY n 
1 60 LYS n 
1 61 THR n 
1 62 VAL n 
1 63 SER n 
1 64 TYR n 
1 65 LEU n 
1 66 GLY n 
1 67 LEU n 
1 68 GLU n 
# 
_entity_src_gen.entity_id                          1 
_entity_src_gen.pdbx_src_id                        1 
_entity_src_gen.pdbx_alt_source_flag               sample 
_entity_src_gen.pdbx_seq_type                      ? 
_entity_src_gen.pdbx_beg_seq_num                   ? 
_entity_src_gen.pdbx_end_seq_num                   ? 
_entity_src_gen.gene_src_common_name               human 
_entity_src_gen.gene_src_genus                     ? 
_entity_src_gen.pdbx_gene_src_gene                 'ATOX1, HAH1' 
_entity_src_gen.gene_src_species                   ? 
_entity_src_gen.gene_src_strain                    ? 
_entity_src_gen.gene_src_tissue                    ? 
_entity_src_gen.gene_src_tissue_fraction           ? 
_entity_src_gen.gene_src_details                   ? 
_entity_src_gen.pdbx_gene_src_fragment             ? 
_entity_src_gen.pdbx_gene_src_scientific_name      'Homo sapiens' 
_entity_src_gen.pdbx_gene_src_ncbi_taxonomy_id     9606 
_entity_src_gen.pdbx_gene_src_variant              ? 
_entity_src_gen.pdbx_gene_src_cell_line            ? 
_entity_src_gen.pdbx_gene_src_atcc                 ? 
_entity_src_gen.pdbx_gene_src_organ                ? 
_entity_src_gen.pdbx_gene_src_organelle            ? 
_entity_src_gen.pdbx_gene_src_cell                 ? 
_entity_src_gen.pdbx_gene_src_cellular_location    ? 
_entity_src_gen.host_org_common_name               ? 
_entity_src_gen.pdbx_host_org_scientific_name      'Escherichia coli' 
_entity_src_gen.pdbx_host_org_ncbi_taxonomy_id     562 
_entity_src_gen.host_org_genus                     ? 
_entity_src_gen.pdbx_host_org_gene                 ? 
_entity_src_gen.pdbx_host_org_organ                ? 
_entity_src_gen.host_org_species                   ? 
_entity_src_gen.pdbx_host_org_tissue               ? 
_entity_src_gen.pdbx_host_org_tissue_fraction      ? 
_entity_src_gen.pdbx_host_org_strain               'BL21(DE3)' 
_entity_src_gen.pdbx_host_org_variant              ? 
_entity_src_gen.pdbx_host_org_cell_line            ? 
_entity_src_gen.pdbx_host_org_atcc                 ? 
_entity_src_gen.pdbx_host_org_culture_collection   ? 
_entity_src_gen.pdbx_host_org_cell                 ? 
_entity_src_gen.pdbx_host_org_organelle            ? 
_entity_src_gen.pdbx_host_org_cellular_location    ? 
_entity_src_gen.pdbx_host_org_vector_type          plasmid 
_entity_src_gen.pdbx_host_org_vector               ? 
_entity_src_gen.host_org_details                   ? 
_entity_src_gen.expression_system_id               ? 
_entity_src_gen.plasmid_name                       pET21b 
_entity_src_gen.plasmid_details                    ? 
_entity_src_gen.pdbx_description                   ? 
# 
loop_
_chem_comp.id 
_chem_comp.type 
_chem_comp.mon_nstd_flag 
_chem_comp.name 
_chem_comp.pdbx_synonyms 
_chem_comp.formula 
_chem_comp.formula_weight 
ALA 'L-peptide linking' y ALANINE         ?                            'C3 H7 N O2'     89.093  
ARG 'L-peptide linking' y ARGININE        ?                            'C6 H15 N4 O2 1' 175.209 
ASN 'L-peptide linking' y ASPARAGINE      ?                            'C4 H8 N2 O3'    132.118 
ASP 'L-peptide linking' y 'ASPARTIC ACID' ?                            'C4 H7 N O4'     133.103 
CPT non-polymer         . Cisplatin       'diammine(dichloro)platinum' 'Cl2 H6 N2 Pt'   300.045 
CYS 'L-peptide linking' y CYSTEINE        ?                            'C3 H7 N O2 S'   121.158 
GLU 'L-peptide linking' y 'GLUTAMIC ACID' ?                            'C5 H9 N O4'     147.129 
GLY 'peptide linking'   y GLYCINE         ?                            'C2 H5 N O2'     75.067  
HIS 'L-peptide linking' y HISTIDINE       ?                            'C6 H10 N3 O2 1' 156.162 
HOH non-polymer         . WATER           ?                            'H2 O'           18.015  
ILE 'L-peptide linking' y ISOLEUCINE      ?                            'C6 H13 N O2'    131.173 
LEU 'L-peptide linking' y LEUCINE         ?                            'C6 H13 N O2'    131.173 
LYS 'L-peptide linking' y LYSINE          ?                            'C6 H15 N2 O2 1' 147.195 
MET 'L-peptide linking' y METHIONINE      ?                            'C5 H11 N O2 S'  149.211 
PHE 'L-peptide linking' y PHENYLALANINE   ?                            'C9 H11 N O2'    165.189 
PRO 'L-peptide linking' y PROLINE         ?                            'C5 H9 N O2'     115.130 
SER 'L-peptide linking' y SERINE          ?                            'C3 H7 N O3'     105.093 
SO4 non-polymer         . 'SULFATE ION'   ?                            'O4 S -2'        96.063  
THR 'L-peptide linking' y THREONINE       ?                            'C4 H9 N O3'     119.119 
TYR 'L-peptide linking' y TYROSINE        ?                            'C9 H11 N O3'    181.189 
VAL 'L-peptide linking' y VALINE          ?                            'C5 H11 N O2'    117.146 
# 
loop_
_pdbx_poly_seq_scheme.asym_id 
_pdbx_poly_seq_scheme.entity_id 
_pdbx_poly_seq_scheme.seq_id 
_pdbx_poly_seq_scheme.mon_id 
_pdbx_poly_seq_scheme.ndb_seq_num 
_pdbx_poly_seq_scheme.pdb_seq_num 
_pdbx_poly_seq_scheme.auth_seq_num 
_pdbx_poly_seq_scheme.pdb_mon_id 
_pdbx_poly_seq_scheme.auth_mon_id 
_pdbx_poly_seq_scheme.pdb_strand_id 
_pdbx_poly_seq_scheme.pdb_ins_code 
_pdbx_poly_seq_scheme.hetero 
A 1 1  MET 1  1  ?  ?   ?   A . n 
A 1 2  PRO 2  2  2  PRO PRO A . n 
A 1 3  LYS 3  3  3  LYS LYS A . n 
A 1 4  HIS 4  4  4  HIS HIS A . n 
A 1 5  GLU 5  5  5  GLU GLU A . n 
A 1 6  PHE 6  6  6  PHE PHE A . n 
A 1 7  SER 7  7  7  SER SER A . n 
A 1 8  VAL 8  8  8  VAL VAL A . n 
A 1 9  ASP 9  9  9  ASP ASP A . n 
A 1 10 MET 10 10 10 MET MET A . n 
A 1 11 THR 11 11 11 THR THR A . n 
A 1 12 CYS 12 12 12 CYS CYS A . n 
A 1 13 GLY 13 13 13 GLY GLY A . n 
A 1 14 GLY 14 14 14 GLY GLY A . n 
A 1 15 CYS 15 15 15 CYS CYS A . n 
A 1 16 ALA 16 16 16 ALA ALA A . n 
A 1 17 GLU 17 17 17 GLU GLU A . n 
A 1 18 ALA 18 18 18 ALA ALA A . n 
A 1 19 VAL 19 19 19 VAL VAL A . n 
A 1 20 SER 20 20 20 SER SER A . n 
A 1 21 ARG 21 21 21 ARG ARG A . n 
A 1 22 VAL 22 22 22 VAL VAL A . n 
A 1 23 LEU 23 23 23 LEU LEU A . n 
A 1 24 ASN 24 24 24 ASN ASN A . n 
A 1 25 LYS 25 25 25 LYS LYS A . n 
A 1 26 LEU 26 26 26 LEU LEU A . n 
A 1 27 GLY 27 27 27 GLY GLY A . n 
A 1 28 GLY 28 28 28 GLY GLY A . n 
A 1 29 VAL 29 29 29 VAL VAL A . n 
A 1 30 LYS 30 30 30 LYS LYS A . n 
A 1 31 TYR 31 31 31 TYR TYR A . n 
A 1 32 ASP 32 32 32 ASP ASP A . n 
A 1 33 ILE 33 33 33 ILE ILE A . n 
A 1 34 ASP 34 34 34 ASP ASP A . n 
A 1 35 LEU 35 35 35 LEU LEU A . n 
A 1 36 PRO 36 36 36 PRO PRO A . n 
A 1 37 ASN 37 37 37 ASN ASN A . n 
A 1 38 LYS 38 38 38 LYS LYS A . n 
A 1 39 LYS 39 39 39 LYS LYS A . n 
A 1 40 VAL 40 40 40 VAL VAL A . n 
A 1 41 CYS 41 41 41 CYS CYS A . n 
A 1 42 ILE 42 42 42 ILE ILE A . n 
A 1 43 GLU 43 43 43 GLU GLU A . n 
A 1 44 SER 44 44 44 SER SER A . n 
A 1 45 GLU 45 45 45 GLU GLU A . n 
A 1 46 HIS 46 46 46 HIS HIS A . n 
A 1 47 SER 47 47 47 SER SER A . n 
A 1 48 MET 48 48 48 MET MET A . n 
A 1 49 ASP 49 49 49 ASP ASP A . n 
A 1 50 THR 50 50 50 THR THR A . n 
A 1 51 LEU 51 51 51 LEU LEU A . n 
A 1 52 LEU 52 52 52 LEU LEU A . n 
A 1 53 ALA 53 53 53 ALA ALA A . n 
A 1 54 THR 54 54 54 THR THR A . n 
A 1 55 LEU 55 55 55 LEU LEU A . n 
A 1 56 LYS 56 56 56 LYS LYS A . n 
A 1 57 LYS 57 57 57 LYS LYS A . n 
A 1 58 THR 58 58 58 THR THR A . n 
A 1 59 GLY 59 59 59 GLY GLY A . n 
A 1 60 LYS 60 60 60 LYS LYS A . n 
A 1 61 THR 61 61 61 THR THR A . n 
A 1 62 VAL 62 62 62 VAL VAL A . n 
A 1 63 SER 63 63 63 SER SER A . n 
A 1 64 TYR 64 64 64 TYR TYR A . n 
A 1 65 LEU 65 65 65 LEU LEU A . n 
A 1 66 GLY 66 66 66 GLY GLY A . n 
A 1 67 LEU 67 67 67 LEU LEU A . n 
A 1 68 GLU 68 68 68 GLU GLU A . n 
B 1 1  MET 1  1  ?  ?   ?   B . n 
B 1 2  PRO 2  2  2  PRO PRO B . n 
B 1 3  LYS 3  3  3  LYS LYS B . n 
B 1 4  HIS 4  4  4  HIS HIS B . n 
B 1 5  GLU 5  5  5  GLU GLU B . n 
B 1 6  PHE 6  6  6  PHE PHE B . n 
B 1 7  SER 7  7  7  SER SER B . n 
B 1 8  VAL 8  8  8  VAL VAL B . n 
B 1 9  ASP 9  9  9  ASP ASP B . n 
B 1 10 MET 10 10 10 MET MET B . n 
B 1 11 THR 11 11 11 THR THR B . n 
B 1 12 CYS 12 12 12 CYS CYS B . n 
B 1 13 GLY 13 13 13 GLY GLY B . n 
B 1 14 GLY 14 14 14 GLY GLY B . n 
B 1 15 CYS 15 15 15 CYS CYS B . n 
B 1 16 ALA 16 16 16 ALA ALA B . n 
B 1 17 GLU 17 17 17 GLU GLU B . n 
B 1 18 ALA 18 18 18 ALA ALA B . n 
B 1 19 VAL 19 19 19 VAL VAL B . n 
B 1 20 SER 20 20 20 SER SER B . n 
B 1 21 ARG 21 21 21 ARG ARG B . n 
B 1 22 VAL 22 22 22 VAL VAL B . n 
B 1 23 LEU 23 23 23 LEU LEU B . n 
B 1 24 ASN 24 24 24 ASN ASN B . n 
B 1 25 LYS 25 25 25 LYS LYS B . n 
B 1 26 LEU 26 26 26 LEU LEU B . n 
B 1 27 GLY 27 27 27 GLY GLY B . n 
B 1 28 GLY 28 28 28 GLY GLY B . n 
B 1 29 VAL 29 29 29 VAL VAL B . n 
B 1 30 LYS 30 30 30 LYS LYS B . n 
B 1 31 TYR 31 31 31 TYR TYR B . n 
B 1 32 ASP 32 32 32 ASP ASP B . n 
B 1 33 ILE 33 33 33 ILE ILE B . n 
B 1 34 ASP 34 34 34 ASP ASP B . n 
B 1 35 LEU 35 35 35 LEU LEU B . n 
B 1 36 PRO 36 36 36 PRO PRO B . n 
B 1 37 ASN 37 37 37 ASN ASN B . n 
B 1 38 LYS 38 38 38 LYS LYS B . n 
B 1 39 LYS 39 39 39 LYS LYS B . n 
B 1 40 VAL 40 40 40 VAL VAL B . n 
B 1 41 CYS 41 41 41 CYS CYS B . n 
B 1 42 ILE 42 42 42 ILE ILE B . n 
B 1 43 GLU 43 43 43 GLU GLU B . n 
B 1 44 SER 44 44 44 SER SER B . n 
B 1 45 GLU 45 45 45 GLU GLU B . n 
B 1 46 HIS 46 46 46 HIS HIS B . n 
B 1 47 SER 47 47 47 SER SER B . n 
B 1 48 MET 48 48 48 MET MET B . n 
B 1 49 ASP 49 49 49 ASP ASP B . n 
B 1 50 THR 50 50 50 THR THR B . n 
B 1 51 LEU 51 51 51 LEU LEU B . n 
B 1 52 LEU 52 52 52 LEU LEU B . n 
B 1 53 ALA 53 53 53 ALA ALA B . n 
B 1 54 THR 54 54 54 THR THR B . n 
B 1 55 LEU 55 55 55 LEU LEU B . n 
B 1 56 LYS 56 56 56 LYS LYS B . n 
B 1 57 LYS 57 57 57 LYS LYS B . n 
B 1 58 THR 58 58 58 THR THR B . n 
B 1 59 GLY 59 59 59 GLY GLY B . n 
B 1 60 LYS 60 60 60 LYS LYS B . n 
B 1 61 THR 61 61 61 THR THR B . n 
B 1 62 VAL 62 62 62 VAL VAL B . n 
B 1 63 SER 63 63 63 SER SER B . n 
B 1 64 TYR 64 64 64 TYR TYR B . n 
B 1 65 LEU 65 65 65 LEU LEU B . n 
B 1 66 GLY 66 66 66 GLY GLY B . n 
B 1 67 LEU 67 67 67 LEU LEU B . n 
B 1 68 GLU 68 68 68 GLU GLU B . n 
# 
loop_
_pdbx_nonpoly_scheme.asym_id 
_pdbx_nonpoly_scheme.entity_id 
_pdbx_nonpoly_scheme.mon_id 
_pdbx_nonpoly_scheme.ndb_seq_num 
_pdbx_nonpoly_scheme.pdb_seq_num 
_pdbx_nonpoly_scheme.auth_seq_num 
_pdbx_nonpoly_scheme.pdb_mon_id 
_pdbx_nonpoly_scheme.auth_mon_id 
_pdbx_nonpoly_scheme.pdb_strand_id 
_pdbx_nonpoly_scheme.pdb_ins_code 
C 2 CPT 1  69  69  CPT CPT A . 
D 3 SO4 1  71  71  SO4 SO4 A . 
E 3 SO4 1  70  70  SO4 SO4 B . 
F 3 SO4 1  71  71  SO4 SO4 B . 
G 4 HOH 1  72  72  HOH HOH A . 
G 4 HOH 2  73  73  HOH HOH A . 
G 4 HOH 3  74  74  HOH HOH A . 
G 4 HOH 4  75  75  HOH HOH A . 
G 4 HOH 5  76  76  HOH HOH A . 
G 4 HOH 6  77  77  HOH HOH A . 
G 4 HOH 7  78  78  HOH HOH A . 
G 4 HOH 8  79  79  HOH HOH A . 
G 4 HOH 9  80  80  HOH HOH A . 
G 4 HOH 10 81  81  HOH HOH A . 
G 4 HOH 11 82  82  HOH HOH A . 
G 4 HOH 12 83  83  HOH HOH A . 
G 4 HOH 13 84  84  HOH HOH A . 
G 4 HOH 14 85  85  HOH HOH A . 
G 4 HOH 15 86  86  HOH HOH A . 
G 4 HOH 16 87  87  HOH HOH A . 
G 4 HOH 17 88  88  HOH HOH A . 
G 4 HOH 18 89  89  HOH HOH A . 
G 4 HOH 19 90  90  HOH HOH A . 
G 4 HOH 20 91  91  HOH HOH A . 
G 4 HOH 21 92  92  HOH HOH A . 
G 4 HOH 22 93  93  HOH HOH A . 
G 4 HOH 23 94  94  HOH HOH A . 
G 4 HOH 24 95  95  HOH HOH A . 
G 4 HOH 25 96  96  HOH HOH A . 
G 4 HOH 26 97  97  HOH HOH A . 
G 4 HOH 27 98  98  HOH HOH A . 
G 4 HOH 28 99  99  HOH HOH A . 
G 4 HOH 29 100 100 HOH HOH A . 
G 4 HOH 30 101 101 HOH HOH A . 
G 4 HOH 31 102 102 HOH HOH A . 
G 4 HOH 32 103 103 HOH HOH A . 
G 4 HOH 33 104 104 HOH HOH A . 
G 4 HOH 34 105 105 HOH HOH A . 
G 4 HOH 35 106 106 HOH HOH A . 
G 4 HOH 36 107 107 HOH HOH A . 
G 4 HOH 37 108 108 HOH HOH A . 
G 4 HOH 38 109 109 HOH HOH A . 
G 4 HOH 39 110 110 HOH HOH A . 
G 4 HOH 40 111 111 HOH HOH A . 
G 4 HOH 41 112 112 HOH HOH A . 
G 4 HOH 42 113 113 HOH HOH A . 
H 4 HOH 1  72  72  HOH HOH B . 
H 4 HOH 2  73  73  HOH HOH B . 
H 4 HOH 3  74  74  HOH HOH B . 
H 4 HOH 4  75  75  HOH HOH B . 
H 4 HOH 5  76  76  HOH HOH B . 
H 4 HOH 6  77  77  HOH HOH B . 
H 4 HOH 7  78  78  HOH HOH B . 
H 4 HOH 8  79  79  HOH HOH B . 
H 4 HOH 9  80  80  HOH HOH B . 
H 4 HOH 10 81  81  HOH HOH B . 
H 4 HOH 11 82  82  HOH HOH B . 
H 4 HOH 12 83  83  HOH HOH B . 
H 4 HOH 13 84  84  HOH HOH B . 
H 4 HOH 14 85  85  HOH HOH B . 
H 4 HOH 15 86  86  HOH HOH B . 
H 4 HOH 16 87  87  HOH HOH B . 
H 4 HOH 17 88  88  HOH HOH B . 
H 4 HOH 18 89  89  HOH HOH B . 
H 4 HOH 19 90  90  HOH HOH B . 
H 4 HOH 20 91  91  HOH HOH B . 
H 4 HOH 21 92  92  HOH HOH B . 
H 4 HOH 22 93  93  HOH HOH B . 
H 4 HOH 23 94  94  HOH HOH B . 
H 4 HOH 24 95  95  HOH HOH B . 
H 4 HOH 25 96  96  HOH HOH B . 
H 4 HOH 26 97  97  HOH HOH B . 
H 4 HOH 27 98  98  HOH HOH B . 
H 4 HOH 28 99  99  HOH HOH B . 
H 4 HOH 29 100 100 HOH HOH B . 
H 4 HOH 30 101 101 HOH HOH B . 
H 4 HOH 31 102 102 HOH HOH B . 
H 4 HOH 32 103 103 HOH HOH B . 
H 4 HOH 33 104 104 HOH HOH B . 
H 4 HOH 34 105 105 HOH HOH B . 
H 4 HOH 35 106 106 HOH HOH B . 
H 4 HOH 36 107 107 HOH HOH B . 
H 4 HOH 37 108 108 HOH HOH B . 
H 4 HOH 38 109 109 HOH HOH B . 
H 4 HOH 39 110 110 HOH HOH B . 
H 4 HOH 40 111 111 HOH HOH B . 
H 4 HOH 41 112 112 HOH HOH B . 
H 4 HOH 42 113 113 HOH HOH B . 
H 4 HOH 43 114 114 HOH HOH B . 
H 4 HOH 44 115 115 HOH HOH B . 
H 4 HOH 45 116 116 HOH HOH B . 
H 4 HOH 46 117 117 HOH HOH B . 
H 4 HOH 47 118 118 HOH HOH B . 
H 4 HOH 48 119 119 HOH HOH B . 
H 4 HOH 49 120 120 HOH HOH B . 
H 4 HOH 50 121 121 HOH HOH B . 
H 4 HOH 51 122 122 HOH HOH B . 
H 4 HOH 52 123 123 HOH HOH B . 
H 4 HOH 53 124 124 HOH HOH B . 
H 4 HOH 54 125 125 HOH HOH B . 
H 4 HOH 55 126 126 HOH HOH B . 
H 4 HOH 56 127 127 HOH HOH B . 
H 4 HOH 57 128 128 HOH HOH B . 
H 4 HOH 58 129 129 HOH HOH B . 
H 4 HOH 59 130 130 HOH HOH B . 
H 4 HOH 60 131 131 HOH HOH B . 
H 4 HOH 61 132 132 HOH HOH B . 
H 4 HOH 62 133 133 HOH HOH B . 
H 4 HOH 63 134 134 HOH HOH B . 
# 
loop_
_software.pdbx_ordinal 
_software.name 
_software.version 
_software.date 
_software.type 
_software.contact_author 
_software.contact_author_email 
_software.classification 
_software.location 
_software.language 
_software.citation_id 
1 REFMAC      5.5.0088 ?               program 'Garib N. Murshudov' garib@ysbl.york.ac.uk refinement        
http://www.ccp4.ac.uk/dist/html/refmac5.html Fortran_77 ? 
2 PDB_EXTRACT 3.005    'June 11, 2008' package PDB                  help@deposit.rcsb.org 'data extraction' 
http://sw-tools.pdb.org/apps/PDB_EXTRACT/    C++        ? 
# 
_cell.entry_id           3IWX 
_cell.length_a           78.289 
_cell.length_b           78.289 
_cell.length_c           54.335 
_cell.angle_alpha        90.00 
_cell.angle_beta         90.00 
_cell.angle_gamma        120.00 
_cell.Z_PDB              12 
_cell.pdbx_unique_axis   ? 
# 
_symmetry.entry_id                         3IWX 
_symmetry.space_group_name_H-M             'P 65' 
_symmetry.pdbx_full_space_group_name_H-M   ? 
_symmetry.cell_setting                     ? 
_symmetry.Int_Tables_number                170 
# 
_exptl.crystals_number   1 
_exptl.entry_id          3IWX 
_exptl.method            'X-RAY DIFFRACTION' 
# 
_exptl_crystal.id                    1 
_exptl_crystal.density_Matthews      3.24 
_exptl_crystal.density_meas          ? 
_exptl_crystal.density_percent_sol   62.06 
_exptl_crystal.description           ? 
_exptl_crystal.F_000                 ? 
_exptl_crystal.preparation           ? 
# 
_exptl_crystal_grow.crystal_id      1 
_exptl_crystal_grow.method          'VAPOR DIFFUSION, HANGING DROP' 
_exptl_crystal_grow.pH              6 
_exptl_crystal_grow.temp            294 
_exptl_crystal_grow.pdbx_details    
'1.5 M lithium sulfate, 0.1M MES, 50 mM NaCl, pH 6, VAPOR DIFFUSION, HANGING DROP, temperature 294K' 
_exptl_crystal_grow.temp_details    ? 
_exptl_crystal_grow.pdbx_pH_range   ? 
# 
_diffrn.id                     1 
_diffrn.ambient_temp           113 
_diffrn.ambient_temp_details   ? 
_diffrn.crystal_id             1 
# 
_diffrn_detector.diffrn_id              1 
_diffrn_detector.detector               CCD 
_diffrn_detector.type                   MARRESEARCH 
_diffrn_detector.pdbx_collection_date   2009-04-01 
_diffrn_detector.details                ? 
# 
_diffrn_radiation.diffrn_id                        1 
_diffrn_radiation.pdbx_diffrn_protocol             'SINGLE WAVELENGTH' 
_diffrn_radiation.monochromator                    ? 
_diffrn_radiation.wavelength_id                    1 
_diffrn_radiation.pdbx_monochromatic_or_laue_m_l   M 
_diffrn_radiation.pdbx_scattering_type             x-ray 
# 
_diffrn_radiation_wavelength.id           1 
_diffrn_radiation_wavelength.wavelength   0.97872 
_diffrn_radiation_wavelength.wt           1.0 
# 
_diffrn_source.diffrn_id                   1 
_diffrn_source.source                      SYNCHROTRON 
_diffrn_source.type                        'APS BEAMLINE 21-ID-F' 
_diffrn_source.pdbx_wavelength_list        0.97872 
_diffrn_source.pdbx_wavelength             ? 
_diffrn_source.pdbx_synchrotron_site       APS 
_diffrn_source.pdbx_synchrotron_beamline   21-ID-F 
# 
_reflns.entry_id                     3IWX 
_reflns.observed_criterion_sigma_F   ? 
_reflns.observed_criterion_sigma_I   ? 
_reflns.d_resolution_high            2.140 
_reflns.d_resolution_low             50 
_reflns.number_all                   ? 
_reflns.number_obs                   10562 
_reflns.percent_possible_obs         ? 
_reflns.pdbx_Rmerge_I_obs            ? 
_reflns.pdbx_Rsym_value              ? 
_reflns.pdbx_netI_over_sigmaI        ? 
_reflns.B_iso_Wilson_estimate        ? 
_reflns.pdbx_redundancy              ? 
_reflns.R_free_details               ? 
_reflns.limit_h_max                  ? 
_reflns.limit_h_min                  ? 
_reflns.limit_k_max                  ? 
_reflns.limit_k_min                  ? 
_reflns.limit_l_max                  ? 
_reflns.limit_l_min                  ? 
_reflns.observed_criterion_F_max     ? 
_reflns.observed_criterion_F_min     ? 
_reflns.pdbx_chi_squared             ? 
_reflns.pdbx_scaling_rejects         ? 
_reflns.pdbx_ordinal                 1 
_reflns.pdbx_diffrn_id               1 
# 
_refine.entry_id                                 3IWX 
_refine.ls_d_res_high                            2.140 
_refine.ls_d_res_low                             28.760 
_refine.pdbx_ls_sigma_F                          0.00 
_refine.pdbx_data_cutoff_high_absF               ? 
_refine.pdbx_data_cutoff_low_absF                ? 
_refine.ls_percent_reflns_obs                    99.910 
_refine.ls_number_reflns_obs                     10536 
_refine.ls_number_reflns_all                     ? 
_refine.pdbx_ls_cross_valid_method               THROUGHOUT 
_refine.pdbx_R_Free_selection_details            RANDOM 
_refine.details                                  'HYDROGENS HAVE BEEN ADDED IN THE RIDING POSITIONS. U VALUES: RESIDUAL ONLY' 
_refine.ls_R_factor_all                          ? 
_refine.ls_R_factor_obs                          0.188 
_refine.ls_R_factor_R_work                       0.186 
_refine.ls_wR_factor_R_work                      ? 
_refine.ls_R_factor_R_free                       0.228 
_refine.ls_wR_factor_R_free                      ? 
_refine.ls_percent_reflns_R_free                 4.800 
_refine.ls_number_reflns_R_free                  504 
_refine.ls_R_factor_R_free_error                 ? 
_refine.B_iso_mean                               24.288 
_refine.solvent_model_param_bsol                 ? 
_refine.solvent_model_param_ksol                 ? 
_refine.pdbx_isotropic_thermal_model             ? 
_refine.aniso_B[1][1]                            0.060 
_refine.aniso_B[2][2]                            0.060 
_refine.aniso_B[3][3]                            -0.090 
_refine.aniso_B[1][2]                            0.030 
_refine.aniso_B[1][3]                            0.000 
_refine.aniso_B[2][3]                            0.000 
_refine.correlation_coeff_Fo_to_Fc               0.953 
_refine.correlation_coeff_Fo_to_Fc_free          0.934 
_refine.overall_SU_R_Cruickshank_DPI             ? 
_refine.overall_SU_R_free                        ? 
_refine.pdbx_overall_ESU_R                       0.183 
_refine.pdbx_overall_ESU_R_Free                  0.167 
_refine.overall_SU_ML                            0.114 
_refine.overall_SU_B                             9.170 
_refine.solvent_model_details                    MASK 
_refine.pdbx_solvent_vdw_probe_radii             1.200 
_refine.pdbx_solvent_ion_probe_radii             0.800 
_refine.pdbx_solvent_shrinkage_radii             0.800 
_refine.ls_number_parameters                     ? 
_refine.ls_number_restraints                     ? 
_refine.pdbx_starting_model                      ? 
_refine.pdbx_method_to_determine_struct          'MOLECULAR REPLACEMENT' 
_refine.pdbx_stereochemistry_target_values       'MAXIMUM LIKELIHOOD' 
_refine.pdbx_stereochem_target_val_spec_case     ? 
_refine.overall_FOM_work_R_set                   ? 
_refine.B_iso_max                                102.23 
_refine.B_iso_min                                13.16 
_refine.occupancy_max                            1.00 
_refine.occupancy_min                            0.40 
_refine.pdbx_ls_sigma_I                          ? 
_refine.ls_redundancy_reflns_obs                 ? 
_refine.ls_R_factor_R_free_error_details         ? 
_refine.pdbx_data_cutoff_high_rms_absF           ? 
_refine.overall_FOM_free_R_set                   ? 
_refine.pdbx_overall_phase_error                 ? 
_refine.pdbx_refine_id                           'X-RAY DIFFRACTION' 
_refine.pdbx_TLS_residual_ADP_flag               'LIKELY RESIDUAL' 
_refine.pdbx_diffrn_id                           1 
_refine.pdbx_overall_SU_R_free_Cruickshank_DPI   ? 
_refine.pdbx_overall_SU_R_Blow_DPI               ? 
_refine.pdbx_overall_SU_R_free_Blow_DPI          ? 
# 
_refine_hist.pdbx_refine_id                   'X-RAY DIFFRACTION' 
_refine_hist.cycle_id                         LAST 
_refine_hist.pdbx_number_atoms_protein        1011 
_refine_hist.pdbx_number_atoms_nucleic_acid   0 
_refine_hist.pdbx_number_atoms_ligand         18 
_refine_hist.number_atoms_solvent             105 
_refine_hist.number_atoms_total               1134 
_refine_hist.d_res_high                       2.140 
_refine_hist.d_res_low                        28.760 
# 
loop_
_refine_ls_restr.type 
_refine_ls_restr.number 
_refine_ls_restr.dev_ideal 
_refine_ls_restr.dev_ideal_target 
_refine_ls_restr.weight 
_refine_ls_restr.pdbx_refine_id 
_refine_ls_restr.pdbx_restraint_function 
r_bond_refined_d       1034 0.009  0.022  ? 'X-RAY DIFFRACTION' ? 
r_angle_refined_deg    1389 1.092  2.010  ? 'X-RAY DIFFRACTION' ? 
r_dihedral_angle_1_deg 132  5.606  5.000  ? 'X-RAY DIFFRACTION' ? 
r_dihedral_angle_2_deg 34   37.662 25.882 ? 'X-RAY DIFFRACTION' ? 
r_dihedral_angle_3_deg 201  12.567 15.000 ? 'X-RAY DIFFRACTION' ? 
r_dihedral_angle_4_deg 2    22.208 15.000 ? 'X-RAY DIFFRACTION' ? 
r_chiral_restr         164  0.072  0.200  ? 'X-RAY DIFFRACTION' ? 
r_gen_planes_refined   708  0.004  0.020  ? 'X-RAY DIFFRACTION' ? 
r_mcbond_it            661  0.446  1.500  ? 'X-RAY DIFFRACTION' ? 
r_mcangle_it           1062 0.898  2.000  ? 'X-RAY DIFFRACTION' ? 
r_scbond_it            373  1.624  3.000  ? 'X-RAY DIFFRACTION' ? 
r_scangle_it           327  2.597  4.500  ? 'X-RAY DIFFRACTION' ? 
# 
_refine_ls_shell.d_res_high                       2.142 
_refine_ls_shell.d_res_low                        2.198 
_refine_ls_shell.pdbx_total_number_of_bins_used   20 
_refine_ls_shell.percent_reflns_obs               100.000 
_refine_ls_shell.number_reflns_R_work             727 
_refine_ls_shell.R_factor_all                     ? 
_refine_ls_shell.R_factor_R_work                  0.206 
_refine_ls_shell.R_factor_R_free                  0.266 
_refine_ls_shell.percent_reflns_R_free            ? 
_refine_ls_shell.number_reflns_R_free             37 
_refine_ls_shell.R_factor_R_free_error            ? 
_refine_ls_shell.number_reflns_all                764 
_refine_ls_shell.number_reflns_obs                ? 
_refine_ls_shell.redundancy_reflns_obs            ? 
_refine_ls_shell.pdbx_refine_id                   'X-RAY DIFFRACTION' 
# 
_struct.entry_id                  3IWX 
_struct.title                     'Crystal structure of cisplatin bound to a human copper chaperone (dimer)' 
_struct.pdbx_model_details        ? 
_struct.pdbx_CASP_flag            ? 
_struct.pdbx_model_type_details   ? 
# 
_struct_keywords.entry_id        3IWX 
_struct_keywords.text            
;beta-alpha-beta-beta-alpha-beta, transport protein, cisplatin, platinum, Chaperone, Copper transport, Ion transport, Metal-binding, Transport, METAL TRANSPORT
;
_struct_keywords.pdbx_keywords   'METAL TRANSPORT' 
# 
loop_
_struct_asym.id 
_struct_asym.pdbx_blank_PDB_chainid_flag 
_struct_asym.pdbx_modified 
_struct_asym.entity_id 
_struct_asym.details 
A N N 1 ? 
B N N 1 ? 
C N N 2 ? 
D N N 3 ? 
E N N 3 ? 
F N N 3 ? 
G N N 4 ? 
H N N 4 ? 
# 
_struct_ref.id                         1 
_struct_ref.db_name                    UNP 
_struct_ref.db_code                    ATOX1_HUMAN 
_struct_ref.pdbx_db_accession          O00244 
_struct_ref.entity_id                  1 
_struct_ref.pdbx_seq_one_letter_code   MPKHEFSVDMTCGGCAEAVSRVLNKLGGVKYDIDLPNKKVCIESEHSMDTLLATLKKTGKTVSYLGLE 
_struct_ref.pdbx_align_begin           1 
_struct_ref.pdbx_db_isoform            ? 
# 
loop_
_struct_ref_seq.align_id 
_struct_ref_seq.ref_id 
_struct_ref_seq.pdbx_PDB_id_code 
_struct_ref_seq.pdbx_strand_id 
_struct_ref_seq.seq_align_beg 
_struct_ref_seq.pdbx_seq_align_beg_ins_code 
_struct_ref_seq.seq_align_end 
_struct_ref_seq.pdbx_seq_align_end_ins_code 
_struct_ref_seq.pdbx_db_accession 
_struct_ref_seq.db_align_beg 
_struct_ref_seq.pdbx_db_align_beg_ins_code 
_struct_ref_seq.db_align_end 
_struct_ref_seq.pdbx_db_align_end_ins_code 
_struct_ref_seq.pdbx_auth_seq_align_beg 
_struct_ref_seq.pdbx_auth_seq_align_end 
1 1 3IWX A 1 ? 68 ? O00244 1 ? 68 ? 1 68 
2 1 3IWX B 1 ? 68 ? O00244 1 ? 68 ? 1 68 
# 
_pdbx_struct_assembly.id                   1 
_pdbx_struct_assembly.details              author_and_software_defined_assembly 
_pdbx_struct_assembly.method_details       PISA 
_pdbx_struct_assembly.oligomeric_details   dimeric 
_pdbx_struct_assembly.oligomeric_count     2 
# 
loop_
_pdbx_struct_assembly_prop.biol_id 
_pdbx_struct_assembly_prop.type 
_pdbx_struct_assembly_prop.value 
_pdbx_struct_assembly_prop.details 
1 'ABSA (A^2)' 1740 ? 
1 MORE         -58  ? 
1 'SSA (A^2)'  7070 ? 
# 
_pdbx_struct_assembly_gen.assembly_id       1 
_pdbx_struct_assembly_gen.oper_expression   1 
_pdbx_struct_assembly_gen.asym_id_list      A,B,C,D,E,F,G,H 
# 
_pdbx_struct_oper_list.id                   1 
_pdbx_struct_oper_list.type                 'identity operation' 
_pdbx_struct_oper_list.name                 1_555 
_pdbx_struct_oper_list.symmetry_operation   x,y,z 
_pdbx_struct_oper_list.matrix[1][1]         1.0000000000 
_pdbx_struct_oper_list.matrix[1][2]         0.0000000000 
_pdbx_struct_oper_list.matrix[1][3]         0.0000000000 
_pdbx_struct_oper_list.vector[1]            0.0000000000 
_pdbx_struct_oper_list.matrix[2][1]         0.0000000000 
_pdbx_struct_oper_list.matrix[2][2]         1.0000000000 
_pdbx_struct_oper_list.matrix[2][3]         0.0000000000 
_pdbx_struct_oper_list.vector[2]            0.0000000000 
_pdbx_struct_oper_list.matrix[3][1]         0.0000000000 
_pdbx_struct_oper_list.matrix[3][2]         0.0000000000 
_pdbx_struct_oper_list.matrix[3][3]         1.0000000000 
_pdbx_struct_oper_list.vector[3]            0.0000000000 
# 
_struct_biol.id        1 
_struct_biol.details   ? 
# 
loop_
_struct_conf.conf_type_id 
_struct_conf.id 
_struct_conf.pdbx_PDB_helix_id 
_struct_conf.beg_label_comp_id 
_struct_conf.beg_label_asym_id 
_struct_conf.beg_label_seq_id 
_struct_conf.pdbx_beg_PDB_ins_code 
_struct_conf.end_label_comp_id 
_struct_conf.end_label_asym_id 
_struct_conf.end_label_seq_id 
_struct_conf.pdbx_end_PDB_ins_code 
_struct_conf.beg_auth_comp_id 
_struct_conf.beg_auth_asym_id 
_struct_conf.beg_auth_seq_id 
_struct_conf.end_auth_comp_id 
_struct_conf.end_auth_asym_id 
_struct_conf.end_auth_seq_id 
_struct_conf.pdbx_PDB_helix_class 
_struct_conf.details 
_struct_conf.pdbx_PDB_helix_length 
HELX_P HELX_P1 1 CYS A 12 ? GLY A 27 ? CYS A 12 GLY A 27 1 ? 16 
HELX_P HELX_P2 2 SER A 47 ? LYS A 57 ? SER A 47 LYS A 57 1 ? 11 
HELX_P HELX_P3 3 CYS B 12 ? GLY B 27 ? CYS B 12 GLY B 27 1 ? 16 
HELX_P HELX_P4 4 SER B 47 ? LYS B 57 ? SER B 47 LYS B 57 1 ? 11 
# 
_struct_conf_type.id          HELX_P 
_struct_conf_type.criteria    ? 
_struct_conf_type.reference   ? 
# 
loop_
_struct_conn.id 
_struct_conn.conn_type_id 
_struct_conn.pdbx_leaving_atom_flag 
_struct_conn.pdbx_PDB_id 
_struct_conn.ptnr1_label_asym_id 
_struct_conn.ptnr1_label_comp_id 
_struct_conn.ptnr1_label_seq_id 
_struct_conn.ptnr1_label_atom_id 
_struct_conn.pdbx_ptnr1_label_alt_id 
_struct_conn.pdbx_ptnr1_PDB_ins_code 
_struct_conn.pdbx_ptnr1_standard_comp_id 
_struct_conn.ptnr1_symmetry 
_struct_conn.ptnr2_label_asym_id 
_struct_conn.ptnr2_label_comp_id 
_struct_conn.ptnr2_label_seq_id 
_struct_conn.ptnr2_label_atom_id 
_struct_conn.pdbx_ptnr2_label_alt_id 
_struct_conn.pdbx_ptnr2_PDB_ins_code 
_struct_conn.ptnr1_auth_asym_id 
_struct_conn.ptnr1_auth_comp_id 
_struct_conn.ptnr1_auth_seq_id 
_struct_conn.ptnr2_auth_asym_id 
_struct_conn.ptnr2_auth_comp_id 
_struct_conn.ptnr2_auth_seq_id 
_struct_conn.ptnr2_symmetry 
_struct_conn.pdbx_ptnr3_label_atom_id 
_struct_conn.pdbx_ptnr3_label_seq_id 
_struct_conn.pdbx_ptnr3_label_comp_id 
_struct_conn.pdbx_ptnr3_label_asym_id 
_struct_conn.pdbx_ptnr3_label_alt_id 
_struct_conn.pdbx_ptnr3_PDB_ins_code 
_struct_conn.details 
_struct_conn.pdbx_dist_value 
_struct_conn.pdbx_value_order 
_struct_conn.pdbx_role 
metalc1 metalc ? ? A CYS 12 SG  ? ? ? 1_555 C CPT .  PT1 ? ? A CYS 12 A CPT 69 1_555 ? ? ? ? ? ? ? 2.483 ? ? 
metalc2 metalc ? ? A CYS 15 SG  ? ? ? 1_555 C CPT .  PT1 ? ? A CYS 15 A CPT 69 1_555 ? ? ? ? ? ? ? 2.305 ? ? 
metalc3 metalc ? ? C CPT .  PT1 ? ? ? 1_555 B CYS 12 SG  ? ? A CPT 69 B CYS 12 1_555 ? ? ? ? ? ? ? 2.457 ? ? 
metalc4 metalc ? ? C CPT .  PT1 ? ? ? 1_555 B CYS 15 SG  ? ? A CPT 69 B CYS 15 1_555 ? ? ? ? ? ? ? 2.103 ? ? 
# 
_struct_conn_type.id          metalc 
_struct_conn_type.criteria    ? 
_struct_conn_type.reference   ? 
# 
loop_
_pdbx_struct_conn_angle.id 
_pdbx_struct_conn_angle.ptnr1_label_atom_id 
_pdbx_struct_conn_angle.ptnr1_label_alt_id 
_pdbx_struct_conn_angle.ptnr1_label_asym_id 
_pdbx_struct_conn_angle.ptnr1_label_comp_id 
_pdbx_struct_conn_angle.ptnr1_label_seq_id 
_pdbx_struct_conn_angle.ptnr1_auth_atom_id 
_pdbx_struct_conn_angle.ptnr1_auth_asym_id 
_pdbx_struct_conn_angle.ptnr1_auth_comp_id 
_pdbx_struct_conn_angle.ptnr1_auth_seq_id 
_pdbx_struct_conn_angle.ptnr1_PDB_ins_code 
_pdbx_struct_conn_angle.ptnr1_symmetry 
_pdbx_struct_conn_angle.ptnr2_label_atom_id 
_pdbx_struct_conn_angle.ptnr2_label_alt_id 
_pdbx_struct_conn_angle.ptnr2_label_asym_id 
_pdbx_struct_conn_angle.ptnr2_label_comp_id 
_pdbx_struct_conn_angle.ptnr2_label_seq_id 
_pdbx_struct_conn_angle.ptnr2_auth_atom_id 
_pdbx_struct_conn_angle.ptnr2_auth_asym_id 
_pdbx_struct_conn_angle.ptnr2_auth_comp_id 
_pdbx_struct_conn_angle.ptnr2_auth_seq_id 
_pdbx_struct_conn_angle.ptnr2_PDB_ins_code 
_pdbx_struct_conn_angle.ptnr2_symmetry 
_pdbx_struct_conn_angle.ptnr3_label_atom_id 
_pdbx_struct_conn_angle.ptnr3_label_alt_id 
_pdbx_struct_conn_angle.ptnr3_label_asym_id 
_pdbx_struct_conn_angle.ptnr3_label_comp_id 
_pdbx_struct_conn_angle.ptnr3_label_seq_id 
_pdbx_struct_conn_angle.ptnr3_auth_atom_id 
_pdbx_struct_conn_angle.ptnr3_auth_asym_id 
_pdbx_struct_conn_angle.ptnr3_auth_comp_id 
_pdbx_struct_conn_angle.ptnr3_auth_seq_id 
_pdbx_struct_conn_angle.ptnr3_PDB_ins_code 
_pdbx_struct_conn_angle.ptnr3_symmetry 
_pdbx_struct_conn_angle.value 
_pdbx_struct_conn_angle.value_esd 
1  SG ? A CYS 12 ? A CYS 12 ? 1_555 PT1 ? C CPT . ? A CPT 69 ? 1_555 N1 ? C CPT .  ? A CPT 69 ? 1_555 61.2  ? 
2  SG ? A CYS 12 ? A CYS 12 ? 1_555 PT1 ? C CPT . ? A CPT 69 ? 1_555 N2 ? C CPT .  ? A CPT 69 ? 1_555 61.9  ? 
3  N1 ? C CPT .  ? A CPT 69 ? 1_555 PT1 ? C CPT . ? A CPT 69 ? 1_555 N2 ? C CPT .  ? A CPT 69 ? 1_555 103.3 ? 
4  SG ? A CYS 12 ? A CYS 12 ? 1_555 PT1 ? C CPT . ? A CPT 69 ? 1_555 SG ? A CYS 15 ? A CYS 15 ? 1_555 114.0 ? 
5  N1 ? C CPT .  ? A CPT 69 ? 1_555 PT1 ? C CPT . ? A CPT 69 ? 1_555 SG ? A CYS 15 ? A CYS 15 ? 1_555 72.9  ? 
6  N2 ? C CPT .  ? A CPT 69 ? 1_555 PT1 ? C CPT . ? A CPT 69 ? 1_555 SG ? A CYS 15 ? A CYS 15 ? 1_555 175.7 ? 
7  SG ? A CYS 12 ? A CYS 12 ? 1_555 PT1 ? C CPT . ? A CPT 69 ? 1_555 SG ? B CYS 12 ? B CYS 12 ? 1_555 94.2  ? 
8  N1 ? C CPT .  ? A CPT 69 ? 1_555 PT1 ? C CPT . ? A CPT 69 ? 1_555 SG ? B CYS 12 ? B CYS 12 ? 1_555 65.7  ? 
9  N2 ? C CPT .  ? A CPT 69 ? 1_555 PT1 ? C CPT . ? A CPT 69 ? 1_555 SG ? B CYS 12 ? B CYS 12 ? 1_555 72.0  ? 
10 SG ? A CYS 15 ? A CYS 15 ? 1_555 PT1 ? C CPT . ? A CPT 69 ? 1_555 SG ? B CYS 12 ? B CYS 12 ? 1_555 107.8 ? 
11 SG ? A CYS 12 ? A CYS 12 ? 1_555 PT1 ? C CPT . ? A CPT 69 ? 1_555 SG ? B CYS 15 ? B CYS 15 ? 1_555 108.7 ? 
12 N1 ? C CPT .  ? A CPT 69 ? 1_555 PT1 ? C CPT . ? A CPT 69 ? 1_555 SG ? B CYS 15 ? B CYS 15 ? 1_555 169.5 ? 
13 N2 ? C CPT .  ? A CPT 69 ? 1_555 PT1 ? C CPT . ? A CPT 69 ? 1_555 SG ? B CYS 15 ? B CYS 15 ? 1_555 72.1  ? 
14 SG ? A CYS 15 ? A CYS 15 ? 1_555 PT1 ? C CPT . ? A CPT 69 ? 1_555 SG ? B CYS 15 ? B CYS 15 ? 1_555 111.2 ? 
15 SG ? B CYS 12 ? B CYS 12 ? 1_555 PT1 ? C CPT . ? A CPT 69 ? 1_555 SG ? B CYS 15 ? B CYS 15 ? 1_555 120.1 ? 
# 
loop_
_struct_sheet.id 
_struct_sheet.type 
_struct_sheet.number_strands 
_struct_sheet.details 
A ? 4 ? 
B ? 4 ? 
# 
loop_
_struct_sheet_order.sheet_id 
_struct_sheet_order.range_id_1 
_struct_sheet_order.range_id_2 
_struct_sheet_order.offset 
_struct_sheet_order.sense 
A 1 2 ? anti-parallel 
A 2 3 ? anti-parallel 
A 3 4 ? anti-parallel 
B 1 2 ? anti-parallel 
B 2 3 ? anti-parallel 
B 3 4 ? anti-parallel 
# 
loop_
_struct_sheet_range.sheet_id 
_struct_sheet_range.id 
_struct_sheet_range.beg_label_comp_id 
_struct_sheet_range.beg_label_asym_id 
_struct_sheet_range.beg_label_seq_id 
_struct_sheet_range.pdbx_beg_PDB_ins_code 
_struct_sheet_range.end_label_comp_id 
_struct_sheet_range.end_label_asym_id 
_struct_sheet_range.end_label_seq_id 
_struct_sheet_range.pdbx_end_PDB_ins_code 
_struct_sheet_range.beg_auth_comp_id 
_struct_sheet_range.beg_auth_asym_id 
_struct_sheet_range.beg_auth_seq_id 
_struct_sheet_range.end_auth_comp_id 
_struct_sheet_range.end_auth_asym_id 
_struct_sheet_range.end_auth_seq_id 
A 1 VAL A 29 ? ASP A 34 ? VAL A 29 ASP A 34 
A 2 LYS A 39 ? SER A 44 ? LYS A 39 SER A 44 
A 3 LYS A 3  ? VAL A 8  ? LYS A 3  VAL A 8  
A 4 VAL A 62 ? LEU A 67 ? VAL A 62 LEU A 67 
B 1 VAL B 29 ? ASP B 34 ? VAL B 29 ASP B 34 
B 2 LYS B 39 ? SER B 44 ? LYS B 39 SER B 44 
B 3 LYS B 3  ? VAL B 8  ? LYS B 3  VAL B 8  
B 4 VAL B 62 ? LEU B 67 ? VAL B 62 LEU B 67 
# 
loop_
_pdbx_struct_sheet_hbond.sheet_id 
_pdbx_struct_sheet_hbond.range_id_1 
_pdbx_struct_sheet_hbond.range_id_2 
_pdbx_struct_sheet_hbond.range_1_label_atom_id 
_pdbx_struct_sheet_hbond.range_1_label_comp_id 
_pdbx_struct_sheet_hbond.range_1_label_asym_id 
_pdbx_struct_sheet_hbond.range_1_label_seq_id 
_pdbx_struct_sheet_hbond.range_1_PDB_ins_code 
_pdbx_struct_sheet_hbond.range_1_auth_atom_id 
_pdbx_struct_sheet_hbond.range_1_auth_comp_id 
_pdbx_struct_sheet_hbond.range_1_auth_asym_id 
_pdbx_struct_sheet_hbond.range_1_auth_seq_id 
_pdbx_struct_sheet_hbond.range_2_label_atom_id 
_pdbx_struct_sheet_hbond.range_2_label_comp_id 
_pdbx_struct_sheet_hbond.range_2_label_asym_id 
_pdbx_struct_sheet_hbond.range_2_label_seq_id 
_pdbx_struct_sheet_hbond.range_2_PDB_ins_code 
_pdbx_struct_sheet_hbond.range_2_auth_atom_id 
_pdbx_struct_sheet_hbond.range_2_auth_comp_id 
_pdbx_struct_sheet_hbond.range_2_auth_asym_id 
_pdbx_struct_sheet_hbond.range_2_auth_seq_id 
A 1 2 N LYS A 30 ? N LYS A 30 O GLU A 43 ? O GLU A 43 
A 2 3 O ILE A 42 ? O ILE A 42 N HIS A 4  ? N HIS A 4  
A 3 4 N SER A 7  ? N SER A 7  O SER A 63 ? O SER A 63 
B 1 2 N LYS B 30 ? N LYS B 30 O GLU B 43 ? O GLU B 43 
B 2 3 O ILE B 42 ? O ILE B 42 N HIS B 4  ? N HIS B 4  
B 3 4 N GLU B 5  ? N GLU B 5  O LEU B 65 ? O LEU B 65 
# 
loop_
_struct_site.id 
_struct_site.pdbx_evidence_code 
_struct_site.pdbx_auth_asym_id 
_struct_site.pdbx_auth_comp_id 
_struct_site.pdbx_auth_seq_id 
_struct_site.pdbx_auth_ins_code 
_struct_site.pdbx_num_residues 
_struct_site.details 
AC1 Software A CPT 69 ? 6 'BINDING SITE FOR RESIDUE CPT A 69' 
AC2 Software A SO4 71 ? 3 'BINDING SITE FOR RESIDUE SO4 A 71' 
AC3 Software B SO4 70 ? 4 'BINDING SITE FOR RESIDUE SO4 B 70' 
AC4 Software B SO4 71 ? 5 'BINDING SITE FOR RESIDUE SO4 B 71' 
# 
loop_
_struct_site_gen.id 
_struct_site_gen.site_id 
_struct_site_gen.pdbx_num_res 
_struct_site_gen.label_comp_id 
_struct_site_gen.label_asym_id 
_struct_site_gen.label_seq_id 
_struct_site_gen.pdbx_auth_ins_code 
_struct_site_gen.auth_comp_id 
_struct_site_gen.auth_asym_id 
_struct_site_gen.auth_seq_id 
_struct_site_gen.label_atom_id 
_struct_site_gen.label_alt_id 
_struct_site_gen.symmetry 
_struct_site_gen.details 
1  AC1 6 THR A 11 ? THR A 11  . ? 1_555 ? 
2  AC1 6 CYS A 12 ? CYS A 12  . ? 1_555 ? 
3  AC1 6 CYS A 15 ? CYS A 15  . ? 1_555 ? 
4  AC1 6 THR B 11 ? THR B 11  . ? 1_555 ? 
5  AC1 6 CYS B 12 ? CYS B 12  . ? 1_555 ? 
6  AC1 6 CYS B 15 ? CYS B 15  . ? 1_555 ? 
7  AC2 3 HIS A 46 ? HIS A 46  . ? 1_555 ? 
8  AC2 3 SER A 47 ? SER A 47  . ? 1_555 ? 
9  AC2 3 THR A 50 ? THR A 50  . ? 1_555 ? 
10 AC3 4 GLY B 28 ? GLY B 28  . ? 1_555 ? 
11 AC3 4 HOH H .  ? HOH B 96  . ? 1_555 ? 
12 AC3 4 HOH H .  ? HOH B 114 . ? 1_555 ? 
13 AC3 4 HOH H .  ? HOH B 126 . ? 1_555 ? 
14 AC4 5 HIS B 46 ? HIS B 46  . ? 1_555 ? 
15 AC4 5 SER B 47 ? SER B 47  . ? 1_555 ? 
16 AC4 5 THR B 50 ? THR B 50  . ? 1_555 ? 
17 AC4 5 HOH H .  ? HOH B 91  . ? 1_555 ? 
18 AC4 5 HOH H .  ? HOH B 120 . ? 1_555 ? 
# 
_pdbx_validate_close_contact.id               1 
_pdbx_validate_close_contact.PDB_model_num    1 
_pdbx_validate_close_contact.auth_atom_id_1   N 
_pdbx_validate_close_contact.auth_asym_id_1   A 
_pdbx_validate_close_contact.auth_comp_id_1   CYS 
_pdbx_validate_close_contact.auth_seq_id_1    12 
_pdbx_validate_close_contact.PDB_ins_code_1   ? 
_pdbx_validate_close_contact.label_alt_id_1   ? 
_pdbx_validate_close_contact.auth_atom_id_2   N1 
_pdbx_validate_close_contact.auth_asym_id_2   A 
_pdbx_validate_close_contact.auth_comp_id_2   CPT 
_pdbx_validate_close_contact.auth_seq_id_2    69 
_pdbx_validate_close_contact.PDB_ins_code_2   ? 
_pdbx_validate_close_contact.label_alt_id_2   ? 
_pdbx_validate_close_contact.dist             2.19 
# 
loop_
_pdbx_refine_tls.pdbx_refine_id 
_pdbx_refine_tls.id 
_pdbx_refine_tls.details 
_pdbx_refine_tls.method 
_pdbx_refine_tls.origin_x 
_pdbx_refine_tls.origin_y 
_pdbx_refine_tls.origin_z 
_pdbx_refine_tls.T[1][1] 
_pdbx_refine_tls.T[2][2] 
_pdbx_refine_tls.T[3][3] 
_pdbx_refine_tls.T[1][2] 
_pdbx_refine_tls.T[1][3] 
_pdbx_refine_tls.T[2][3] 
_pdbx_refine_tls.L[1][1] 
_pdbx_refine_tls.L[2][2] 
_pdbx_refine_tls.L[3][3] 
_pdbx_refine_tls.L[1][2] 
_pdbx_refine_tls.L[1][3] 
_pdbx_refine_tls.L[2][3] 
_pdbx_refine_tls.S[1][1] 
_pdbx_refine_tls.S[2][2] 
_pdbx_refine_tls.S[3][3] 
_pdbx_refine_tls.S[1][2] 
_pdbx_refine_tls.S[1][3] 
_pdbx_refine_tls.S[2][3] 
_pdbx_refine_tls.S[2][1] 
_pdbx_refine_tls.S[3][1] 
_pdbx_refine_tls.S[3][2] 
'X-RAY DIFFRACTION' 1 ? refined 9.1715  -4.6005 4.4851  0.0573 0.0544 0.0278 0.0240  -0.0386 -0.0110 3.9636 3.7889 4.6343 0.1709 0.5581 -0.5599 -0.0085 -0.1173 0.1257 -0.0323 0.0139 -0.1388 0.1760 -0.0607 0.0584 
'X-RAY DIFFRACTION' 2 ? refined -9.3842 5.0083  -4.5040 0.0381 0.0989 0.0260 -0.0111 0.0187  -0.0003 2.8435 4.4111 2.4293 1.7306 0.2436 -0.4418 -0.0081 0.0020  0.0061 -0.0267 0.1491 0.1102  0.0996 0.0145  0.0189  
# 
loop_
_pdbx_refine_tls_group.pdbx_refine_id 
_pdbx_refine_tls_group.id 
_pdbx_refine_tls_group.refine_tls_id 
_pdbx_refine_tls_group.beg_auth_asym_id 
_pdbx_refine_tls_group.beg_auth_seq_id 
_pdbx_refine_tls_group.end_auth_asym_id 
_pdbx_refine_tls_group.end_auth_seq_id 
_pdbx_refine_tls_group.selection_details 
_pdbx_refine_tls_group.beg_label_asym_id 
_pdbx_refine_tls_group.beg_label_seq_id 
_pdbx_refine_tls_group.end_label_asym_id 
_pdbx_refine_tls_group.end_label_seq_id 
_pdbx_refine_tls_group.selection 
'X-RAY DIFFRACTION' 1 1 A 2  A 68  ? . . . . ? 
'X-RAY DIFFRACTION' 2 1 A 69 A 71  ? . . . . ? 
'X-RAY DIFFRACTION' 3 1 A 72 A 113 ? . . . . ? 
'X-RAY DIFFRACTION' 4 2 B 2  B 68  ? . . . . ? 
'X-RAY DIFFRACTION' 5 2 B 70 B 71  ? . . . . ? 
'X-RAY DIFFRACTION' 6 2 B 72 B 134 ? . . . . ? 
# 
loop_
_pdbx_unobs_or_zero_occ_residues.id 
_pdbx_unobs_or_zero_occ_residues.PDB_model_num 
_pdbx_unobs_or_zero_occ_residues.polymer_flag 
_pdbx_unobs_or_zero_occ_residues.occupancy_flag 
_pdbx_unobs_or_zero_occ_residues.auth_asym_id 
_pdbx_unobs_or_zero_occ_residues.auth_comp_id 
_pdbx_unobs_or_zero_occ_residues.auth_seq_id 
_pdbx_unobs_or_zero_occ_residues.PDB_ins_code 
_pdbx_unobs_or_zero_occ_residues.label_asym_id 
_pdbx_unobs_or_zero_occ_residues.label_comp_id 
_pdbx_unobs_or_zero_occ_residues.label_seq_id 
1 1 Y 1 A MET 1 ? A MET 1 
2 1 Y 1 B MET 1 ? B MET 1 
# 
loop_
_chem_comp_atom.comp_id 
_chem_comp_atom.atom_id 
_chem_comp_atom.type_symbol 
_chem_comp_atom.pdbx_aromatic_flag 
_chem_comp_atom.pdbx_stereo_config 
_chem_comp_atom.pdbx_ordinal 
ALA N    N  N N 1   
ALA CA   C  N S 2   
ALA C    C  N N 3   
ALA O    O  N N 4   
ALA CB   C  N N 5   
ALA OXT  O  N N 6   
ALA H    H  N N 7   
ALA H2   H  N N 8   
ALA HA   H  N N 9   
ALA HB1  H  N N 10  
ALA HB2  H  N N 11  
ALA HB3  H  N N 12  
ALA HXT  H  N N 13  
ARG N    N  N N 14  
ARG CA   C  N S 15  
ARG C    C  N N 16  
ARG O    O  N N 17  
ARG CB   C  N N 18  
ARG CG   C  N N 19  
ARG CD   C  N N 20  
ARG NE   N  N N 21  
ARG CZ   C  N N 22  
ARG NH1  N  N N 23  
ARG NH2  N  N N 24  
ARG OXT  O  N N 25  
ARG H    H  N N 26  
ARG H2   H  N N 27  
ARG HA   H  N N 28  
ARG HB2  H  N N 29  
ARG HB3  H  N N 30  
ARG HG2  H  N N 31  
ARG HG3  H  N N 32  
ARG HD2  H  N N 33  
ARG HD3  H  N N 34  
ARG HE   H  N N 35  
ARG HH11 H  N N 36  
ARG HH12 H  N N 37  
ARG HH21 H  N N 38  
ARG HH22 H  N N 39  
ARG HXT  H  N N 40  
ASN N    N  N N 41  
ASN CA   C  N S 42  
ASN C    C  N N 43  
ASN O    O  N N 44  
ASN CB   C  N N 45  
ASN CG   C  N N 46  
ASN OD1  O  N N 47  
ASN ND2  N  N N 48  
ASN OXT  O  N N 49  
ASN H    H  N N 50  
ASN H2   H  N N 51  
ASN HA   H  N N 52  
ASN HB2  H  N N 53  
ASN HB3  H  N N 54  
ASN HD21 H  N N 55  
ASN HD22 H  N N 56  
ASN HXT  H  N N 57  
ASP N    N  N N 58  
ASP CA   C  N S 59  
ASP C    C  N N 60  
ASP O    O  N N 61  
ASP CB   C  N N 62  
ASP CG   C  N N 63  
ASP OD1  O  N N 64  
ASP OD2  O  N N 65  
ASP OXT  O  N N 66  
ASP H    H  N N 67  
ASP H2   H  N N 68  
ASP HA   H  N N 69  
ASP HB2  H  N N 70  
ASP HB3  H  N N 71  
ASP HD2  H  N N 72  
ASP HXT  H  N N 73  
CPT PT1  PT N N 74  
CPT N1   N  N N 75  
CPT N2   N  N N 76  
CPT H11  H  N N 77  
CPT H12  H  N N 78  
CPT H21  H  N N 79  
CPT H22  H  N N 80  
CPT CL2  CL N N 81  
CPT CL1  CL N N 82  
CPT H13  H  N N 83  
CPT H23  H  N N 84  
CYS N    N  N N 85  
CYS CA   C  N R 86  
CYS C    C  N N 87  
CYS O    O  N N 88  
CYS CB   C  N N 89  
CYS SG   S  N N 90  
CYS OXT  O  N N 91  
CYS H    H  N N 92  
CYS H2   H  N N 93  
CYS HA   H  N N 94  
CYS HB2  H  N N 95  
CYS HB3  H  N N 96  
CYS HG   H  N N 97  
CYS HXT  H  N N 98  
GLU N    N  N N 99  
GLU CA   C  N S 100 
GLU C    C  N N 101 
GLU O    O  N N 102 
GLU CB   C  N N 103 
GLU CG   C  N N 104 
GLU CD   C  N N 105 
GLU OE1  O  N N 106 
GLU OE2  O  N N 107 
GLU OXT  O  N N 108 
GLU H    H  N N 109 
GLU H2   H  N N 110 
GLU HA   H  N N 111 
GLU HB2  H  N N 112 
GLU HB3  H  N N 113 
GLU HG2  H  N N 114 
GLU HG3  H  N N 115 
GLU HE2  H  N N 116 
GLU HXT  H  N N 117 
GLY N    N  N N 118 
GLY CA   C  N N 119 
GLY C    C  N N 120 
GLY O    O  N N 121 
GLY OXT  O  N N 122 
GLY H    H  N N 123 
GLY H2   H  N N 124 
GLY HA2  H  N N 125 
GLY HA3  H  N N 126 
GLY HXT  H  N N 127 
HIS N    N  N N 128 
HIS CA   C  N S 129 
HIS C    C  N N 130 
HIS O    O  N N 131 
HIS CB   C  N N 132 
HIS CG   C  Y N 133 
HIS ND1  N  Y N 134 
HIS CD2  C  Y N 135 
HIS CE1  C  Y N 136 
HIS NE2  N  Y N 137 
HIS OXT  O  N N 138 
HIS H    H  N N 139 
HIS H2   H  N N 140 
HIS HA   H  N N 141 
HIS HB2  H  N N 142 
HIS HB3  H  N N 143 
HIS HD1  H  N N 144 
HIS HD2  H  N N 145 
HIS HE1  H  N N 146 
HIS HE2  H  N N 147 
HIS HXT  H  N N 148 
HOH O    O  N N 149 
HOH H1   H  N N 150 
HOH H2   H  N N 151 
ILE N    N  N N 152 
ILE CA   C  N S 153 
ILE C    C  N N 154 
ILE O    O  N N 155 
ILE CB   C  N S 156 
ILE CG1  C  N N 157 
ILE CG2  C  N N 158 
ILE CD1  C  N N 159 
ILE OXT  O  N N 160 
ILE H    H  N N 161 
ILE H2   H  N N 162 
ILE HA   H  N N 163 
ILE HB   H  N N 164 
ILE HG12 H  N N 165 
ILE HG13 H  N N 166 
ILE HG21 H  N N 167 
ILE HG22 H  N N 168 
ILE HG23 H  N N 169 
ILE HD11 H  N N 170 
ILE HD12 H  N N 171 
ILE HD13 H  N N 172 
ILE HXT  H  N N 173 
LEU N    N  N N 174 
LEU CA   C  N S 175 
LEU C    C  N N 176 
LEU O    O  N N 177 
LEU CB   C  N N 178 
LEU CG   C  N N 179 
LEU CD1  C  N N 180 
LEU CD2  C  N N 181 
LEU OXT  O  N N 182 
LEU H    H  N N 183 
LEU H2   H  N N 184 
LEU HA   H  N N 185 
LEU HB2  H  N N 186 
LEU HB3  H  N N 187 
LEU HG   H  N N 188 
LEU HD11 H  N N 189 
LEU HD12 H  N N 190 
LEU HD13 H  N N 191 
LEU HD21 H  N N 192 
LEU HD22 H  N N 193 
LEU HD23 H  N N 194 
LEU HXT  H  N N 195 
LYS N    N  N N 196 
LYS CA   C  N S 197 
LYS C    C  N N 198 
LYS O    O  N N 199 
LYS CB   C  N N 200 
LYS CG   C  N N 201 
LYS CD   C  N N 202 
LYS CE   C  N N 203 
LYS NZ   N  N N 204 
LYS OXT  O  N N 205 
LYS H    H  N N 206 
LYS H2   H  N N 207 
LYS HA   H  N N 208 
LYS HB2  H  N N 209 
LYS HB3  H  N N 210 
LYS HG2  H  N N 211 
LYS HG3  H  N N 212 
LYS HD2  H  N N 213 
LYS HD3  H  N N 214 
LYS HE2  H  N N 215 
LYS HE3  H  N N 216 
LYS HZ1  H  N N 217 
LYS HZ2  H  N N 218 
LYS HZ3  H  N N 219 
LYS HXT  H  N N 220 
MET N    N  N N 221 
MET CA   C  N S 222 
MET C    C  N N 223 
MET O    O  N N 224 
MET CB   C  N N 225 
MET CG   C  N N 226 
MET SD   S  N N 227 
MET CE   C  N N 228 
MET OXT  O  N N 229 
MET H    H  N N 230 
MET H2   H  N N 231 
MET HA   H  N N 232 
MET HB2  H  N N 233 
MET HB3  H  N N 234 
MET HG2  H  N N 235 
MET HG3  H  N N 236 
MET HE1  H  N N 237 
MET HE2  H  N N 238 
MET HE3  H  N N 239 
MET HXT  H  N N 240 
PHE N    N  N N 241 
PHE CA   C  N S 242 
PHE C    C  N N 243 
PHE O    O  N N 244 
PHE CB   C  N N 245 
PHE CG   C  Y N 246 
PHE CD1  C  Y N 247 
PHE CD2  C  Y N 248 
PHE CE1  C  Y N 249 
PHE CE2  C  Y N 250 
PHE CZ   C  Y N 251 
PHE OXT  O  N N 252 
PHE H    H  N N 253 
PHE H2   H  N N 254 
PHE HA   H  N N 255 
PHE HB2  H  N N 256 
PHE HB3  H  N N 257 
PHE HD1  H  N N 258 
PHE HD2  H  N N 259 
PHE HE1  H  N N 260 
PHE HE2  H  N N 261 
PHE HZ   H  N N 262 
PHE HXT  H  N N 263 
PRO N    N  N N 264 
PRO CA   C  N S 265 
PRO C    C  N N 266 
PRO O    O  N N 267 
PRO CB   C  N N 268 
PRO CG   C  N N 269 
PRO CD   C  N N 270 
PRO OXT  O  N N 271 
PRO H    H  N N 272 
PRO HA   H  N N 273 
PRO HB2  H  N N 274 
PRO HB3  H  N N 275 
PRO HG2  H  N N 276 
PRO HG3  H  N N 277 
PRO HD2  H  N N 278 
PRO HD3  H  N N 279 
PRO HXT  H  N N 280 
SER N    N  N N 281 
SER CA   C  N S 282 
SER C    C  N N 283 
SER O    O  N N 284 
SER CB   C  N N 285 
SER OG   O  N N 286 
SER OXT  O  N N 287 
SER H    H  N N 288 
SER H2   H  N N 289 
SER HA   H  N N 290 
SER HB2  H  N N 291 
SER HB3  H  N N 292 
SER HG   H  N N 293 
SER HXT  H  N N 294 
SO4 S    S  N N 295 
SO4 O1   O  N N 296 
SO4 O2   O  N N 297 
SO4 O3   O  N N 298 
SO4 O4   O  N N 299 
THR N    N  N N 300 
THR CA   C  N S 301 
THR C    C  N N 302 
THR O    O  N N 303 
THR CB   C  N R 304 
THR OG1  O  N N 305 
THR CG2  C  N N 306 
THR OXT  O  N N 307 
THR H    H  N N 308 
THR H2   H  N N 309 
THR HA   H  N N 310 
THR HB   H  N N 311 
THR HG1  H  N N 312 
THR HG21 H  N N 313 
THR HG22 H  N N 314 
THR HG23 H  N N 315 
THR HXT  H  N N 316 
TYR N    N  N N 317 
TYR CA   C  N S 318 
TYR C    C  N N 319 
TYR O    O  N N 320 
TYR CB   C  N N 321 
TYR CG   C  Y N 322 
TYR CD1  C  Y N 323 
TYR CD2  C  Y N 324 
TYR CE1  C  Y N 325 
TYR CE2  C  Y N 326 
TYR CZ   C  Y N 327 
TYR OH   O  N N 328 
TYR OXT  O  N N 329 
TYR H    H  N N 330 
TYR H2   H  N N 331 
TYR HA   H  N N 332 
TYR HB2  H  N N 333 
TYR HB3  H  N N 334 
TYR HD1  H  N N 335 
TYR HD2  H  N N 336 
TYR HE1  H  N N 337 
TYR HE2  H  N N 338 
TYR HH   H  N N 339 
TYR HXT  H  N N 340 
VAL N    N  N N 341 
VAL CA   C  N S 342 
VAL C    C  N N 343 
VAL O    O  N N 344 
VAL CB   C  N N 345 
VAL CG1  C  N N 346 
VAL CG2  C  N N 347 
VAL OXT  O  N N 348 
VAL H    H  N N 349 
VAL H2   H  N N 350 
VAL HA   H  N N 351 
VAL HB   H  N N 352 
VAL HG11 H  N N 353 
VAL HG12 H  N N 354 
VAL HG13 H  N N 355 
VAL HG21 H  N N 356 
VAL HG22 H  N N 357 
VAL HG23 H  N N 358 
VAL HXT  H  N N 359 
# 
loop_
_chem_comp_bond.comp_id 
_chem_comp_bond.atom_id_1 
_chem_comp_bond.atom_id_2 
_chem_comp_bond.value_order 
_chem_comp_bond.pdbx_aromatic_flag 
_chem_comp_bond.pdbx_stereo_config 
_chem_comp_bond.pdbx_ordinal 
ALA N   CA   sing N N 1   
ALA N   H    sing N N 2   
ALA N   H2   sing N N 3   
ALA CA  C    sing N N 4   
ALA CA  CB   sing N N 5   
ALA CA  HA   sing N N 6   
ALA C   O    doub N N 7   
ALA C   OXT  sing N N 8   
ALA CB  HB1  sing N N 9   
ALA CB  HB2  sing N N 10  
ALA CB  HB3  sing N N 11  
ALA OXT HXT  sing N N 12  
ARG N   CA   sing N N 13  
ARG N   H    sing N N 14  
ARG N   H2   sing N N 15  
ARG CA  C    sing N N 16  
ARG CA  CB   sing N N 17  
ARG CA  HA   sing N N 18  
ARG C   O    doub N N 19  
ARG C   OXT  sing N N 20  
ARG CB  CG   sing N N 21  
ARG CB  HB2  sing N N 22  
ARG CB  HB3  sing N N 23  
ARG CG  CD   sing N N 24  
ARG CG  HG2  sing N N 25  
ARG CG  HG3  sing N N 26  
ARG CD  NE   sing N N 27  
ARG CD  HD2  sing N N 28  
ARG CD  HD3  sing N N 29  
ARG NE  CZ   sing N N 30  
ARG NE  HE   sing N N 31  
ARG CZ  NH1  sing N N 32  
ARG CZ  NH2  doub N N 33  
ARG NH1 HH11 sing N N 34  
ARG NH1 HH12 sing N N 35  
ARG NH2 HH21 sing N N 36  
ARG NH2 HH22 sing N N 37  
ARG OXT HXT  sing N N 38  
ASN N   CA   sing N N 39  
ASN N   H    sing N N 40  
ASN N   H2   sing N N 41  
ASN CA  C    sing N N 42  
ASN CA  CB   sing N N 43  
ASN CA  HA   sing N N 44  
ASN C   O    doub N N 45  
ASN C   OXT  sing N N 46  
ASN CB  CG   sing N N 47  
ASN CB  HB2  sing N N 48  
ASN CB  HB3  sing N N 49  
ASN CG  OD1  doub N N 50  
ASN CG  ND2  sing N N 51  
ASN ND2 HD21 sing N N 52  
ASN ND2 HD22 sing N N 53  
ASN OXT HXT  sing N N 54  
ASP N   CA   sing N N 55  
ASP N   H    sing N N 56  
ASP N   H2   sing N N 57  
ASP CA  C    sing N N 58  
ASP CA  CB   sing N N 59  
ASP CA  HA   sing N N 60  
ASP C   O    doub N N 61  
ASP C   OXT  sing N N 62  
ASP CB  CG   sing N N 63  
ASP CB  HB2  sing N N 64  
ASP CB  HB3  sing N N 65  
ASP CG  OD1  doub N N 66  
ASP CG  OD2  sing N N 67  
ASP OD2 HD2  sing N N 68  
ASP OXT HXT  sing N N 69  
CPT PT1 N1   sing N N 70  
CPT PT1 N2   sing N N 71  
CPT N1  H11  sing N N 72  
CPT N1  H12  sing N N 73  
CPT N1  H13  sing N N 74  
CPT N2  H21  sing N N 75  
CPT N2  H22  sing N N 76  
CPT N2  H23  sing N N 77  
CPT CL2 PT1  sing N N 78  
CPT CL1 PT1  sing N N 79  
CYS N   CA   sing N N 80  
CYS N   H    sing N N 81  
CYS N   H2   sing N N 82  
CYS CA  C    sing N N 83  
CYS CA  CB   sing N N 84  
CYS CA  HA   sing N N 85  
CYS C   O    doub N N 86  
CYS C   OXT  sing N N 87  
CYS CB  SG   sing N N 88  
CYS CB  HB2  sing N N 89  
CYS CB  HB3  sing N N 90  
CYS SG  HG   sing N N 91  
CYS OXT HXT  sing N N 92  
GLU N   CA   sing N N 93  
GLU N   H    sing N N 94  
GLU N   H2   sing N N 95  
GLU CA  C    sing N N 96  
GLU CA  CB   sing N N 97  
GLU CA  HA   sing N N 98  
GLU C   O    doub N N 99  
GLU C   OXT  sing N N 100 
GLU CB  CG   sing N N 101 
GLU CB  HB2  sing N N 102 
GLU CB  HB3  sing N N 103 
GLU CG  CD   sing N N 104 
GLU CG  HG2  sing N N 105 
GLU CG  HG3  sing N N 106 
GLU CD  OE1  doub N N 107 
GLU CD  OE2  sing N N 108 
GLU OE2 HE2  sing N N 109 
GLU OXT HXT  sing N N 110 
GLY N   CA   sing N N 111 
GLY N   H    sing N N 112 
GLY N   H2   sing N N 113 
GLY CA  C    sing N N 114 
GLY CA  HA2  sing N N 115 
GLY CA  HA3  sing N N 116 
GLY C   O    doub N N 117 
GLY C   OXT  sing N N 118 
GLY OXT HXT  sing N N 119 
HIS N   CA   sing N N 120 
HIS N   H    sing N N 121 
HIS N   H2   sing N N 122 
HIS CA  C    sing N N 123 
HIS CA  CB   sing N N 124 
HIS CA  HA   sing N N 125 
HIS C   O    doub N N 126 
HIS C   OXT  sing N N 127 
HIS CB  CG   sing N N 128 
HIS CB  HB2  sing N N 129 
HIS CB  HB3  sing N N 130 
HIS CG  ND1  sing Y N 131 
HIS CG  CD2  doub Y N 132 
HIS ND1 CE1  doub Y N 133 
HIS ND1 HD1  sing N N 134 
HIS CD2 NE2  sing Y N 135 
HIS CD2 HD2  sing N N 136 
HIS CE1 NE2  sing Y N 137 
HIS CE1 HE1  sing N N 138 
HIS NE2 HE2  sing N N 139 
HIS OXT HXT  sing N N 140 
HOH O   H1   sing N N 141 
HOH O   H2   sing N N 142 
ILE N   CA   sing N N 143 
ILE N   H    sing N N 144 
ILE N   H2   sing N N 145 
ILE CA  C    sing N N 146 
ILE CA  CB   sing N N 147 
ILE CA  HA   sing N N 148 
ILE C   O    doub N N 149 
ILE C   OXT  sing N N 150 
ILE CB  CG1  sing N N 151 
ILE CB  CG2  sing N N 152 
ILE CB  HB   sing N N 153 
ILE CG1 CD1  sing N N 154 
ILE CG1 HG12 sing N N 155 
ILE CG1 HG13 sing N N 156 
ILE CG2 HG21 sing N N 157 
ILE CG2 HG22 sing N N 158 
ILE CG2 HG23 sing N N 159 
ILE CD1 HD11 sing N N 160 
ILE CD1 HD12 sing N N 161 
ILE CD1 HD13 sing N N 162 
ILE OXT HXT  sing N N 163 
LEU N   CA   sing N N 164 
LEU N   H    sing N N 165 
LEU N   H2   sing N N 166 
LEU CA  C    sing N N 167 
LEU CA  CB   sing N N 168 
LEU CA  HA   sing N N 169 
LEU C   O    doub N N 170 
LEU C   OXT  sing N N 171 
LEU CB  CG   sing N N 172 
LEU CB  HB2  sing N N 173 
LEU CB  HB3  sing N N 174 
LEU CG  CD1  sing N N 175 
LEU CG  CD2  sing N N 176 
LEU CG  HG   sing N N 177 
LEU CD1 HD11 sing N N 178 
LEU CD1 HD12 sing N N 179 
LEU CD1 HD13 sing N N 180 
LEU CD2 HD21 sing N N 181 
LEU CD2 HD22 sing N N 182 
LEU CD2 HD23 sing N N 183 
LEU OXT HXT  sing N N 184 
LYS N   CA   sing N N 185 
LYS N   H    sing N N 186 
LYS N   H2   sing N N 187 
LYS CA  C    sing N N 188 
LYS CA  CB   sing N N 189 
LYS CA  HA   sing N N 190 
LYS C   O    doub N N 191 
LYS C   OXT  sing N N 192 
LYS CB  CG   sing N N 193 
LYS CB  HB2  sing N N 194 
LYS CB  HB3  sing N N 195 
LYS CG  CD   sing N N 196 
LYS CG  HG2  sing N N 197 
LYS CG  HG3  sing N N 198 
LYS CD  CE   sing N N 199 
LYS CD  HD2  sing N N 200 
LYS CD  HD3  sing N N 201 
LYS CE  NZ   sing N N 202 
LYS CE  HE2  sing N N 203 
LYS CE  HE3  sing N N 204 
LYS NZ  HZ1  sing N N 205 
LYS NZ  HZ2  sing N N 206 
LYS NZ  HZ3  sing N N 207 
LYS OXT HXT  sing N N 208 
MET N   CA   sing N N 209 
MET N   H    sing N N 210 
MET N   H2   sing N N 211 
MET CA  C    sing N N 212 
MET CA  CB   sing N N 213 
MET CA  HA   sing N N 214 
MET C   O    doub N N 215 
MET C   OXT  sing N N 216 
MET CB  CG   sing N N 217 
MET CB  HB2  sing N N 218 
MET CB  HB3  sing N N 219 
MET CG  SD   sing N N 220 
MET CG  HG2  sing N N 221 
MET CG  HG3  sing N N 222 
MET SD  CE   sing N N 223 
MET CE  HE1  sing N N 224 
MET CE  HE2  sing N N 225 
MET CE  HE3  sing N N 226 
MET OXT HXT  sing N N 227 
PHE N   CA   sing N N 228 
PHE N   H    sing N N 229 
PHE N   H2   sing N N 230 
PHE CA  C    sing N N 231 
PHE CA  CB   sing N N 232 
PHE CA  HA   sing N N 233 
PHE C   O    doub N N 234 
PHE C   OXT  sing N N 235 
PHE CB  CG   sing N N 236 
PHE CB  HB2  sing N N 237 
PHE CB  HB3  sing N N 238 
PHE CG  CD1  doub Y N 239 
PHE CG  CD2  sing Y N 240 
PHE CD1 CE1  sing Y N 241 
PHE CD1 HD1  sing N N 242 
PHE CD2 CE2  doub Y N 243 
PHE CD2 HD2  sing N N 244 
PHE CE1 CZ   doub Y N 245 
PHE CE1 HE1  sing N N 246 
PHE CE2 CZ   sing Y N 247 
PHE CE2 HE2  sing N N 248 
PHE CZ  HZ   sing N N 249 
PHE OXT HXT  sing N N 250 
PRO N   CA   sing N N 251 
PRO N   CD   sing N N 252 
PRO N   H    sing N N 253 
PRO CA  C    sing N N 254 
PRO CA  CB   sing N N 255 
PRO CA  HA   sing N N 256 
PRO C   O    doub N N 257 
PRO C   OXT  sing N N 258 
PRO CB  CG   sing N N 259 
PRO CB  HB2  sing N N 260 
PRO CB  HB3  sing N N 261 
PRO CG  CD   sing N N 262 
PRO CG  HG2  sing N N 263 
PRO CG  HG3  sing N N 264 
PRO CD  HD2  sing N N 265 
PRO CD  HD3  sing N N 266 
PRO OXT HXT  sing N N 267 
SER N   CA   sing N N 268 
SER N   H    sing N N 269 
SER N   H2   sing N N 270 
SER CA  C    sing N N 271 
SER CA  CB   sing N N 272 
SER CA  HA   sing N N 273 
SER C   O    doub N N 274 
SER C   OXT  sing N N 275 
SER CB  OG   sing N N 276 
SER CB  HB2  sing N N 277 
SER CB  HB3  sing N N 278 
SER OG  HG   sing N N 279 
SER OXT HXT  sing N N 280 
SO4 S   O1   doub N N 281 
SO4 S   O2   doub N N 282 
SO4 S   O3   sing N N 283 
SO4 S   O4   sing N N 284 
THR N   CA   sing N N 285 
THR N   H    sing N N 286 
THR N   H2   sing N N 287 
THR CA  C    sing N N 288 
THR CA  CB   sing N N 289 
THR CA  HA   sing N N 290 
THR C   O    doub N N 291 
THR C   OXT  sing N N 292 
THR CB  OG1  sing N N 293 
THR CB  CG2  sing N N 294 
THR CB  HB   sing N N 295 
THR OG1 HG1  sing N N 296 
THR CG2 HG21 sing N N 297 
THR CG2 HG22 sing N N 298 
THR CG2 HG23 sing N N 299 
THR OXT HXT  sing N N 300 
TYR N   CA   sing N N 301 
TYR N   H    sing N N 302 
TYR N   H2   sing N N 303 
TYR CA  C    sing N N 304 
TYR CA  CB   sing N N 305 
TYR CA  HA   sing N N 306 
TYR C   O    doub N N 307 
TYR C   OXT  sing N N 308 
TYR CB  CG   sing N N 309 
TYR CB  HB2  sing N N 310 
TYR CB  HB3  sing N N 311 
TYR CG  CD1  doub Y N 312 
TYR CG  CD2  sing Y N 313 
TYR CD1 CE1  sing Y N 314 
TYR CD1 HD1  sing N N 315 
TYR CD2 CE2  doub Y N 316 
TYR CD2 HD2  sing N N 317 
TYR CE1 CZ   doub Y N 318 
TYR CE1 HE1  sing N N 319 
TYR CE2 CZ   sing Y N 320 
TYR CE2 HE2  sing N N 321 
TYR CZ  OH   sing N N 322 
TYR OH  HH   sing N N 323 
TYR OXT HXT  sing N N 324 
VAL N   CA   sing N N 325 
VAL N   H    sing N N 326 
VAL N   H2   sing N N 327 
VAL CA  C    sing N N 328 
VAL CA  CB   sing N N 329 
VAL CA  HA   sing N N 330 
VAL C   O    doub N N 331 
VAL C   OXT  sing N N 332 
VAL CB  CG1  sing N N 333 
VAL CB  CG2  sing N N 334 
VAL CB  HB   sing N N 335 
VAL CG1 HG11 sing N N 336 
VAL CG1 HG12 sing N N 337 
VAL CG1 HG13 sing N N 338 
VAL CG2 HG21 sing N N 339 
VAL CG2 HG22 sing N N 340 
VAL CG2 HG23 sing N N 341 
VAL OXT HXT  sing N N 342 
# 
_atom_sites.entry_id                    3IWX 
_atom_sites.fract_transf_matrix[1][1]   -0.00353067 
_atom_sites.fract_transf_matrix[1][2]   0.01218892 
_atom_sites.fract_transf_matrix[1][3]   0.00751696 
_atom_sites.fract_transf_matrix[2][1]   0.00773749 
_atom_sites.fract_transf_matrix[2][2]   0.00378106 
_atom_sites.fract_transf_matrix[2][3]   0.01197363 
_atom_sites.fract_transf_matrix[3][1]   0.01148105 
_atom_sites.fract_transf_matrix[3][2]   0.00981187 
_atom_sites.fract_transf_matrix[3][3]   -0.01051760 
_atom_sites.fract_transf_vector[1]      0.319639 
_atom_sites.fract_transf_vector[2]      -0.136482 
_atom_sites.fract_transf_vector[3]      0.069887 
# 
loop_
_atom_type.symbol 
C  
N  
O  
PT 
S  
# 
loop_
_atom_site.group_PDB 
_atom_site.id 
_atom_site.type_symbol 
_atom_site.label_atom_id 
_atom_site.label_alt_id 
_atom_site.label_comp_id 
_atom_site.label_asym_id 
_atom_site.label_entity_id 
_atom_site.label_seq_id 
_atom_site.pdbx_PDB_ins_code 
_atom_site.Cartn_x 
_atom_site.Cartn_y 
_atom_site.Cartn_z 
_atom_site.occupancy 
_atom_site.B_iso_or_equiv 
_atom_site.pdbx_formal_charge 
_atom_site.auth_seq_id 
_atom_site.auth_comp_id 
_atom_site.auth_asym_id 
_atom_site.auth_atom_id 
_atom_site.pdbx_PDB_model_num 
ATOM   1    N  N   . PRO A 1 2  ? 21.575  -3.496  11.281  1.00 26.23  ? 2   PRO A N   1 
ATOM   2    C  CA  . PRO A 1 2  ? 20.458  -4.274  11.803  1.00 25.93  ? 2   PRO A CA  1 
ATOM   3    C  C   . PRO A 1 2  ? 19.554  -4.798  10.683  1.00 25.75  ? 2   PRO A C   1 
ATOM   4    O  O   . PRO A 1 2  ? 19.017  -4.017  9.892   1.00 25.32  ? 2   PRO A O   1 
ATOM   5    C  CB  . PRO A 1 2  ? 19.689  -3.260  12.669  1.00 26.08  ? 2   PRO A CB  1 
ATOM   6    C  CG  . PRO A 1 2  ? 20.522  -1.994  12.700  1.00 26.17  ? 2   PRO A CG  1 
ATOM   7    C  CD  . PRO A 1 2  ? 21.862  -2.320  12.116  1.00 26.46  ? 2   PRO A CD  1 
ATOM   8    N  N   . LYS A 1 3  ? 19.403  -6.117  10.630  1.00 25.72  ? 3   LYS A N   1 
ATOM   9    C  CA  . LYS A 1 3  ? 18.531  -6.777  9.668   1.00 25.53  ? 3   LYS A CA  1 
ATOM   10   C  C   . LYS A 1 3  ? 17.189  -7.120  10.323  1.00 25.07  ? 3   LYS A C   1 
ATOM   11   O  O   . LYS A 1 3  ? 17.109  -8.041  11.139  1.00 24.54  ? 3   LYS A O   1 
ATOM   12   C  CB  . LYS A 1 3  ? 19.215  -8.042  9.136   1.00 25.61  ? 3   LYS A CB  1 
ATOM   13   C  CG  . LYS A 1 3  ? 18.427  -8.779  8.055   1.00 27.52  ? 3   LYS A CG  1 
ATOM   14   C  CD  . LYS A 1 3  ? 19.128  -10.077 7.648   1.00 29.96  ? 3   LYS A CD  1 
ATOM   15   C  CE  . LYS A 1 3  ? 18.281  -10.850 6.637   1.00 31.50  ? 3   LYS A CE  1 
ATOM   16   N  NZ  . LYS A 1 3  ? 18.948  -12.118 6.208   1.00 33.19  ? 3   LYS A NZ  1 
ATOM   17   N  N   . HIS A 1 4  ? 16.145  -6.381  9.956   1.00 24.78  ? 4   HIS A N   1 
ATOM   18   C  CA  . HIS A 1 4  ? 14.800  -6.585  10.491  1.00 24.41  ? 4   HIS A CA  1 
ATOM   19   C  C   . HIS A 1 4  ? 14.014  -7.530  9.597   1.00 24.61  ? 4   HIS A C   1 
ATOM   20   O  O   . HIS A 1 4  ? 14.062  -7.417  8.369   1.00 24.82  ? 4   HIS A O   1 
ATOM   21   C  CB  . HIS A 1 4  ? 14.038  -5.256  10.584  1.00 24.46  ? 4   HIS A CB  1 
ATOM   22   C  CG  . HIS A 1 4  ? 14.651  -4.260  11.524  1.00 24.43  ? 4   HIS A CG  1 
ATOM   23   N  ND1 . HIS A 1 4  ? 14.312  -4.188  12.860  1.00 23.91  ? 4   HIS A ND1 1 
ATOM   24   C  CD2 . HIS A 1 4  ? 15.573  -3.290  11.318  1.00 24.14  ? 4   HIS A CD2 1 
ATOM   25   C  CE1 . HIS A 1 4  ? 14.998  -3.217  13.436  1.00 24.53  ? 4   HIS A CE1 1 
ATOM   26   N  NE2 . HIS A 1 4  ? 15.770  -2.656  12.521  1.00 25.05  ? 4   HIS A NE2 1 
ATOM   27   N  N   . GLU A 1 5  ? 13.269  -8.440  10.217  1.00 24.28  ? 5   GLU A N   1 
ATOM   28   C  CA  . GLU A 1 5  ? 12.437  -9.379  9.482   1.00 24.52  ? 5   GLU A CA  1 
ATOM   29   C  C   . GLU A 1 5  ? 10.957  -9.136  9.770   1.00 24.03  ? 5   GLU A C   1 
ATOM   30   O  O   . GLU A 1 5  ? 10.549  -9.069  10.934  1.00 23.82  ? 5   GLU A O   1 
ATOM   31   C  CB  . GLU A 1 5  ? 12.829  -10.822 9.816   1.00 24.87  ? 5   GLU A CB  1 
ATOM   32   C  CG  . GLU A 1 5  ? 12.043  -11.842 9.009   1.00 28.19  ? 5   GLU A CG  1 
ATOM   33   C  CD  . GLU A 1 5  ? 12.580  -13.260 9.134   1.00 31.13  ? 5   GLU A CD  1 
ATOM   34   O  OE1 . GLU A 1 5  ? 13.215  -13.579 10.161  1.00 31.48  ? 5   GLU A OE1 1 
ATOM   35   O  OE2 . GLU A 1 5  ? 12.350  -14.054 8.194   1.00 33.22  ? 5   GLU A OE2 1 
ATOM   36   N  N   . PHE A 1 6  ? 10.167  -8.996  8.704   1.00 23.41  ? 6   PHE A N   1 
ATOM   37   C  CA  . PHE A 1 6  ? 8.730   -8.751  8.809   1.00 23.23  ? 6   PHE A CA  1 
ATOM   38   C  C   . PHE A 1 6  ? 7.913   -9.790  8.043   1.00 23.37  ? 6   PHE A C   1 
ATOM   39   O  O   . PHE A 1 6  ? 8.302   -10.233 6.955   1.00 23.23  ? 6   PHE A O   1 
ATOM   40   C  CB  . PHE A 1 6  ? 8.357   -7.378  8.232   1.00 22.97  ? 6   PHE A CB  1 
ATOM   41   C  CG  . PHE A 1 6  ? 8.872   -6.210  9.026   1.00 23.23  ? 6   PHE A CG  1 
ATOM   42   C  CD1 . PHE A 1 6  ? 10.138  -5.687  8.779   1.00 24.37  ? 6   PHE A CD1 1 
ATOM   43   C  CD2 . PHE A 1 6  ? 8.075   -5.615  9.993   1.00 23.25  ? 6   PHE A CD2 1 
ATOM   44   C  CE1 . PHE A 1 6  ? 10.616  -4.591  9.502   1.00 25.04  ? 6   PHE A CE1 1 
ATOM   45   C  CE2 . PHE A 1 6  ? 8.533   -4.514  10.719  1.00 25.02  ? 6   PHE A CE2 1 
ATOM   46   C  CZ  . PHE A 1 6  ? 9.810   -4.003  10.480  1.00 24.87  ? 6   PHE A CZ  1 
ATOM   47   N  N   . SER A 1 7  ? 6.758   -10.134 8.603   1.00 22.99  ? 7   SER A N   1 
ATOM   48   C  CA  . SER A 1 7  ? 5.735   -10.850 7.867   1.00 23.33  ? 7   SER A CA  1 
ATOM   49   C  C   . SER A 1 7  ? 4.837   -9.826  7.178   1.00 23.26  ? 7   SER A C   1 
ATOM   50   O  O   . SER A 1 7  ? 4.348   -8.898  7.822   1.00 23.57  ? 7   SER A O   1 
ATOM   51   C  CB  . SER A 1 7  ? 4.912   -11.714 8.813   1.00 23.28  ? 7   SER A CB  1 
ATOM   52   O  OG  . SER A 1 7  ? 3.976   -12.470 8.081   1.00 24.75  ? 7   SER A OG  1 
ATOM   53   N  N   . VAL A 1 8  ? 4.655   -9.966  5.869   1.00 22.93  ? 8   VAL A N   1 
ATOM   54   C  CA  . VAL A 1 8  ? 3.747   -9.086  5.135   1.00 22.93  ? 8   VAL A CA  1 
ATOM   55   C  C   . VAL A 1 8  ? 2.835   -9.949  4.273   1.00 23.43  ? 8   VAL A C   1 
ATOM   56   O  O   . VAL A 1 8  ? 3.303   -10.799 3.504   1.00 22.83  ? 8   VAL A O   1 
ATOM   57   C  CB  . VAL A 1 8  ? 4.489   -8.042  4.240   1.00 22.75  ? 8   VAL A CB  1 
ATOM   58   C  CG1 . VAL A 1 8  ? 3.490   -7.125  3.536   1.00 22.01  ? 8   VAL A CG1 1 
ATOM   59   C  CG2 . VAL A 1 8  ? 5.482   -7.212  5.057   1.00 21.52  ? 8   VAL A CG2 1 
ATOM   60   N  N   . ASP A 1 9  ? 1.533   -9.722  4.408   1.00 23.86  ? 9   ASP A N   1 
ATOM   61   C  CA  . ASP A 1 9  ? 0.533   -10.549 3.748   1.00 25.01  ? 9   ASP A CA  1 
ATOM   62   C  C   . ASP A 1 9  ? 0.395   -10.278 2.229   1.00 25.19  ? 9   ASP A C   1 
ATOM   63   O  O   . ASP A 1 9  ? -0.680  -9.897  1.745   1.00 26.22  ? 9   ASP A O   1 
ATOM   64   C  CB  . ASP A 1 9  ? -0.801  -10.400 4.490   1.00 25.24  ? 9   ASP A CB  1 
ATOM   65   C  CG  . ASP A 1 9  ? -1.925  -11.169 3.841   1.00 28.10  ? 9   ASP A CG  1 
ATOM   66   O  OD1 . ASP A 1 9  ? -1.655  -12.241 3.233   1.00 29.75  ? 9   ASP A OD1 1 
ATOM   67   O  OD2 . ASP A 1 9  ? -3.084  -10.683 3.932   1.00 28.91  ? 9   ASP A OD2 1 
ATOM   68   N  N   . MET A 1 10 ? 1.470   -10.521 1.480   1.00 24.51  ? 10  MET A N   1 
ATOM   69   C  CA  . MET A 1 10 ? 1.475   -10.353 0.023   1.00 23.83  ? 10  MET A CA  1 
ATOM   70   C  C   . MET A 1 10 ? 0.932   -11.605 -0.669  1.00 24.10  ? 10  MET A C   1 
ATOM   71   O  O   . MET A 1 10 ? 1.355   -12.728 -0.374  1.00 23.62  ? 10  MET A O   1 
ATOM   72   C  CB  . MET A 1 10 ? 2.896   -10.059 -0.478  1.00 23.91  ? 10  MET A CB  1 
ATOM   73   C  CG  . MET A 1 10 ? 3.609   -8.926  0.256   1.00 22.50  ? 10  MET A CG  1 
ATOM   74   S  SD  . MET A 1 10 ? 5.406   -8.914  -0.010  1.00 23.43  ? 10  MET A SD  1 
ATOM   75   C  CE  . MET A 1 10 ? 5.924   -10.335 0.957   1.00 21.67  ? 10  MET A CE  1 
ATOM   76   N  N   . THR A 1 11 ? 0.002   -11.404 -1.602  1.00 23.89  ? 11  THR A N   1 
ATOM   77   C  CA  . THR A 1 11 ? -0.690  -12.520 -2.240  1.00 23.88  ? 11  THR A CA  1 
ATOM   78   C  C   . THR A 1 11 ? -0.540  -12.533 -3.763  1.00 23.90  ? 11  THR A C   1 
ATOM   79   O  O   . THR A 1 11 ? -1.137  -13.366 -4.434  1.00 23.93  ? 11  THR A O   1 
ATOM   80   C  CB  . THR A 1 11 ? -2.193  -12.580 -1.810  1.00 24.07  ? 11  THR A CB  1 
ATOM   81   O  OG1 . THR A 1 11 ? -2.757  -11.263 -1.833  1.00 23.98  ? 11  THR A OG1 1 
ATOM   82   C  CG2 . THR A 1 11 ? -2.332  -13.144 -0.386  1.00 23.31  ? 11  THR A CG2 1 
ATOM   83   N  N   . CYS A 1 12 ? 0.263   -11.614 -4.305  1.00 23.78  ? 12  CYS A N   1 
ATOM   84   C  CA  . CYS A 1 12 ? 0.564   -11.596 -5.742  1.00 23.38  ? 12  CYS A CA  1 
ATOM   85   C  C   . CYS A 1 12 ? 1.818   -10.775 -6.012  1.00 22.70  ? 12  CYS A C   1 
ATOM   86   O  O   . CYS A 1 12 ? 2.308   -10.069 -5.125  1.00 22.05  ? 12  CYS A O   1 
ATOM   87   C  CB  . CYS A 1 12 ? -0.617  -11.048 -6.567  1.00 23.87  ? 12  CYS A CB  1 
ATOM   88   S  SG  . CYS A 1 12 ? -0.647  -9.229  -6.776  1.00 25.98  ? 12  CYS A SG  1 
ATOM   89   N  N   . GLY A 1 13 ? 2.320   -10.853 -7.243  1.00 22.06  ? 13  GLY A N   1 
ATOM   90   C  CA  . GLY A 1 13 ? 3.499   -10.081 -7.649  1.00 21.72  ? 13  GLY A CA  1 
ATOM   91   C  C   . GLY A 1 13 ? 3.347   -8.578  -7.416  1.00 21.23  ? 13  GLY A C   1 
ATOM   92   O  O   . GLY A 1 13 ? 4.280   -7.922  -6.970  1.00 20.63  ? 13  GLY A O   1 
ATOM   93   N  N   . GLY A 1 14 ? 2.169   -8.041  -7.738  1.00 20.80  ? 14  GLY A N   1 
ATOM   94   C  CA  . GLY A 1 14 ? 1.847   -6.632  -7.491  1.00 21.12  ? 14  GLY A CA  1 
ATOM   95   C  C   . GLY A 1 14 ? 1.995   -6.225  -6.031  1.00 21.23  ? 14  GLY A C   1 
ATOM   96   O  O   . GLY A 1 14 ? 2.514   -5.152  -5.748  1.00 20.93  ? 14  GLY A O   1 
ATOM   97   N  N   . CYS A 1 15 ? 1.540   -7.080  -5.109  1.00 21.44  ? 15  CYS A N   1 
ATOM   98   C  CA  . CYS A 1 15 ? 1.662   -6.818  -3.670  1.00 22.17  ? 15  CYS A CA  1 
ATOM   99   C  C   . CYS A 1 15 ? 3.133   -6.667  -3.276  1.00 22.62  ? 15  CYS A C   1 
ATOM   100  O  O   . CYS A 1 15 ? 3.482   -5.798  -2.464  1.00 22.74  ? 15  CYS A O   1 
ATOM   101  C  CB  . CYS A 1 15 ? 1.009   -7.935  -2.840  1.00 21.70  ? 15  CYS A CB  1 
ATOM   102  S  SG  . CYS A 1 15 ? -0.806  -8.066  -2.935  1.00 24.41  ? 15  CYS A SG  1 
ATOM   103  N  N   . ALA A 1 16 ? 3.989   -7.508  -3.863  1.00 22.65  ? 16  ALA A N   1 
ATOM   104  C  CA  . ALA A 1 16 ? 5.429   -7.457  -3.609  1.00 22.98  ? 16  ALA A CA  1 
ATOM   105  C  C   . ALA A 1 16 ? 6.067   -6.169  -4.119  1.00 23.14  ? 16  ALA A C   1 
ATOM   106  O  O   . ALA A 1 16 ? 6.874   -5.548  -3.418  1.00 23.15  ? 16  ALA A O   1 
ATOM   107  C  CB  . ALA A 1 16 ? 6.137   -8.685  -4.213  1.00 23.10  ? 16  ALA A CB  1 
ATOM   108  N  N   . GLU A 1 17 ? 5.688   -5.756  -5.327  1.00 23.06  ? 17  GLU A N   1 
ATOM   109  C  CA  . GLU A 1 17 ? 6.261   -4.555  -5.929  1.00 23.35  ? 17  GLU A CA  1 
ATOM   110  C  C   . GLU A 1 17 ? 5.848   -3.294  -5.177  1.00 23.43  ? 17  GLU A C   1 
ATOM   111  O  O   . GLU A 1 17 ? 6.638   -2.345  -5.069  1.00 23.47  ? 17  GLU A O   1 
ATOM   112  C  CB  . GLU A 1 17 ? 5.881   -4.453  -7.412  1.00 23.52  ? 17  GLU A CB  1 
ATOM   113  C  CG  . GLU A 1 17 ? 6.901   -3.691  -8.251  1.00 24.96  ? 17  GLU A CG  1 
ATOM   114  C  CD  . GLU A 1 17 ? 6.549   -3.632  -9.731  1.00 26.45  ? 17  GLU A CD  1 
ATOM   115  O  OE1 . GLU A 1 17 ? 5.343   -3.627  -10.071 1.00 26.70  ? 17  GLU A OE1 1 
ATOM   116  O  OE2 . GLU A 1 17 ? 7.488   -3.573  -10.560 1.00 27.49  ? 17  GLU A OE2 1 
ATOM   117  N  N   . ALA A 1 18 ? 4.624   -3.290  -4.649  1.00 23.31  ? 18  ALA A N   1 
ATOM   118  C  CA  . ALA A 1 18 ? 4.115   -2.161  -3.856  1.00 23.15  ? 18  ALA A CA  1 
ATOM   119  C  C   . ALA A 1 18 ? 4.917   -1.985  -2.575  1.00 23.38  ? 18  ALA A C   1 
ATOM   120  O  O   . ALA A 1 18 ? 5.197   -0.856  -2.162  1.00 23.67  ? 18  ALA A O   1 
ATOM   121  C  CB  . ALA A 1 18 ? 2.645   -2.346  -3.538  1.00 23.29  ? 18  ALA A CB  1 
ATOM   122  N  N   . VAL A 1 19 ? 5.296   -3.103  -1.953  1.00 22.97  ? 19  VAL A N   1 
ATOM   123  C  CA  . VAL A 1 19 ? 6.166   -3.067  -0.777  1.00 22.97  ? 19  VAL A CA  1 
ATOM   124  C  C   . VAL A 1 19 ? 7.510   -2.423  -1.111  1.00 22.81  ? 19  VAL A C   1 
ATOM   125  O  O   . VAL A 1 19 ? 7.990   -1.561  -0.377  1.00 22.00  ? 19  VAL A O   1 
ATOM   126  C  CB  . VAL A 1 19 ? 6.384   -4.477  -0.172  1.00 22.90  ? 19  VAL A CB  1 
ATOM   127  C  CG1 . VAL A 1 19 ? 7.507   -4.455  0.844   1.00 23.66  ? 19  VAL A CG1 1 
ATOM   128  C  CG2 . VAL A 1 19 ? 5.090   -4.975  0.466   1.00 23.24  ? 19  VAL A CG2 1 
ATOM   129  N  N   . SER A 1 20 ? 8.102   -2.841  -2.230  1.00 23.08  ? 20  SER A N   1 
ATOM   130  C  CA  . SER A 1 20 ? 9.374   -2.282  -2.671  1.00 23.28  ? 20  SER A CA  1 
ATOM   131  C  C   . SER A 1 20 ? 9.284   -0.771  -2.922  1.00 22.77  ? 20  SER A C   1 
ATOM   132  O  O   . SER A 1 20 ? 10.220  -0.043  -2.615  1.00 23.26  ? 20  SER A O   1 
ATOM   133  C  CB  . SER A 1 20 ? 9.898   -3.010  -3.912  1.00 23.15  ? 20  SER A CB  1 
ATOM   134  O  OG  . SER A 1 20 ? 9.199   -2.615  -5.070  1.00 24.43  ? 20  SER A OG  1 
ATOM   135  N  N   . ARG A 1 21 ? 8.154   -0.306  -3.450  1.00 22.32  ? 21  ARG A N   1 
ATOM   136  C  CA  . ARG A 1 21 ? 7.991   1.118   -3.751  1.00 22.13  ? 21  ARG A CA  1 
ATOM   137  C  C   . ARG A 1 21 ? 7.909   2.006   -2.512  1.00 21.45  ? 21  ARG A C   1 
ATOM   138  O  O   . ARG A 1 21 ? 8.495   3.096   -2.489  1.00 20.93  ? 21  ARG A O   1 
ATOM   139  C  CB  . ARG A 1 21 ? 6.798   1.364   -4.675  1.00 22.15  ? 21  ARG A CB  1 
ATOM   140  C  CG  . ARG A 1 21 ? 7.073   0.951   -6.114  1.00 25.04  ? 21  ARG A CG  1 
ATOM   141  C  CD  . ARG A 1 21 ? 5.888   1.236   -6.995  1.00 27.95  ? 21  ARG A CD  1 
ATOM   142  N  NE  . ARG A 1 21 ? 6.030   0.615   -8.303  1.00 31.75  ? 21  ARG A NE  1 
ATOM   143  C  CZ  . ARG A 1 21 ? 5.010   0.193   -9.047  1.00 33.17  ? 21  ARG A CZ  1 
ATOM   144  N  NH1 . ARG A 1 21 ? 3.761   0.307   -8.595  1.00 33.33  ? 21  ARG A NH1 1 
ATOM   145  N  NH2 . ARG A 1 21 ? 5.240   -0.359  -10.237 1.00 33.64  ? 21  ARG A NH2 1 
ATOM   146  N  N   . VAL A 1 22 ? 7.204   1.547   -1.478  1.00 20.76  ? 22  VAL A N   1 
ATOM   147  C  CA  . VAL A 1 22 ? 7.130   2.337   -0.241  1.00 20.99  ? 22  VAL A CA  1 
ATOM   148  C  C   . VAL A 1 22 ? 8.476   2.330   0.477   1.00 21.09  ? 22  VAL A C   1 
ATOM   149  O  O   . VAL A 1 22 ? 8.865   3.327   1.091   1.00 20.72  ? 22  VAL A O   1 
ATOM   150  C  CB  . VAL A 1 22 ? 5.955   1.931   0.707   1.00 20.75  ? 22  VAL A CB  1 
ATOM   151  C  CG1 . VAL A 1 22 ? 4.615   1.950   -0.056  1.00 19.21  ? 22  VAL A CG1 1 
ATOM   152  C  CG2 . VAL A 1 22 ? 6.204   0.579   1.379   1.00 20.85  ? 22  VAL A CG2 1 
ATOM   153  N  N   . LEU A 1 23 ? 9.196   1.212   0.366   1.00 21.32  ? 23  LEU A N   1 
ATOM   154  C  CA  . LEU A 1 23 ? 10.537  1.109   0.949   1.00 21.34  ? 23  LEU A CA  1 
ATOM   155  C  C   . LEU A 1 23 ? 11.509  2.026   0.198   1.00 21.64  ? 23  LEU A C   1 
ATOM   156  O  O   . LEU A 1 23 ? 12.312  2.719   0.829   1.00 21.77  ? 23  LEU A O   1 
ATOM   157  C  CB  . LEU A 1 23 ? 11.028  -0.349  0.981   1.00 20.71  ? 23  LEU A CB  1 
ATOM   158  C  CG  . LEU A 1 23 ? 10.354  -1.259  2.016   1.00 21.84  ? 23  LEU A CG  1 
ATOM   159  C  CD1 . LEU A 1 23 ? 10.880  -2.692  1.903   1.00 21.19  ? 23  LEU A CD1 1 
ATOM   160  C  CD2 . LEU A 1 23 ? 10.546  -0.735  3.456   1.00 21.46  ? 23  LEU A CD2 1 
ATOM   161  N  N   . ASN A 1 24 ? 11.407  2.045   -1.137  1.00 21.97  ? 24  ASN A N   1 
ATOM   162  C  CA  . ASN A 1 24 ? 12.197  2.951   -1.975  1.00 22.79  ? 24  ASN A CA  1 
ATOM   163  C  C   . ASN A 1 24 ? 11.964  4.411   -1.601  1.00 23.12  ? 24  ASN A C   1 
ATOM   164  O  O   . ASN A 1 24 ? 12.909  5.203   -1.534  1.00 23.00  ? 24  ASN A O   1 
ATOM   165  C  CB  . ASN A 1 24 ? 11.856  2.778   -3.462  1.00 22.96  ? 24  ASN A CB  1 
ATOM   166  C  CG  . ASN A 1 24 ? 12.373  1.464   -4.059  1.00 23.76  ? 24  ASN A CG  1 
ATOM   167  O  OD1 . ASN A 1 24 ? 11.991  1.102   -5.180  1.00 24.18  ? 24  ASN A OD1 1 
ATOM   168  N  ND2 . ASN A 1 24 ? 13.223  0.751   -3.326  1.00 21.70  ? 24  ASN A ND2 1 
ATOM   169  N  N   . LYS A 1 25 ? 10.696  4.750   -1.380  1.00 23.28  ? 25  LYS A N   1 
ATOM   170  C  CA  . LYS A 1 25 ? 10.276  6.105   -1.008  1.00 23.64  ? 25  LYS A CA  1 
ATOM   171  C  C   . LYS A 1 25 ? 10.879  6.517   0.340   1.00 23.22  ? 25  LYS A C   1 
ATOM   172  O  O   . LYS A 1 25 ? 11.303  7.656   0.509   1.00 22.76  ? 25  LYS A O   1 
ATOM   173  C  CB  . LYS A 1 25 ? 8.744   6.190   -0.967  1.00 23.64  ? 25  LYS A CB  1 
ATOM   174  C  CG  . LYS A 1 25 ? 8.161   7.510   -0.440  1.00 26.50  ? 25  LYS A CG  1 
ATOM   175  C  CD  . LYS A 1 25 ? 8.224   8.634   -1.471  1.00 29.35  ? 25  LYS A CD  1 
ATOM   176  C  CE  . LYS A 1 25 ? 7.815   9.975   -0.864  1.00 32.07  ? 25  LYS A CE  1 
ATOM   177  N  NZ  . LYS A 1 25 ? 6.360   10.015  -0.525  1.00 34.14  ? 25  LYS A NZ  1 
ATOM   178  N  N   . LEU A 1 26 ? 10.904  5.580   1.288   1.00 22.79  ? 26  LEU A N   1 
ATOM   179  C  CA  . LEU A 1 26 ? 11.538  5.809   2.579   1.00 22.77  ? 26  LEU A CA  1 
ATOM   180  C  C   . LEU A 1 26 ? 13.044  6.042   2.412   1.00 22.78  ? 26  LEU A C   1 
ATOM   181  O  O   . LEU A 1 26 ? 13.583  7.002   2.954   1.00 22.36  ? 26  LEU A O   1 
ATOM   182  C  CB  . LEU A 1 26 ? 11.272  4.632   3.538   1.00 22.79  ? 26  LEU A CB  1 
ATOM   183  C  CG  . LEU A 1 26 ? 12.037  4.620   4.872   1.00 22.88  ? 26  LEU A CG  1 
ATOM   184  C  CD1 . LEU A 1 26 ? 11.688  5.826   5.746   1.00 21.83  ? 26  LEU A CD1 1 
ATOM   185  C  CD2 . LEU A 1 26 ? 11.785  3.313   5.624   1.00 22.81  ? 26  LEU A CD2 1 
ATOM   186  N  N   . GLY A 1 27 ? 13.711  5.167   1.652   1.00 22.82  ? 27  GLY A N   1 
ATOM   187  C  CA  . GLY A 1 27 ? 15.157  5.283   1.435   1.00 22.89  ? 27  GLY A CA  1 
ATOM   188  C  C   . GLY A 1 27 ? 15.951  4.789   2.631   1.00 23.04  ? 27  GLY A C   1 
ATOM   189  O  O   . GLY A 1 27 ? 15.375  4.447   3.671   1.00 23.26  ? 27  GLY A O   1 
ATOM   190  N  N   . GLY A 1 28 ? 17.271  4.732   2.482   1.00 23.04  ? 28  GLY A N   1 
ATOM   191  C  CA  . GLY A 1 28 ? 18.161  4.241   3.543   1.00 22.91  ? 28  GLY A CA  1 
ATOM   192  C  C   . GLY A 1 28 ? 17.913  2.781   3.902   1.00 22.86  ? 28  GLY A C   1 
ATOM   193  O  O   . GLY A 1 28 ? 18.037  2.380   5.065   1.00 22.60  ? 28  GLY A O   1 
ATOM   194  N  N   . VAL A 1 29 ? 17.560  1.984   2.897   1.00 22.81  ? 29  VAL A N   1 
ATOM   195  C  CA  . VAL A 1 29 ? 17.212  0.584   3.111   1.00 22.76  ? 29  VAL A CA  1 
ATOM   196  C  C   . VAL A 1 29 ? 17.875  -0.319  2.081   1.00 22.97  ? 29  VAL A C   1 
ATOM   197  O  O   . VAL A 1 29 ? 18.112  0.088   0.940   1.00 22.87  ? 29  VAL A O   1 
ATOM   198  C  CB  . VAL A 1 29 ? 15.667  0.338   3.096   1.00 23.02  ? 29  VAL A CB  1 
ATOM   199  C  CG1 . VAL A 1 29 ? 14.990  0.957   4.312   1.00 22.16  ? 29  VAL A CG1 1 
ATOM   200  C  CG2 . VAL A 1 29 ? 15.018  0.844   1.780   1.00 22.96  ? 29  VAL A CG2 1 
ATOM   201  N  N   . LYS A 1 30 ? 18.201  -1.530  2.515   1.00 22.99  ? 30  LYS A N   1 
ATOM   202  C  CA  . LYS A 1 30 ? 18.502  -2.648  1.629   1.00 23.49  ? 30  LYS A CA  1 
ATOM   203  C  C   . LYS A 1 30 ? 17.506  -3.714  2.056   1.00 23.39  ? 30  LYS A C   1 
ATOM   204  O  O   . LYS A 1 30 ? 17.346  -3.966  3.249   1.00 23.43  ? 30  LYS A O   1 
ATOM   205  C  CB  . LYS A 1 30 ? 19.943  -3.138  1.821   1.00 23.80  ? 30  LYS A CB  1 
ATOM   206  C  CG  . LYS A 1 30 ? 20.468  -4.027  0.696   1.00 25.63  ? 30  LYS A CG  1 
ATOM   207  C  CD  . LYS A 1 30 ? 21.966  -4.336  0.843   1.00 29.15  ? 30  LYS A CD  1 
ATOM   208  C  CE  . LYS A 1 30 ? 22.225  -5.788  1.271   1.00 31.32  ? 30  LYS A CE  1 
ATOM   209  N  NZ  . LYS A 1 30 ? 21.541  -6.182  2.554   1.00 33.33  ? 30  LYS A NZ  1 
ATOM   210  N  N   . TYR A 1 31 ? 16.805  -4.309  1.096   1.00 23.06  ? 31  TYR A N   1 
ATOM   211  C  CA  . TYR A 1 31 ? 15.737  -5.257  1.419   1.00 22.55  ? 31  TYR A CA  1 
ATOM   212  C  C   . TYR A 1 31 ? 15.665  -6.400  0.422   1.00 22.32  ? 31  TYR A C   1 
ATOM   213  O  O   . TYR A 1 31 ? 16.172  -6.307  -0.698  1.00 21.66  ? 31  TYR A O   1 
ATOM   214  C  CB  . TYR A 1 31 ? 14.362  -4.551  1.503   1.00 22.51  ? 31  TYR A CB  1 
ATOM   215  C  CG  . TYR A 1 31 ? 13.976  -3.837  0.233   1.00 23.01  ? 31  TYR A CG  1 
ATOM   216  C  CD1 . TYR A 1 31 ? 13.471  -4.542  -0.864  1.00 23.97  ? 31  TYR A CD1 1 
ATOM   217  C  CD2 . TYR A 1 31 ? 14.134  -2.453  0.115   1.00 23.29  ? 31  TYR A CD2 1 
ATOM   218  C  CE1 . TYR A 1 31 ? 13.137  -3.884  -2.053  1.00 24.17  ? 31  TYR A CE1 1 
ATOM   219  C  CE2 . TYR A 1 31 ? 13.802  -1.783  -1.063  1.00 22.91  ? 31  TYR A CE2 1 
ATOM   220  C  CZ  . TYR A 1 31 ? 13.304  -2.507  -2.141  1.00 23.96  ? 31  TYR A CZ  1 
ATOM   221  O  OH  . TYR A 1 31 ? 12.983  -1.857  -3.308  1.00 23.62  ? 31  TYR A OH  1 
ATOM   222  N  N   . ASP A 1 32 ? 15.029  -7.488  0.847   1.00 22.41  ? 32  ASP A N   1 
ATOM   223  C  CA  . ASP A 1 32 ? 14.654  -8.550  -0.065  1.00 22.71  ? 32  ASP A CA  1 
ATOM   224  C  C   . ASP A 1 32 ? 13.263  -9.005  0.319   1.00 22.45  ? 32  ASP A C   1 
ATOM   225  O  O   . ASP A 1 32 ? 12.926  -9.105  1.513   1.00 22.27  ? 32  ASP A O   1 
ATOM   226  C  CB  . ASP A 1 32 ? 15.649  -9.706  -0.049  1.00 23.34  ? 32  ASP A CB  1 
ATOM   227  C  CG  . ASP A 1 32 ? 15.749  -10.366 1.300   1.00 25.42  ? 32  ASP A CG  1 
ATOM   228  O  OD1 . ASP A 1 32 ? 16.593  -9.929  2.107   1.00 29.21  ? 32  ASP A OD1 1 
ATOM   229  O  OD2 . ASP A 1 32 ? 14.988  -11.325 1.547   1.00 28.45  ? 32  ASP A OD2 1 
ATOM   230  N  N   . ILE A 1 33 ? 12.461  -9.245  -0.711  1.00 21.83  ? 33  ILE A N   1 
ATOM   231  C  CA  . ILE A 1 33 ? 11.056  -9.566  -0.575  1.00 21.39  ? 33  ILE A CA  1 
ATOM   232  C  C   . ILE A 1 33 ? 10.861  -10.990 -1.077  1.00 21.63  ? 33  ILE A C   1 
ATOM   233  O  O   . ILE A 1 33 ? 11.217  -11.316 -2.214  1.00 21.47  ? 33  ILE A O   1 
ATOM   234  C  CB  . ILE A 1 33 ? 10.176  -8.570  -1.378  1.00 20.94  ? 33  ILE A CB  1 
ATOM   235  C  CG1 . ILE A 1 33 ? 10.300  -7.164  -0.785  1.00 20.98  ? 33  ILE A CG1 1 
ATOM   236  C  CG2 . ILE A 1 33 ? 8.709   -9.012  -1.374  1.00 20.97  ? 33  ILE A CG2 1 
ATOM   237  C  CD1 . ILE A 1 33 ? 9.750   -6.052  -1.650  1.00 20.31  ? 33  ILE A CD1 1 
ATOM   238  N  N   . ASP A 1 34 ? 10.313  -11.835 -0.211  1.00 21.68  ? 34  ASP A N   1 
ATOM   239  C  CA  . ASP A 1 34 ? 10.084  -13.248 -0.510  1.00 21.66  ? 34  ASP A CA  1 
ATOM   240  C  C   . ASP A 1 34 ? 8.570   -13.438 -0.570  1.00 22.06  ? 34  ASP A C   1 
ATOM   241  O  O   . ASP A 1 34 ? 7.896   -13.440 0.476   1.00 21.86  ? 34  ASP A O   1 
ATOM   242  C  CB  . ASP A 1 34 ? 10.720  -14.100 0.598   1.00 21.80  ? 34  ASP A CB  1 
ATOM   243  C  CG  . ASP A 1 34 ? 10.498  -15.605 0.420   1.00 21.49  ? 34  ASP A CG  1 
ATOM   244  O  OD1 . ASP A 1 34 ? 9.599   -16.040 -0.328  1.00 22.16  ? 34  ASP A OD1 1 
ATOM   245  O  OD2 . ASP A 1 34 ? 11.230  -16.365 1.072   1.00 20.36  ? 34  ASP A OD2 1 
ATOM   246  N  N   . LEU A 1 35 ? 8.039   -13.575 -1.791  1.00 21.25  ? 35  LEU A N   1 
ATOM   247  C  CA  . LEU A 1 35 ? 6.590   -13.638 -2.001  1.00 21.23  ? 35  LEU A CA  1 
ATOM   248  C  C   . LEU A 1 35 ? 5.961   -14.922 -1.424  1.00 21.20  ? 35  LEU A C   1 
ATOM   249  O  O   . LEU A 1 35 ? 5.032   -14.820 -0.613  1.00 21.45  ? 35  LEU A O   1 
ATOM   250  C  CB  . LEU A 1 35 ? 6.198   -13.388 -3.478  1.00 21.03  ? 35  LEU A CB  1 
ATOM   251  C  CG  . LEU A 1 35 ? 4.711   -13.446 -3.885  1.00 20.97  ? 35  LEU A CG  1 
ATOM   252  C  CD1 . LEU A 1 35 ? 3.832   -12.456 -3.100  1.00 19.79  ? 35  LEU A CD1 1 
ATOM   253  C  CD2 . LEU A 1 35 ? 4.534   -13.222 -5.366  1.00 20.73  ? 35  LEU A CD2 1 
ATOM   254  N  N   . PRO A 1 36 ? 6.473   -16.117 -1.805  1.00 20.96  ? 36  PRO A N   1 
ATOM   255  C  CA  . PRO A 1 36 ? 5.865   -17.352 -1.292  1.00 20.88  ? 36  PRO A CA  1 
ATOM   256  C  C   . PRO A 1 36 ? 5.896   -17.500 0.228   1.00 21.02  ? 36  PRO A C   1 
ATOM   257  O  O   . PRO A 1 36 ? 4.988   -18.114 0.797   1.00 20.92  ? 36  PRO A O   1 
ATOM   258  C  CB  . PRO A 1 36 ? 6.699   -18.464 -1.954  1.00 20.96  ? 36  PRO A CB  1 
ATOM   259  C  CG  . PRO A 1 36 ? 7.214   -17.847 -3.207  1.00 20.51  ? 36  PRO A CG  1 
ATOM   260  C  CD  . PRO A 1 36 ? 7.524   -16.418 -2.800  1.00 21.04  ? 36  PRO A CD  1 
ATOM   261  N  N   . ASN A 1 37 ? 6.925   -16.962 0.879   1.00 20.61  ? 37  ASN A N   1 
ATOM   262  C  CA  . ASN A 1 37 ? 7.012   -17.035 2.336   1.00 20.63  ? 37  ASN A CA  1 
ATOM   263  C  C   . ASN A 1 37 ? 6.426   -15.800 3.034   1.00 20.74  ? 37  ASN A C   1 
ATOM   264  O  O   . ASN A 1 37 ? 6.419   -15.726 4.265   1.00 20.70  ? 37  ASN A O   1 
ATOM   265  C  CB  . ASN A 1 37 ? 8.453   -17.318 2.783   1.00 20.34  ? 37  ASN A CB  1 
ATOM   266  C  CG  . ASN A 1 37 ? 8.926   -18.701 2.359   1.00 21.26  ? 37  ASN A CG  1 
ATOM   267  O  OD1 . ASN A 1 37 ? 8.236   -19.699 2.582   1.00 21.55  ? 37  ASN A OD1 1 
ATOM   268  N  ND2 . ASN A 1 37 ? 10.098  -18.769 1.733   1.00 20.05  ? 37  ASN A ND2 1 
ATOM   269  N  N   . LYS A 1 38 ? 5.930   -14.847 2.240   1.00 20.64  ? 38  LYS A N   1 
ATOM   270  C  CA  . LYS A 1 38 ? 5.322   -13.613 2.750   1.00 21.05  ? 38  LYS A CA  1 
ATOM   271  C  C   . LYS A 1 38 ? 6.249   -12.902 3.745   1.00 21.49  ? 38  LYS A C   1 
ATOM   272  O  O   . LYS A 1 38 ? 5.810   -12.450 4.811   1.00 21.38  ? 38  LYS A O   1 
ATOM   273  C  CB  . LYS A 1 38 ? 3.958   -13.898 3.400   1.00 20.98  ? 38  LYS A CB  1 
ATOM   274  C  CG  . LYS A 1 38 ? 2.902   -14.502 2.472   1.00 21.57  ? 38  LYS A CG  1 
ATOM   275  C  CD  . LYS A 1 38 ? 1.590   -14.691 3.217   1.00 22.34  ? 38  LYS A CD  1 
ATOM   276  C  CE  . LYS A 1 38 ? 0.808   -15.877 2.708   1.00 24.18  ? 38  LYS A CE  1 
ATOM   277  N  NZ  . LYS A 1 38 ? 0.402   -15.724 1.282   1.00 24.88  ? 38  LYS A NZ  1 
ATOM   278  N  N   . LYS A 1 39 ? 7.532   -12.827 3.401   1.00 21.42  ? 39  LYS A N   1 
ATOM   279  C  CA  . LYS A 1 39 ? 8.527   -12.250 4.302   1.00 22.08  ? 39  LYS A CA  1 
ATOM   280  C  C   . LYS A 1 39 ? 9.352   -11.143 3.645   1.00 21.76  ? 39  LYS A C   1 
ATOM   281  O  O   . LYS A 1 39 ? 9.823   -11.293 2.512   1.00 21.07  ? 39  LYS A O   1 
ATOM   282  C  CB  . LYS A 1 39 ? 9.442   -13.340 4.885   1.00 21.97  ? 39  LYS A CB  1 
ATOM   283  C  CG  . LYS A 1 39 ? 8.798   -14.162 6.027   1.00 24.62  ? 39  LYS A CG  1 
ATOM   284  C  CD  . LYS A 1 39 ? 9.755   -15.220 6.573   1.00 27.45  ? 39  LYS A CD  1 
ATOM   285  C  CE  . LYS A 1 39 ? 9.031   -16.507 6.958   1.00 29.35  ? 39  LYS A CE  1 
ATOM   286  N  NZ  . LYS A 1 39 ? 8.295   -16.411 8.250   1.00 31.50  ? 39  LYS A NZ  1 
ATOM   287  N  N   . VAL A 1 40 ? 9.506   -10.038 4.369   1.00 21.34  ? 40  VAL A N   1 
ATOM   288  C  CA  . VAL A 1 40 ? 10.344  -8.926  3.937   1.00 21.52  ? 40  VAL A CA  1 
ATOM   289  C  C   . VAL A 1 40 ? 11.461  -8.708  4.955   1.00 22.03  ? 40  VAL A C   1 
ATOM   290  O  O   . VAL A 1 40 ? 11.194  -8.541  6.150   1.00 21.95  ? 40  VAL A O   1 
ATOM   291  C  CB  . VAL A 1 40 ? 9.513   -7.632  3.743   1.00 21.45  ? 40  VAL A CB  1 
ATOM   292  C  CG1 . VAL A 1 40 ? 10.399  -6.472  3.227   1.00 20.88  ? 40  VAL A CG1 1 
ATOM   293  C  CG2 . VAL A 1 40 ? 8.353   -7.897  2.785   1.00 21.59  ? 40  VAL A CG2 1 
ATOM   294  N  N   . CYS A 1 41 ? 12.706  -8.750  4.478   1.00 22.34  ? 41  CYS A N   1 
ATOM   295  C  CA  . CYS A 1 41 ? 13.876  -8.494  5.316   1.00 23.28  ? 41  CYS A CA  1 
ATOM   296  C  C   . CYS A 1 41 ? 14.506  -7.168  4.919   1.00 23.00  ? 41  CYS A C   1 
ATOM   297  O  O   . CYS A 1 41 ? 14.750  -6.914  3.740   1.00 23.01  ? 41  CYS A O   1 
ATOM   298  C  CB  . CYS A 1 41 ? 14.900  -9.631  5.211   1.00 23.23  ? 41  CYS A CB  1 
ATOM   299  S  SG  . CYS A 1 41 ? 14.236  -11.214 5.785   1.00 27.43  ? 41  CYS A SG  1 
ATOM   300  N  N   . ILE A 1 42 ? 14.761  -6.325  5.911   1.00 22.65  ? 42  ILE A N   1 
ATOM   301  C  CA  . ILE A 1 42 ? 15.269  -4.989  5.663   1.00 22.72  ? 42  ILE A CA  1 
ATOM   302  C  C   . ILE A 1 42 ? 16.509  -4.728  6.521   1.00 23.05  ? 42  ILE A C   1 
ATOM   303  O  O   . ILE A 1 42 ? 16.461  -4.842  7.753   1.00 23.10  ? 42  ILE A O   1 
ATOM   304  C  CB  . ILE A 1 42 ? 14.190  -3.918  5.953   1.00 22.61  ? 42  ILE A CB  1 
ATOM   305  C  CG1 . ILE A 1 42 ? 12.868  -4.254  5.236   1.00 21.50  ? 42  ILE A CG1 1 
ATOM   306  C  CG2 . ILE A 1 42 ? 14.686  -2.534  5.555   1.00 22.82  ? 42  ILE A CG2 1 
ATOM   307  C  CD1 . ILE A 1 42 ? 11.650  -3.490  5.757   1.00 19.80  ? 42  ILE A CD1 1 
ATOM   308  N  N   . GLU A 1 43 ? 17.619  -4.418  5.854   1.00 23.18  ? 43  GLU A N   1 
ATOM   309  C  CA  . GLU A 1 43 ? 18.825  -3.922  6.503   1.00 23.64  ? 43  GLU A CA  1 
ATOM   310  C  C   . GLU A 1 43 ? 18.746  -2.397  6.473   1.00 23.62  ? 43  GLU A C   1 
ATOM   311  O  O   . GLU A 1 43 ? 18.606  -1.802  5.401   1.00 23.57  ? 43  GLU A O   1 
ATOM   312  C  CB  . GLU A 1 43 ? 20.074  -4.434  5.768   1.00 23.77  ? 43  GLU A CB  1 
ATOM   313  C  CG  . GLU A 1 43 ? 21.397  -3.880  6.283   1.00 24.69  ? 43  GLU A CG  1 
ATOM   314  C  CD  . GLU A 1 43 ? 21.796  -4.443  7.639   1.00 26.75  ? 43  GLU A CD  1 
ATOM   315  O  OE1 . GLU A 1 43 ? 22.297  -3.671  8.486   1.00 27.59  ? 43  GLU A OE1 1 
ATOM   316  O  OE2 . GLU A 1 43 ? 21.612  -5.660  7.857   1.00 28.02  ? 43  GLU A OE2 1 
ATOM   317  N  N   . SER A 1 44 ? 18.808  -1.770  7.644   1.00 23.61  ? 44  SER A N   1 
ATOM   318  C  CA  . SER A 1 44 ? 18.562  -0.330  7.757   1.00 24.11  ? 44  SER A CA  1 
ATOM   319  C  C   . SER A 1 44 ? 18.951  0.249   9.110   1.00 24.38  ? 44  SER A C   1 
ATOM   320  O  O   . SER A 1 44 ? 18.963  -0.461  10.126  1.00 24.18  ? 44  SER A O   1 
ATOM   321  C  CB  . SER A 1 44 ? 17.082  -0.030  7.520   1.00 24.02  ? 44  SER A CB  1 
ATOM   322  O  OG  . SER A 1 44 ? 16.848  1.362   7.485   1.00 25.26  ? 44  SER A OG  1 
ATOM   323  N  N   . GLU A 1 45 ? 19.245  1.550   9.110   1.00 24.47  ? 45  GLU A N   1 
ATOM   324  C  CA  . GLU A 1 45 ? 19.472  2.292   10.347  1.00 24.82  ? 45  GLU A CA  1 
ATOM   325  C  C   . GLU A 1 45 ? 18.171  2.873   10.887  1.00 24.51  ? 45  GLU A C   1 
ATOM   326  O  O   . GLU A 1 45 ? 18.099  3.232   12.064  1.00 24.08  ? 45  GLU A O   1 
ATOM   327  C  CB  . GLU A 1 45 ? 20.513  3.394   10.147  1.00 24.95  ? 45  GLU A CB  1 
ATOM   328  C  CG  . GLU A 1 45 ? 21.929  2.863   9.976   1.00 27.25  ? 45  GLU A CG  1 
ATOM   329  C  CD  . GLU A 1 45 ? 22.347  1.919   11.098  1.00 30.10  ? 45  GLU A CD  1 
ATOM   330  O  OE1 . GLU A 1 45 ? 22.501  2.380   12.246  1.00 30.73  ? 45  GLU A OE1 1 
ATOM   331  O  OE2 . GLU A 1 45 ? 22.522  0.710   10.829  1.00 32.40  ? 45  GLU A OE2 1 
ATOM   332  N  N   . HIS A 1 46 ? 17.152  2.964   10.023  1.00 24.23  ? 46  HIS A N   1 
ATOM   333  C  CA  . HIS A 1 46 ? 15.803  3.356   10.443  1.00 24.17  ? 46  HIS A CA  1 
ATOM   334  C  C   . HIS A 1 46 ? 15.306  2.426   11.543  1.00 23.88  ? 46  HIS A C   1 
ATOM   335  O  O   . HIS A 1 46 ? 15.522  1.213   11.477  1.00 23.37  ? 46  HIS A O   1 
ATOM   336  C  CB  . HIS A 1 46 ? 14.813  3.319   9.268   1.00 24.34  ? 46  HIS A CB  1 
ATOM   337  C  CG  . HIS A 1 46 ? 15.072  4.360   8.222   1.00 24.70  ? 46  HIS A CG  1 
ATOM   338  N  ND1 . HIS A 1 46 ? 14.931  5.708   8.464   1.00 26.00  ? 46  HIS A ND1 1 
ATOM   339  C  CD2 . HIS A 1 46 ? 15.450  4.248   6.928   1.00 25.21  ? 46  HIS A CD2 1 
ATOM   340  C  CE1 . HIS A 1 46 ? 15.226  6.384   7.369   1.00 26.14  ? 46  HIS A CE1 1 
ATOM   341  N  NE2 . HIS A 1 46 ? 15.540  5.522   6.421   1.00 26.33  ? 46  HIS A NE2 1 
ATOM   342  N  N   . SER A 1 47 ? 14.645  3.008   12.544  1.00 23.65  ? 47  SER A N   1 
ATOM   343  C  CA  . SER A 1 47 ? 14.084  2.257   13.670  1.00 23.77  ? 47  SER A CA  1 
ATOM   344  C  C   . SER A 1 47 ? 13.047  1.227   13.215  1.00 24.21  ? 47  SER A C   1 
ATOM   345  O  O   . SER A 1 47 ? 12.511  1.322   12.110  1.00 23.89  ? 47  SER A O   1 
ATOM   346  C  CB  . SER A 1 47 ? 13.458  3.214   14.696  1.00 23.67  ? 47  SER A CB  1 
ATOM   347  O  OG  . SER A 1 47 ? 12.283  3.829   14.194  1.00 22.34  ? 47  SER A OG  1 
ATOM   348  N  N   . MET A 1 48 ? 12.772  0.247   14.071  1.00 24.81  ? 48  MET A N   1 
ATOM   349  C  CA  . MET A 1 48 ? 11.755  -0.747  13.759  1.00 25.78  ? 48  MET A CA  1 
ATOM   350  C  C   . MET A 1 48 ? 10.382  -0.076  13.574  1.00 25.28  ? 48  MET A C   1 
ATOM   351  O  O   . MET A 1 48 ? 9.587   -0.508  12.741  1.00 24.85  ? 48  MET A O   1 
ATOM   352  C  CB  . MET A 1 48 ? 11.759  -1.905  14.784  1.00 26.29  ? 48  MET A CB  1 
ATOM   353  C  CG  . MET A 1 48 ? 10.712  -1.869  15.888  1.00 29.12  ? 48  MET A CG  1 
ATOM   354  S  SD  . MET A 1 48 ? 9.043   -2.314  15.327  1.00 34.91  ? 48  MET A SD  1 
ATOM   355  C  CE  . MET A 1 48 ? 8.138   -1.749  16.750  1.00 34.10  ? 48  MET A CE  1 
ATOM   356  N  N   . ASP A 1 49 ? 10.141  1.007   14.316  1.00 24.98  ? 49  ASP A N   1 
ATOM   357  C  CA  . ASP A 1 49 ? 8.855   1.717   14.264  1.00 25.05  ? 49  ASP A CA  1 
ATOM   358  C  C   . ASP A 1 49 ? 8.632   2.402   12.927  1.00 24.45  ? 49  ASP A C   1 
ATOM   359  O  O   . ASP A 1 49 ? 7.529   2.344   12.371  1.00 24.15  ? 49  ASP A O   1 
ATOM   360  C  CB  . ASP A 1 49 ? 8.728   2.726   15.404  1.00 25.37  ? 49  ASP A CB  1 
ATOM   361  C  CG  . ASP A 1 49 ? 8.299   2.077   16.707  1.00 27.53  ? 49  ASP A CG  1 
ATOM   362  O  OD1 . ASP A 1 49 ? 7.360   1.243   16.684  1.00 30.43  ? 49  ASP A OD1 1 
ATOM   363  O  OD2 . ASP A 1 49 ? 8.898   2.398   17.759  1.00 29.67  ? 49  ASP A OD2 1 
ATOM   364  N  N   . THR A 1 50 ? 9.685   3.041   12.421  1.00 23.71  ? 50  THR A N   1 
ATOM   365  C  CA  . THR A 1 50 ? 9.656   3.693   11.122  1.00 23.23  ? 50  THR A CA  1 
ATOM   366  C  C   . THR A 1 50 ? 9.421   2.657   10.016  1.00 22.92  ? 50  THR A C   1 
ATOM   367  O  O   . THR A 1 50 ? 8.558   2.855   9.148   1.00 22.99  ? 50  THR A O   1 
ATOM   368  C  CB  . THR A 1 50 ? 10.960  4.464   10.864  1.00 23.32  ? 50  THR A CB  1 
ATOM   369  O  OG1 . THR A 1 50 ? 11.102  5.494   11.848  1.00 23.41  ? 50  THR A OG1 1 
ATOM   370  C  CG2 . THR A 1 50 ? 10.954  5.102   9.476   1.00 23.35  ? 50  THR A CG2 1 
ATOM   371  N  N   . LEU A 1 51 ? 10.180  1.565   10.055  1.00 21.77  ? 51  LEU A N   1 
ATOM   372  C  CA  . LEU A 1 51 ? 10.007  0.477   9.085   1.00 21.52  ? 51  LEU A CA  1 
ATOM   373  C  C   . LEU A 1 51 ? 8.597   -0.120  9.142   1.00 21.21  ? 51  LEU A C   1 
ATOM   374  O  O   . LEU A 1 51 ? 7.955   -0.284  8.103   1.00 21.50  ? 51  LEU A O   1 
ATOM   375  C  CB  . LEU A 1 51 ? 11.078  -0.615  9.257   1.00 21.01  ? 51  LEU A CB  1 
ATOM   376  C  CG  . LEU A 1 51 ? 12.543  -0.188  9.080   1.00 21.20  ? 51  LEU A CG  1 
ATOM   377  C  CD1 . LEU A 1 51 ? 13.502  -1.326  9.455   1.00 19.64  ? 51  LEU A CD1 1 
ATOM   378  C  CD2 . LEU A 1 51 ? 12.839  0.327   7.670   1.00 19.44  ? 51  LEU A CD2 1 
ATOM   379  N  N   . LEU A 1 52 ? 8.123   -0.416  10.352  1.00 20.93  ? 52  LEU A N   1 
ATOM   380  C  CA  . LEU A 1 52 ? 6.766   -0.925  10.574  1.00 21.43  ? 52  LEU A CA  1 
ATOM   381  C  C   . LEU A 1 52 ? 5.692   0.002   9.991   1.00 21.60  ? 52  LEU A C   1 
ATOM   382  O  O   . LEU A 1 52 ? 4.817   -0.460  9.251   1.00 21.54  ? 52  LEU A O   1 
ATOM   383  C  CB  . LEU A 1 52 ? 6.499   -1.159  12.070  1.00 21.36  ? 52  LEU A CB  1 
ATOM   384  C  CG  . LEU A 1 52 ? 5.165   -1.810  12.472  1.00 22.60  ? 52  LEU A CG  1 
ATOM   385  C  CD1 . LEU A 1 52 ? 5.086   -3.257  11.969  1.00 23.25  ? 52  LEU A CD1 1 
ATOM   386  C  CD2 . LEU A 1 52 ? 4.935   -1.746  13.994  1.00 22.97  ? 52  LEU A CD2 1 
ATOM   387  N  N   . ALA A 1 53 ? 5.775   1.292   10.323  1.00 21.45  ? 53  ALA A N   1 
ATOM   388  C  CA  . ALA A 1 53 ? 4.811   2.292   9.862   1.00 21.76  ? 53  ALA A CA  1 
ATOM   389  C  C   . ALA A 1 53 ? 4.859   2.440   8.341   1.00 21.93  ? 53  ALA A C   1 
ATOM   390  O  O   . ALA A 1 53 ? 3.819   2.616   7.691   1.00 21.85  ? 53  ALA A O   1 
ATOM   391  C  CB  . ALA A 1 53 ? 5.063   3.639   10.546  1.00 21.37  ? 53  ALA A CB  1 
ATOM   392  N  N   . THR A 1 54 ? 6.073   2.366   7.791   1.00 21.92  ? 54  THR A N   1 
ATOM   393  C  CA  . THR A 1 54 ? 6.295   2.424   6.348   1.00 22.02  ? 54  THR A CA  1 
ATOM   394  C  C   . THR A 1 54 ? 5.610   1.253   5.647   1.00 22.10  ? 54  THR A C   1 
ATOM   395  O  O   . THR A 1 54 ? 4.880   1.447   4.674   1.00 22.07  ? 54  THR A O   1 
ATOM   396  C  CB  . THR A 1 54 ? 7.814   2.453   6.007   1.00 21.92  ? 54  THR A CB  1 
ATOM   397  O  OG1 . THR A 1 54 ? 8.395   3.648   6.544   1.00 22.15  ? 54  THR A OG1 1 
ATOM   398  C  CG2 . THR A 1 54 ? 8.052   2.417   4.499   1.00 21.89  ? 54  THR A CG2 1 
ATOM   399  N  N   . LEU A 1 55 ? 5.824   0.045   6.159   1.00 22.51  ? 55  LEU A N   1 
ATOM   400  C  CA  . LEU A 1 55 ? 5.229   -1.146  5.572   1.00 23.23  ? 55  LEU A CA  1 
ATOM   401  C  C   . LEU A 1 55 ? 3.710   -1.130  5.710   1.00 23.93  ? 55  LEU A C   1 
ATOM   402  O  O   . LEU A 1 55 ? 3.005   -1.528  4.788   1.00 23.75  ? 55  LEU A O   1 
ATOM   403  C  CB  . LEU A 1 55 ? 5.827   -2.426  6.172   1.00 23.20  ? 55  LEU A CB  1 
ATOM   404  C  CG  . LEU A 1 55 ? 7.280   -2.765  5.805   1.00 22.98  ? 55  LEU A CG  1 
ATOM   405  C  CD1 . LEU A 1 55 ? 7.807   -3.912  6.665   1.00 22.75  ? 55  LEU A CD1 1 
ATOM   406  C  CD2 . LEU A 1 55 ? 7.434   -3.102  4.309   1.00 22.75  ? 55  LEU A CD2 1 
ATOM   407  N  N   . LYS A 1 56 ? 3.213   -0.627  6.840   1.00 24.41  ? 56  LYS A N   1 
ATOM   408  C  CA  . LYS A 1 56 ? 1.780   -0.608  7.098   1.00 25.64  ? 56  LYS A CA  1 
ATOM   409  C  C   . LYS A 1 56 ? 0.997   0.361   6.191   1.00 26.14  ? 56  LYS A C   1 
ATOM   410  O  O   . LYS A 1 56 ? -0.211  0.215   6.035   1.00 25.92  ? 56  LYS A O   1 
ATOM   411  C  CB  . LYS A 1 56 ? 1.500   -0.317  8.571   1.00 25.97  ? 56  LYS A CB  1 
ATOM   412  C  CG  . LYS A 1 56 ? 1.662   -1.519  9.473   1.00 27.35  ? 56  LYS A CG  1 
ATOM   413  C  CD  . LYS A 1 56 ? 1.495   -1.112  10.921  1.00 29.44  ? 56  LYS A CD  1 
ATOM   414  C  CE  . LYS A 1 56 ? 1.339   -2.324  11.829  1.00 31.49  ? 56  LYS A CE  1 
ATOM   415  N  NZ  . LYS A 1 56 ? 1.037   -1.910  13.234  1.00 31.47  ? 56  LYS A NZ  1 
ATOM   416  N  N   . LYS A 1 57 ? 1.698   1.325   5.590   1.00 26.75  ? 57  LYS A N   1 
ATOM   417  C  CA  . LYS A 1 57 ? 1.102   2.246   4.611   1.00 27.26  ? 57  LYS A CA  1 
ATOM   418  C  C   . LYS A 1 57 ? 0.592   1.552   3.348   1.00 26.83  ? 57  LYS A C   1 
ATOM   419  O  O   . LYS A 1 57 ? -0.316  2.058   2.691   1.00 27.32  ? 57  LYS A O   1 
ATOM   420  C  CB  . LYS A 1 57 ? 2.101   3.320   4.195   1.00 27.76  ? 57  LYS A CB  1 
ATOM   421  C  CG  . LYS A 1 57 ? 2.325   4.402   5.230   1.00 29.10  ? 57  LYS A CG  1 
ATOM   422  C  CD  . LYS A 1 57 ? 2.973   5.646   4.627   1.00 32.53  ? 57  LYS A CD  1 
ATOM   423  C  CE  . LYS A 1 57 ? 3.979   5.324   3.524   1.00 34.84  ? 57  LYS A CE  1 
ATOM   424  N  NZ  . LYS A 1 57 ? 5.043   4.356   3.933   1.00 37.51  ? 57  LYS A NZ  1 
ATOM   425  N  N   . THR A 1 58 ? 1.175   0.409   3.005   1.00 25.94  ? 58  THR A N   1 
ATOM   426  C  CA  . THR A 1 58 ? 0.698   -0.368  1.866   1.00 25.21  ? 58  THR A CA  1 
ATOM   427  C  C   . THR A 1 58 ? -0.769  -0.781  2.020   1.00 24.33  ? 58  THR A C   1 
ATOM   428  O  O   . THR A 1 58 ? -1.438  -1.068  1.034   1.00 24.19  ? 58  THR A O   1 
ATOM   429  C  CB  . THR A 1 58 ? 1.533   -1.633  1.655   1.00 25.32  ? 58  THR A CB  1 
ATOM   430  O  OG1 . THR A 1 58 ? 1.421   -2.472  2.811   1.00 25.30  ? 58  THR A OG1 1 
ATOM   431  C  CG2 . THR A 1 58 ? 3.000   -1.279  1.419   1.00 26.24  ? 58  THR A CG2 1 
ATOM   432  N  N   . GLY A 1 59 ? -1.254  -0.811  3.260   1.00 23.73  ? 59  GLY A N   1 
ATOM   433  C  CA  . GLY A 1 59 ? -2.577  -1.342  3.564   1.00 23.02  ? 59  GLY A CA  1 
ATOM   434  C  C   . GLY A 1 59 ? -2.584  -2.851  3.756   1.00 22.59  ? 59  GLY A C   1 
ATOM   435  O  O   . GLY A 1 59 ? -3.646  -3.452  3.924   1.00 22.31  ? 59  GLY A O   1 
ATOM   436  N  N   . LYS A 1 60 ? -1.402  -3.465  3.732   1.00 22.19  ? 60  LYS A N   1 
ATOM   437  C  CA  . LYS A 1 60 ? -1.277  -4.904  3.950   1.00 22.52  ? 60  LYS A CA  1 
ATOM   438  C  C   . LYS A 1 60 ? -1.108  -5.185  5.438   1.00 22.15  ? 60  LYS A C   1 
ATOM   439  O  O   . LYS A 1 60 ? -0.636  -4.324  6.180   1.00 22.41  ? 60  LYS A O   1 
ATOM   440  C  CB  . LYS A 1 60 ? -0.061  -5.469  3.205   1.00 22.32  ? 60  LYS A CB  1 
ATOM   441  C  CG  . LYS A 1 60 ? -0.130  -5.362  1.699   1.00 25.24  ? 60  LYS A CG  1 
ATOM   442  C  CD  . LYS A 1 60 ? -0.525  -6.708  1.046   1.00 28.49  ? 60  LYS A CD  1 
ATOM   443  C  CE  . LYS A 1 60 ? -2.034  -6.865  0.893   1.00 28.69  ? 60  LYS A CE  1 
ATOM   444  N  NZ  . LYS A 1 60 ? -2.405  -8.221  0.354   1.00 30.68  ? 60  LYS A NZ  1 
ATOM   445  N  N   . THR A 1 61 ? -1.468  -6.397  5.851   1.00 21.87  ? 61  THR A N   1 
ATOM   446  C  CA  . THR A 1 61 ? -1.251  -6.874  7.216   1.00 21.91  ? 61  THR A CA  1 
ATOM   447  C  C   . THR A 1 61 ? 0.238   -7.146  7.440   1.00 21.99  ? 61  THR A C   1 
ATOM   448  O  O   . THR A 1 61 ? 0.839   -7.941  6.723   1.00 21.65  ? 61  THR A O   1 
ATOM   449  C  CB  . THR A 1 61 ? -2.060  -8.163  7.492   1.00 21.80  ? 61  THR A CB  1 
ATOM   450  O  OG1 . THR A 1 61 ? -3.443  -7.896  7.272   1.00 21.47  ? 61  THR A OG1 1 
ATOM   451  C  CG2 . THR A 1 61 ? -1.868  -8.639  8.948   1.00 21.91  ? 61  THR A CG2 1 
ATOM   452  N  N   . VAL A 1 62 ? 0.819   -6.473  8.432   1.00 22.46  ? 62  VAL A N   1 
ATOM   453  C  CA  . VAL A 1 62 ? 2.255   -6.562  8.711   1.00 22.86  ? 62  VAL A CA  1 
ATOM   454  C  C   . VAL A 1 62 ? 2.463   -6.973  10.158  1.00 23.20  ? 62  VAL A C   1 
ATOM   455  O  O   . VAL A 1 62 ? 1.784   -6.474  11.042  1.00 23.16  ? 62  VAL A O   1 
ATOM   456  C  CB  . VAL A 1 62 ? 2.957   -5.193  8.496   1.00 23.12  ? 62  VAL A CB  1 
ATOM   457  C  CG1 . VAL A 1 62 ? 4.465   -5.287  8.751   1.00 23.34  ? 62  VAL A CG1 1 
ATOM   458  C  CG2 . VAL A 1 62 ? 2.685   -4.648  7.092   1.00 23.47  ? 62  VAL A CG2 1 
ATOM   459  N  N   . SER A 1 63 ? 3.395   -7.887  10.402  1.00 23.49  ? 63  SER A N   1 
ATOM   460  C  CA  . SER A 1 63 ? 3.868   -8.110  11.763  1.00 23.70  ? 63  SER A CA  1 
ATOM   461  C  C   . SER A 1 63 ? 5.376   -8.266  11.769  1.00 23.39  ? 63  SER A C   1 
ATOM   462  O  O   . SER A 1 63 ? 5.980   -8.640  10.764  1.00 23.30  ? 63  SER A O   1 
ATOM   463  C  CB  . SER A 1 63 ? 3.184   -9.312  12.426  1.00 23.67  ? 63  SER A CB  1 
ATOM   464  O  OG  . SER A 1 63 ? 3.472   -10.502 11.723  1.00 25.85  ? 63  SER A OG  1 
ATOM   465  N  N   . TYR A 1 64 ? 5.969   -7.975  12.920  1.00 22.93  ? 64  TYR A N   1 
ATOM   466  C  CA  . TYR A 1 64 ? 7.404   -8.040  13.104  1.00 22.33  ? 64  TYR A CA  1 
ATOM   467  C  C   . TYR A 1 64 ? 7.814   -9.440  13.564  1.00 21.70  ? 64  TYR A C   1 
ATOM   468  O  O   . TYR A 1 64 ? 7.252   -9.973  14.508  1.00 21.35  ? 64  TYR A O   1 
ATOM   469  C  CB  . TYR A 1 64 ? 7.798   -6.980  14.130  1.00 22.40  ? 64  TYR A CB  1 
ATOM   470  C  CG  . TYR A 1 64 ? 9.279   -6.712  14.275  1.00 22.56  ? 64  TYR A CG  1 
ATOM   471  C  CD1 . TYR A 1 64 ? 10.032  -6.202  13.214  1.00 22.45  ? 64  TYR A CD1 1 
ATOM   472  C  CD2 . TYR A 1 64 ? 9.911   -6.916  15.491  1.00 21.54  ? 64  TYR A CD2 1 
ATOM   473  C  CE1 . TYR A 1 64 ? 11.396  -5.940  13.363  1.00 22.15  ? 64  TYR A CE1 1 
ATOM   474  C  CE2 . TYR A 1 64 ? 11.274  -6.648  15.659  1.00 22.16  ? 64  TYR A CE2 1 
ATOM   475  C  CZ  . TYR A 1 64 ? 12.004  -6.157  14.597  1.00 22.31  ? 64  TYR A CZ  1 
ATOM   476  O  OH  . TYR A 1 64 ? 13.341  -5.901  14.771  1.00 21.70  ? 64  TYR A OH  1 
ATOM   477  N  N   . LEU A 1 65 ? 8.800   -10.030 12.892  1.00 21.45  ? 65  LEU A N   1 
ATOM   478  C  CA  . LEU A 1 65 ? 9.270   -11.376 13.247  1.00 21.29  ? 65  LEU A CA  1 
ATOM   479  C  C   . LEU A 1 65 ? 10.518  -11.367 14.131  1.00 21.52  ? 65  LEU A C   1 
ATOM   480  O  O   . LEU A 1 65 ? 10.750  -12.291 14.911  1.00 20.60  ? 65  LEU A O   1 
ATOM   481  C  CB  . LEU A 1 65 ? 9.517   -12.208 11.985  1.00 21.21  ? 65  LEU A CB  1 
ATOM   482  C  CG  . LEU A 1 65 ? 8.291   -12.339 11.068  1.00 21.04  ? 65  LEU A CG  1 
ATOM   483  C  CD1 . LEU A 1 65 ? 8.672   -12.962 9.735   1.00 22.02  ? 65  LEU A CD1 1 
ATOM   484  C  CD2 . LEU A 1 65 ? 7.174   -13.142 11.745  1.00 20.85  ? 65  LEU A CD2 1 
ATOM   485  N  N   . GLY A 1 66 ? 11.323  -10.322 14.002  1.00 22.13  ? 66  GLY A N   1 
ATOM   486  C  CA  . GLY A 1 66 ? 12.531  -10.221 14.790  1.00 23.33  ? 66  GLY A CA  1 
ATOM   487  C  C   . GLY A 1 66 ? 13.674  -9.527  14.081  1.00 24.28  ? 66  GLY A C   1 
ATOM   488  O  O   . GLY A 1 66 ? 13.489  -8.834  13.072  1.00 23.71  ? 66  GLY A O   1 
ATOM   489  N  N   . LEU A 1 67 ? 14.867  -9.747  14.614  1.00 25.05  ? 67  LEU A N   1 
ATOM   490  C  CA  . LEU A 1 67 ? 15.986  -8.862  14.365  1.00 26.52  ? 67  LEU A CA  1 
ATOM   491  C  C   . LEU A 1 67 ? 17.288  -9.641  14.358  1.00 27.20  ? 67  LEU A C   1 
ATOM   492  O  O   . LEU A 1 67 ? 17.610  -10.340 15.332  1.00 27.07  ? 67  LEU A O   1 
ATOM   493  C  CB  . LEU A 1 67 ? 16.011  -7.778  15.459  1.00 26.87  ? 67  LEU A CB  1 
ATOM   494  C  CG  . LEU A 1 67 ? 16.953  -6.576  15.412  1.00 27.70  ? 67  LEU A CG  1 
ATOM   495  C  CD1 . LEU A 1 67 ? 17.117  -6.034  13.993  1.00 29.05  ? 67  LEU A CD1 1 
ATOM   496  C  CD2 . LEU A 1 67 ? 16.409  -5.492  16.324  1.00 29.30  ? 67  LEU A CD2 1 
ATOM   497  N  N   . GLU A 1 68 ? 18.011  -9.507  13.244  1.00 28.01  ? 68  GLU A N   1 
ATOM   498  C  CA  . GLU A 1 68 ? 19.330  -10.113 13.012  1.00 28.81  ? 68  GLU A CA  1 
ATOM   499  C  C   . GLU A 1 68 ? 19.301  -11.632 12.852  1.00 29.27  ? 68  GLU A C   1 
ATOM   500  O  O   . GLU A 1 68 ? 19.635  -12.157 11.782  1.00 30.11  ? 68  GLU A O   1 
ATOM   501  C  CB  . GLU A 1 68 ? 20.274  -9.743  14.157  1.00 20.00  ? 68  GLU A CB  1 
ATOM   502  C  CG  . GLU A 1 68 ? 20.603  -8.261  14.238  1.00 20.00  ? 68  GLU A CG  1 
ATOM   503  C  CD  . GLU A 1 68 ? 21.483  -7.924  15.427  1.00 20.00  ? 68  GLU A CD  1 
ATOM   504  O  OE1 . GLU A 1 68 ? 21.679  -8.804  16.291  1.00 20.00  ? 68  GLU A OE1 1 
ATOM   505  O  OE2 . GLU A 1 68 ? 21.975  -6.779  15.500  1.00 20.00  ? 68  GLU A OE2 1 
ATOM   506  N  N   . PRO B 1 2  ? -18.122 15.538  -3.678  1.00 21.74  ? 2   PRO B N   1 
ATOM   507  C  CA  . PRO B 1 2  ? -17.872 15.244  -5.078  1.00 21.79  ? 2   PRO B CA  1 
ATOM   508  C  C   . PRO B 1 2  ? -17.550 13.771  -5.325  1.00 21.68  ? 2   PRO B C   1 
ATOM   509  O  O   . PRO B 1 2  ? -17.129 13.067  -4.413  1.00 21.45  ? 2   PRO B O   1 
ATOM   510  C  CB  . PRO B 1 2  ? -16.656 16.117  -5.387  1.00 21.76  ? 2   PRO B CB  1 
ATOM   511  C  CG  . PRO B 1 2  ? -16.851 17.351  -4.494  1.00 22.04  ? 2   PRO B CG  1 
ATOM   512  C  CD  . PRO B 1 2  ? -17.805 16.942  -3.363  1.00 22.02  ? 2   PRO B CD  1 
ATOM   513  N  N   . LYS B 1 3  ? -17.755 13.331  -6.562  1.00 21.84  ? 3   LYS B N   1 
ATOM   514  C  CA  . LYS B 1 3  ? -17.561 11.945  -6.962  1.00 22.05  ? 3   LYS B CA  1 
ATOM   515  C  C   . LYS B 1 3  ? -16.343 11.835  -7.882  1.00 21.93  ? 3   LYS B C   1 
ATOM   516  O  O   . LYS B 1 3  ? -16.375 12.306  -9.023  1.00 21.31  ? 3   LYS B O   1 
ATOM   517  C  CB  . LYS B 1 3  ? -18.823 11.435  -7.660  1.00 22.40  ? 3   LYS B CB  1 
ATOM   518  C  CG  . LYS B 1 3  ? -20.032 11.324  -6.732  1.00 23.94  ? 3   LYS B CG  1 
ATOM   519  C  CD  . LYS B 1 3  ? -21.346 11.106  -7.497  1.00 26.17  ? 3   LYS B CD  1 
ATOM   520  C  CE  . LYS B 1 3  ? -22.432 10.606  -6.552  1.00 27.92  ? 3   LYS B CE  1 
ATOM   521  N  NZ  . LYS B 1 3  ? -23.766 10.424  -7.215  1.00 30.36  ? 3   LYS B NZ  1 
ATOM   522  N  N   . HIS B 1 4  ? -15.280 11.221  -7.361  1.00 21.67  ? 4   HIS B N   1 
ATOM   523  C  CA  . HIS B 1 4  ? -13.991 11.096  -8.052  1.00 21.62  ? 4   HIS B CA  1 
ATOM   524  C  C   . HIS B 1 4  ? -13.759 9.669   -8.514  1.00 21.86  ? 4   HIS B C   1 
ATOM   525  O  O   . HIS B 1 4  ? -14.236 8.720   -7.884  1.00 22.72  ? 4   HIS B O   1 
ATOM   526  C  CB  . HIS B 1 4  ? -12.843 11.472  -7.113  1.00 21.13  ? 4   HIS B CB  1 
ATOM   527  C  CG  . HIS B 1 4  ? -12.849 12.904  -6.681  1.00 20.74  ? 4   HIS B CG  1 
ATOM   528  N  ND1 . HIS B 1 4  ? -12.358 13.924  -7.469  1.00 19.51  ? 4   HIS B ND1 1 
ATOM   529  C  CD2 . HIS B 1 4  ? -13.265 13.486  -5.529  1.00 21.24  ? 4   HIS B CD2 1 
ATOM   530  C  CE1 . HIS B 1 4  ? -12.484 15.073  -6.829  1.00 20.48  ? 4   HIS B CE1 1 
ATOM   531  N  NE2 . HIS B 1 4  ? -13.028 14.836  -5.648  1.00 20.95  ? 4   HIS B NE2 1 
ATOM   532  N  N   . GLU B 1 5  ? -13.004 9.508   -9.598  1.00 21.02  ? 5   GLU B N   1 
ATOM   533  C  CA  . GLU B 1 5  ? -12.640 8.179   -10.072 1.00 20.70  ? 5   GLU B CA  1 
ATOM   534  C  C   . GLU B 1 5  ? -11.136 8.103   -10.294 1.00 19.57  ? 5   GLU B C   1 
ATOM   535  O  O   . GLU B 1 5  ? -10.547 9.016   -10.872 1.00 19.24  ? 5   GLU B O   1 
ATOM   536  C  CB  . GLU B 1 5  ? -13.385 7.833   -11.366 1.00 20.89  ? 5   GLU B CB  1 
ATOM   537  C  CG  . GLU B 1 5  ? -14.864 8.138   -11.293 1.00 24.28  ? 5   GLU B CG  1 
ATOM   538  C  CD  . GLU B 1 5  ? -15.609 7.861   -12.584 1.00 27.37  ? 5   GLU B CD  1 
ATOM   539  O  OE1 . GLU B 1 5  ? -14.965 7.564   -13.618 1.00 27.55  ? 5   GLU B OE1 1 
ATOM   540  O  OE2 . GLU B 1 5  ? -16.853 7.953   -12.550 1.00 30.34  ? 5   GLU B OE2 1 
ATOM   541  N  N   . PHE B 1 6  ? -10.539 6.999   -9.853  1.00 18.56  ? 6   PHE B N   1 
ATOM   542  C  CA  . PHE B 1 6  ? -9.103  6.792   -9.930  1.00 18.43  ? 6   PHE B CA  1 
ATOM   543  C  C   . PHE B 1 6  ? -8.799  5.468   -10.586 1.00 18.81  ? 6   PHE B C   1 
ATOM   544  O  O   . PHE B 1 6  ? -9.566  4.513   -10.442 1.00 19.13  ? 6   PHE B O   1 
ATOM   545  C  CB  . PHE B 1 6  ? -8.482  6.790   -8.528  1.00 17.74  ? 6   PHE B CB  1 
ATOM   546  C  CG  . PHE B 1 6  ? -8.467  8.135   -7.872  1.00 18.27  ? 6   PHE B CG  1 
ATOM   547  C  CD1 . PHE B 1 6  ? -9.573  8.581   -7.144  1.00 17.77  ? 6   PHE B CD1 1 
ATOM   548  C  CD2 . PHE B 1 6  ? -7.348  8.964   -7.979  1.00 18.85  ? 6   PHE B CD2 1 
ATOM   549  C  CE1 . PHE B 1 6  ? -9.562  9.838   -6.528  1.00 18.40  ? 6   PHE B CE1 1 
ATOM   550  C  CE2 . PHE B 1 6  ? -7.325  10.231  -7.366  1.00 18.68  ? 6   PHE B CE2 1 
ATOM   551  C  CZ  . PHE B 1 6  ? -8.437  10.668  -6.642  1.00 17.69  ? 6   PHE B CZ  1 
ATOM   552  N  N   . SER B 1 7  ? -7.690  5.402   -11.314 1.00 18.67  ? 7   SER B N   1 
ATOM   553  C  CA  . SER B 1 7  ? -7.191  4.110   -11.737 1.00 19.27  ? 7   SER B CA  1 
ATOM   554  C  C   . SER B 1 7  ? -6.144  3.701   -10.711 1.00 19.21  ? 7   SER B C   1 
ATOM   555  O  O   . SER B 1 7  ? -5.327  4.523   -10.295 1.00 19.75  ? 7   SER B O   1 
ATOM   556  C  CB  . SER B 1 7  ? -6.623  4.136   -13.153 1.00 18.89  ? 7   SER B CB  1 
ATOM   557  O  OG  . SER B 1 7  ? -5.415  4.858   -13.186 1.00 22.35  ? 7   SER B OG  1 
ATOM   558  N  N   . VAL B 1 8  ? -6.230  2.460   -10.247 1.00 19.12  ? 8   VAL B N   1 
ATOM   559  C  CA  . VAL B 1 8  ? -5.274  1.914   -9.285  1.00 19.07  ? 8   VAL B CA  1 
ATOM   560  C  C   . VAL B 1 8  ? -4.885  0.545   -9.820  1.00 19.86  ? 8   VAL B C   1 
ATOM   561  O  O   . VAL B 1 8  ? -5.753  -0.290  -10.076 1.00 19.56  ? 8   VAL B O   1 
ATOM   562  C  CB  . VAL B 1 8  ? -5.849  1.790   -7.849  1.00 18.86  ? 8   VAL B CB  1 
ATOM   563  C  CG1 . VAL B 1 8  ? -4.756  1.362   -6.873  1.00 17.63  ? 8   VAL B CG1 1 
ATOM   564  C  CG2 . VAL B 1 8  ? -6.455  3.107   -7.379  1.00 17.90  ? 8   VAL B CG2 1 
ATOM   565  N  N   . ASP B 1 9  ? -3.587  0.335   -10.019 1.00 20.05  ? 9   ASP B N   1 
ATOM   566  C  CA  . ASP B 1 9  ? -3.093  -0.896  -10.604 1.00 21.44  ? 9   ASP B CA  1 
ATOM   567  C  C   . ASP B 1 9  ? -3.121  -2.050  -9.591  1.00 21.47  ? 9   ASP B C   1 
ATOM   568  O  O   . ASP B 1 9  ? -2.093  -2.404  -9.003  1.00 22.30  ? 9   ASP B O   1 
ATOM   569  C  CB  . ASP B 1 9  ? -1.679  -0.681  -11.157 1.00 21.80  ? 9   ASP B CB  1 
ATOM   570  C  CG  . ASP B 1 9  ? -1.216  -1.824  -12.033 1.00 24.24  ? 9   ASP B CG  1 
ATOM   571  O  OD1 . ASP B 1 9  ? -0.637  -1.560  -13.100 1.00 28.14  ? 9   ASP B OD1 1 
ATOM   572  O  OD2 . ASP B 1 9  ? -1.443  -2.997  -11.677 1.00 28.43  ? 9   ASP B OD2 1 
ATOM   573  N  N   . MET B 1 10 ? -4.309  -2.614  -9.387  1.00 21.02  ? 10  MET B N   1 
ATOM   574  C  CA  . MET B 1 10 ? -4.520  -3.740  -8.497  1.00 20.44  ? 10  MET B CA  1 
ATOM   575  C  C   . MET B 1 10 ? -4.578  -4.997  -9.354  1.00 21.02  ? 10  MET B C   1 
ATOM   576  O  O   . MET B 1 10 ? -5.228  -5.008  -10.412 1.00 20.50  ? 10  MET B O   1 
ATOM   577  C  CB  . MET B 1 10 ? -5.849  -3.585  -7.765  1.00 20.64  ? 10  MET B CB  1 
ATOM   578  C  CG  . MET B 1 10 ? -6.030  -2.282  -6.985  1.00 20.12  ? 10  MET B CG  1 
ATOM   579  S  SD  . MET B 1 10 ? -7.772  -2.024  -6.590  1.00 21.92  ? 10  MET B SD  1 
ATOM   580  C  CE  . MET B 1 10 ? -8.432  -1.592  -8.196  1.00 19.48  ? 10  MET B CE  1 
ATOM   581  N  N   . THR B 1 11 ? -3.912  -6.059  -8.906  1.00 20.82  ? 11  THR B N   1 
ATOM   582  C  CA  . THR B 1 11 ? -3.880  -7.281  -9.702  1.00 21.54  ? 11  THR B CA  1 
ATOM   583  C  C   . THR B 1 11 ? -4.544  -8.477  -9.016  1.00 21.15  ? 11  THR B C   1 
ATOM   584  O  O   . THR B 1 11 ? -4.984  -9.406  -9.682  1.00 21.72  ? 11  THR B O   1 
ATOM   585  C  CB  . THR B 1 11 ? -2.451  -7.607  -10.246 1.00 21.71  ? 11  THR B CB  1 
ATOM   586  O  OG1 . THR B 1 11 ? -1.497  -7.583  -9.183  1.00 22.89  ? 11  THR B OG1 1 
ATOM   587  C  CG2 . THR B 1 11 ? -2.036  -6.573  -11.293 1.00 22.27  ? 11  THR B CG2 1 
ATOM   588  N  N   . CYS B 1 12 ? -4.653  -8.442  -7.693  1.00 20.64  ? 12  CYS B N   1 
ATOM   589  C  CA  . CYS B 1 12 ? -5.337  -9.522  -6.978  1.00 19.96  ? 12  CYS B CA  1 
ATOM   590  C  C   . CYS B 1 12 ? -6.293  -8.960  -5.936  1.00 18.42  ? 12  CYS B C   1 
ATOM   591  O  O   . CYS B 1 12 ? -6.323  -7.761  -5.704  1.00 17.85  ? 12  CYS B O   1 
ATOM   592  C  CB  . CYS B 1 12 ? -4.340  -10.516 -6.356  1.00 19.94  ? 12  CYS B CB  1 
ATOM   593  S  SG  . CYS B 1 12 ? -3.580  -9.978  -4.793  1.00 23.00  ? 12  CYS B SG  1 
ATOM   594  N  N   . GLY B 1 13 ? -7.074  -9.840  -5.322  1.00 17.71  ? 13  GLY B N   1 
ATOM   595  C  CA  . GLY B 1 13 ? -7.989  -9.450  -4.256  1.00 17.01  ? 13  GLY B CA  1 
ATOM   596  C  C   . GLY B 1 13 ? -7.269  -8.822  -3.074  1.00 16.58  ? 13  GLY B C   1 
ATOM   597  O  O   . GLY B 1 13 ? -7.782  -7.888  -2.470  1.00 16.32  ? 13  GLY B O   1 
ATOM   598  N  N   . GLY B 1 14 ? -6.086  -9.344  -2.740  1.00 16.48  ? 14  GLY B N   1 
ATOM   599  C  CA  . GLY B 1 14 ? -5.217  -8.724  -1.719  1.00 16.59  ? 14  GLY B CA  1 
ATOM   600  C  C   . GLY B 1 14 ? -4.914  -7.244  -1.969  1.00 16.81  ? 14  GLY B C   1 
ATOM   601  O  O   . GLY B 1 14 ? -4.832  -6.457  -1.016  1.00 16.76  ? 14  GLY B O   1 
ATOM   602  N  N   . CYS B 1 15 ? -4.744  -6.871  -3.245  1.00 16.35  ? 15  CYS B N   1 
ATOM   603  C  CA  . CYS B 1 15 ? -4.506  -5.479  -3.648  1.00 16.83  ? 15  CYS B CA  1 
ATOM   604  C  C   . CYS B 1 15 ? -5.755  -4.612  -3.415  1.00 16.85  ? 15  CYS B C   1 
ATOM   605  O  O   . CYS B 1 15 ? -5.662  -3.466  -2.955  1.00 17.57  ? 15  CYS B O   1 
ATOM   606  C  CB  . CYS B 1 15 ? -4.085  -5.394  -5.125  1.00 16.62  ? 15  CYS B CB  1 
ATOM   607  S  SG  . CYS B 1 15 ? -2.534  -6.243  -5.570  1.00 19.73  ? 15  CYS B SG  1 
ATOM   608  N  N   . ALA B 1 16 ? -6.923  -5.163  -3.741  1.00 16.36  ? 16  ALA B N   1 
ATOM   609  C  CA  . ALA B 1 16 ? -8.200  -4.493  -3.459  1.00 16.32  ? 16  ALA B CA  1 
ATOM   610  C  C   . ALA B 1 16 ? -8.442  -4.280  -1.956  1.00 15.94  ? 16  ALA B C   1 
ATOM   611  O  O   . ALA B 1 16 ? -8.992  -3.247  -1.547  1.00 15.34  ? 16  ALA B O   1 
ATOM   612  C  CB  . ALA B 1 16 ? -9.358  -5.260  -4.098  1.00 15.30  ? 16  ALA B CB  1 
ATOM   613  N  N   . GLU B 1 17 ? -8.028  -5.253  -1.140  1.00 16.10  ? 17  GLU B N   1 
ATOM   614  C  CA  . GLU B 1 17 ? -8.184  -5.143  0.311   1.00 16.64  ? 17  GLU B CA  1 
ATOM   615  C  C   . GLU B 1 17 ? -7.313  -4.021  0.865   1.00 16.62  ? 17  GLU B C   1 
ATOM   616  O  O   . GLU B 1 17 ? -7.750  -3.264  1.723   1.00 16.89  ? 17  GLU B O   1 
ATOM   617  C  CB  . GLU B 1 17 ? -7.842  -6.459  1.014   1.00 16.77  ? 17  GLU B CB  1 
ATOM   618  C  CG  . GLU B 1 17 ? -8.845  -7.585  0.780   1.00 18.19  ? 17  GLU B CG  1 
ATOM   619  C  CD  . GLU B 1 17 ? -8.387  -8.906  1.378   1.00 19.28  ? 17  GLU B CD  1 
ATOM   620  O  OE1 . GLU B 1 17 ? -7.280  -8.967  1.944   1.00 21.39  ? 17  GLU B OE1 1 
ATOM   621  O  OE2 . GLU B 1 17 ? -9.131  -9.890  1.280   1.00 19.84  ? 17  GLU B OE2 1 
ATOM   622  N  N   . ALA B 1 18 ? -6.087  -3.921  0.353   1.00 17.06  ? 18  ALA B N   1 
ATOM   623  C  CA  . ALA B 1 18 ? -5.134  -2.899  0.773   1.00 17.64  ? 18  ALA B CA  1 
ATOM   624  C  C   . ALA B 1 18 ? -5.668  -1.486  0.504   1.00 18.09  ? 18  ALA B C   1 
ATOM   625  O  O   . ALA B 1 18 ? -5.564  -0.596  1.357   1.00 18.75  ? 18  ALA B O   1 
ATOM   626  C  CB  . ALA B 1 18 ? -3.793  -3.112  0.070   1.00 17.61  ? 18  ALA B CB  1 
ATOM   627  N  N   . VAL B 1 19 ? -6.226  -1.293  -0.687  1.00 17.87  ? 19  VAL B N   1 
ATOM   628  C  CA  . VAL B 1 19 ? -6.905  -0.052  -1.049  1.00 18.04  ? 19  VAL B CA  1 
ATOM   629  C  C   . VAL B 1 19 ? -8.056  0.214   -0.069  1.00 17.97  ? 19  VAL B C   1 
ATOM   630  O  O   . VAL B 1 19 ? -8.173  1.309   0.479   1.00 18.18  ? 19  VAL B O   1 
ATOM   631  C  CB  . VAL B 1 19 ? -7.434  -0.112  -2.500  1.00 17.91  ? 19  VAL B CB  1 
ATOM   632  C  CG1 . VAL B 1 19 ? -8.352  1.087   -2.800  1.00 18.49  ? 19  VAL B CG1 1 
ATOM   633  C  CG2 . VAL B 1 19 ? -6.261  -0.156  -3.490  1.00 18.46  ? 19  VAL B CG2 1 
ATOM   634  N  N   . SER B 1 20 ? -8.883  -0.802  0.167   1.00 17.59  ? 20  SER B N   1 
ATOM   635  C  CA  . SER B 1 20 ? -9.947  -0.698  1.150   1.00 17.82  ? 20  SER B CA  1 
ATOM   636  C  C   . SER B 1 20 ? -9.430  -0.268  2.535   1.00 18.21  ? 20  SER B C   1 
ATOM   637  O  O   . SER B 1 20 ? -10.026 0.605   3.169   1.00 18.46  ? 20  SER B O   1 
ATOM   638  C  CB  . SER B 1 20 ? -10.722 -2.011  1.258   1.00 17.60  ? 20  SER B CB  1 
ATOM   639  O  OG  . SER B 1 20 ? -11.568 -1.967  2.382   1.00 16.72  ? 20  SER B OG  1 
ATOM   640  N  N   . ARG B 1 21 ? -8.330  -0.871  2.993   1.00 18.22  ? 21  ARG B N   1 
ATOM   641  C  CA  . ARG B 1 21 ? -7.775  -0.554  4.313   1.00 18.48  ? 21  ARG B CA  1 
ATOM   642  C  C   . ARG B 1 21 ? -7.282  0.890   4.426   1.00 18.70  ? 21  ARG B C   1 
ATOM   643  O  O   . ARG B 1 21 ? -7.509  1.539   5.450   1.00 18.64  ? 21  ARG B O   1 
ATOM   644  C  CB  . ARG B 1 21 ? -6.655  -1.530  4.718   1.00 18.49  ? 21  ARG B CB  1 
ATOM   645  C  CG  . ARG B 1 21 ? -7.140  -2.931  5.078   1.00 19.80  ? 21  ARG B CG  1 
ATOM   646  C  CD  . ARG B 1 21 ? -6.066  -3.691  5.881   1.00 21.09  ? 21  ARG B CD  1 
ATOM   647  N  NE  . ARG B 1 21 ? -6.362  -5.119  6.008   1.00 22.35  ? 21  ARG B NE  1 
ATOM   648  C  CZ  . ARG B 1 21 ? -6.108  -6.050  5.084   1.00 23.15  ? 21  ARG B CZ  1 
ATOM   649  N  NH1 . ARG B 1 21 ? -5.535  -5.740  3.920   1.00 22.62  ? 21  ARG B NH1 1 
ATOM   650  N  NH2 . ARG B 1 21 ? -6.428  -7.312  5.328   1.00 23.95  ? 21  ARG B NH2 1 
ATOM   651  N  N   . VAL B 1 22 ? -6.603  1.394   3.394   1.00 18.90  ? 22  VAL B N   1 
ATOM   652  C  CA  . VAL B 1 22 ? -6.103  2.785   3.442   1.00 19.23  ? 22  VAL B CA  1 
ATOM   653  C  C   . VAL B 1 22 ? -7.233  3.827   3.371   1.00 19.31  ? 22  VAL B C   1 
ATOM   654  O  O   . VAL B 1 22 ? -7.178  4.857   4.050   1.00 19.47  ? 22  VAL B O   1 
ATOM   655  C  CB  . VAL B 1 22 ? -4.961  3.080   2.423   1.00 19.20  ? 22  VAL B CB  1 
ATOM   656  C  CG1 . VAL B 1 22 ? -3.793  2.105   2.630   1.00 19.76  ? 22  VAL B CG1 1 
ATOM   657  C  CG2 . VAL B 1 22 ? -5.461  3.036   0.980   1.00 19.52  ? 22  VAL B CG2 1 
ATOM   658  N  N   . LEU B 1 23 ? -8.266  3.537   2.581   1.00 19.13  ? 23  LEU B N   1 
ATOM   659  C  CA  . LEU B 1 23 ? -9.423  4.417   2.495   1.00 19.20  ? 23  LEU B CA  1 
ATOM   660  C  C   . LEU B 1 23 ? -10.237 4.414   3.794   1.00 19.63  ? 23  LEU B C   1 
ATOM   661  O  O   . LEU B 1 23 ? -10.646 5.477   4.261   1.00 20.08  ? 23  LEU B O   1 
ATOM   662  C  CB  . LEU B 1 23 ? -10.297 4.074   1.289   1.00 19.11  ? 23  LEU B CB  1 
ATOM   663  C  CG  . LEU B 1 23 ? -9.677  4.300   -0.090  1.00 19.84  ? 23  LEU B CG  1 
ATOM   664  C  CD1 . LEU B 1 23 ? -10.649 3.895   -1.213  1.00 17.72  ? 23  LEU B CD1 1 
ATOM   665  C  CD2 . LEU B 1 23 ? -9.189  5.757   -0.264  1.00 19.73  ? 23  LEU B CD2 1 
ATOM   666  N  N   . ASN B 1 24 ? -10.456 3.236   4.379   1.00 19.41  ? 24  ASN B N   1 
ATOM   667  C  CA  . ASN B 1 24 ? -11.072 3.140   5.706   1.00 19.70  ? 24  ASN B CA  1 
ATOM   668  C  C   . ASN B 1 24 ? -10.311 3.951   6.755   1.00 19.80  ? 24  ASN B C   1 
ATOM   669  O  O   . ASN B 1 24 ? -10.922 4.633   7.579   1.00 19.92  ? 24  ASN B O   1 
ATOM   670  C  CB  . ASN B 1 24 ? -11.165 1.684   6.185   1.00 19.44  ? 24  ASN B CB  1 
ATOM   671  C  CG  . ASN B 1 24 ? -12.195 0.860   5.415   1.00 20.14  ? 24  ASN B CG  1 
ATOM   672  O  OD1 . ASN B 1 24 ? -12.233 -0.364  5.555   1.00 20.79  ? 24  ASN B OD1 1 
ATOM   673  N  ND2 . ASN B 1 24 ? -13.027 1.518   4.604   1.00 16.91  ? 24  ASN B ND2 1 
ATOM   674  N  N   . LYS B 1 25 ? -8.981  3.859   6.729   1.00 19.86  ? 25  LYS B N   1 
ATOM   675  C  CA  . LYS B 1 25 ? -8.148  4.572   7.685   1.00 20.32  ? 25  LYS B CA  1 
ATOM   676  C  C   . LYS B 1 25 ? -8.295  6.093   7.531   1.00 20.39  ? 25  LYS B C   1 
ATOM   677  O  O   . LYS B 1 25 ? -8.339  6.810   8.523   1.00 19.99  ? 25  LYS B O   1 
ATOM   678  C  CB  . LYS B 1 25 ? -6.681  4.154   7.575   1.00 20.21  ? 25  LYS B CB  1 
ATOM   679  C  CG  . LYS B 1 25 ? -5.871  4.525   8.817   1.00 22.30  ? 25  LYS B CG  1 
ATOM   680  C  CD  . LYS B 1 25 ? -4.368  4.497   8.579   1.00 24.31  ? 25  LYS B CD  1 
ATOM   681  C  CE  . LYS B 1 25 ? -3.629  4.807   9.882   1.00 26.95  ? 25  LYS B CE  1 
ATOM   682  N  NZ  . LYS B 1 25 ? -2.338  5.502   9.625   1.00 28.52  ? 25  LYS B NZ  1 
ATOM   683  N  N   . LEU B 1 26 ? -8.366  6.567   6.285   1.00 20.83  ? 26  LEU B N   1 
ATOM   684  C  CA  . LEU B 1 26 ? -8.624  7.979   5.997   1.00 20.75  ? 26  LEU B CA  1 
ATOM   685  C  C   . LEU B 1 26 ? -9.983  8.433   6.551   1.00 20.80  ? 26  LEU B C   1 
ATOM   686  O  O   . LEU B 1 26 ? -10.075 9.453   7.249   1.00 20.26  ? 26  LEU B O   1 
ATOM   687  C  CB  . LEU B 1 26 ? -8.535  8.251   4.489   1.00 20.69  ? 26  LEU B CB  1 
ATOM   688  C  CG  . LEU B 1 26 ? -8.886  9.684   4.055   1.00 21.92  ? 26  LEU B CG  1 
ATOM   689  C  CD1 . LEU B 1 26 ? -7.887  10.728  4.622   1.00 22.76  ? 26  LEU B CD1 1 
ATOM   690  C  CD2 . LEU B 1 26 ? -8.999  9.802   2.540   1.00 21.21  ? 26  LEU B CD2 1 
ATOM   691  N  N   . GLY B 1 27 ? -11.034 7.676   6.249   1.00 20.73  ? 27  GLY B N   1 
ATOM   692  C  CA  . GLY B 1 27 ? -12.373 8.024   6.733   1.00 20.66  ? 27  GLY B CA  1 
ATOM   693  C  C   . GLY B 1 27 ? -13.006 9.108   5.875   1.00 20.69  ? 27  GLY B C   1 
ATOM   694  O  O   . GLY B 1 27 ? -12.364 9.647   4.977   1.00 20.72  ? 27  GLY B O   1 
ATOM   695  N  N   . GLY B 1 28 ? -14.273 9.419   6.142   1.00 20.76  ? 28  GLY B N   1 
ATOM   696  C  CA  . GLY B 1 28 ? -15.023 10.404  5.357   1.00 20.64  ? 28  GLY B CA  1 
ATOM   697  C  C   . GLY B 1 28 ? -15.084 10.072  3.871   1.00 20.71  ? 28  GLY B C   1 
ATOM   698  O  O   . GLY B 1 28 ? -14.998 10.975  3.033   1.00 20.42  ? 28  GLY B O   1 
ATOM   699  N  N   . VAL B 1 29 ? -15.200 8.778   3.555   1.00 20.46  ? 29  VAL B N   1 
ATOM   700  C  CA  . VAL B 1 29 ? -15.248 8.289   2.165   1.00 21.00  ? 29  VAL B CA  1 
ATOM   701  C  C   . VAL B 1 29 ? -16.340 7.246   1.920   1.00 21.51  ? 29  VAL B C   1 
ATOM   702  O  O   . VAL B 1 29 ? -16.649 6.421   2.781   1.00 21.64  ? 29  VAL B O   1 
ATOM   703  C  CB  . VAL B 1 29 ? -13.885 7.683   1.672   1.00 20.83  ? 29  VAL B CB  1 
ATOM   704  C  CG1 . VAL B 1 29 ? -12.840 8.779   1.451   1.00 19.96  ? 29  VAL B CG1 1 
ATOM   705  C  CG2 . VAL B 1 29 ? -13.367 6.598   2.621   1.00 20.71  ? 29  VAL B CG2 1 
ATOM   706  N  N   . LYS B 1 30 ? -16.920 7.306   0.730   1.00 21.98  ? 30  LYS B N   1 
ATOM   707  C  CA  . LYS B 1 30 ? -17.815 6.274   0.241   1.00 22.14  ? 30  LYS B CA  1 
ATOM   708  C  C   . LYS B 1 30 ? -17.167 5.805   -1.062  1.00 21.84  ? 30  LYS B C   1 
ATOM   709  O  O   . LYS B 1 30 ? -16.938 6.613   -1.969  1.00 22.47  ? 30  LYS B O   1 
ATOM   710  C  CB  . LYS B 1 30 ? -19.203 6.865   0.006   1.00 22.61  ? 30  LYS B CB  1 
ATOM   711  C  CG  . LYS B 1 30 ? -20.234 5.913   -0.597  1.00 25.01  ? 30  LYS B CG  1 
ATOM   712  C  CD  . LYS B 1 30 ? -21.557 6.655   -0.847  1.00 28.51  ? 30  LYS B CD  1 
ATOM   713  C  CE  . LYS B 1 30 ? -22.557 5.761   -1.569  1.00 30.37  ? 30  LYS B CE  1 
ATOM   714  N  NZ  . LYS B 1 30 ? -23.863 6.443   -1.764  1.00 31.92  ? 30  LYS B NZ  1 
ATOM   715  N  N   . TYR B 1 31 ? -16.818 4.525   -1.137  1.00 20.74  ? 31  TYR B N   1 
ATOM   716  C  CA  . TYR B 1 31 ? -16.034 4.038   -2.262  1.00 20.23  ? 31  TYR B CA  1 
ATOM   717  C  C   . TYR B 1 31 ? -16.499 2.694   -2.793  1.00 20.45  ? 31  TYR B C   1 
ATOM   718  O  O   . TYR B 1 31 ? -17.167 1.911   -2.102  1.00 19.44  ? 31  TYR B O   1 
ATOM   719  C  CB  . TYR B 1 31 ? -14.530 3.971   -1.912  1.00 19.68  ? 31  TYR B CB  1 
ATOM   720  C  CG  . TYR B 1 31 ? -14.193 2.998   -0.811  1.00 19.21  ? 31  TYR B CG  1 
ATOM   721  C  CD1 . TYR B 1 31 ? -14.167 3.407   0.523   1.00 17.96  ? 31  TYR B CD1 1 
ATOM   722  C  CD2 . TYR B 1 31 ? -13.913 1.656   -1.097  1.00 19.16  ? 31  TYR B CD2 1 
ATOM   723  C  CE1 . TYR B 1 31 ? -13.864 2.507   1.542   1.00 18.41  ? 31  TYR B CE1 1 
ATOM   724  C  CE2 . TYR B 1 31 ? -13.601 0.747   -0.077  1.00 16.94  ? 31  TYR B CE2 1 
ATOM   725  C  CZ  . TYR B 1 31 ? -13.573 1.183   1.230   1.00 17.20  ? 31  TYR B CZ  1 
ATOM   726  O  OH  . TYR B 1 31 ? -13.273 0.295   2.232   1.00 16.21  ? 31  TYR B OH  1 
ATOM   727  N  N   . ASP B 1 32 ? -16.116 2.429   -4.034  1.00 20.69  ? 32  ASP B N   1 
ATOM   728  C  CA  . ASP B 1 32 ? -16.302 1.114   -4.601  1.00 21.19  ? 32  ASP B CA  1 
ATOM   729  C  C   . ASP B 1 32 ? -15.114 0.809   -5.493  1.00 20.54  ? 32  ASP B C   1 
ATOM   730  O  O   . ASP B 1 32 ? -14.610 1.683   -6.217  1.00 20.44  ? 32  ASP B O   1 
ATOM   731  C  CB  . ASP B 1 32 ? -17.661 0.971   -5.307  1.00 21.92  ? 32  ASP B CB  1 
ATOM   732  C  CG  . ASP B 1 32 ? -17.607 1.348   -6.752  1.00 25.21  ? 32  ASP B CG  1 
ATOM   733  O  OD1 . ASP B 1 32 ? -17.268 0.485   -7.601  1.00 27.13  ? 32  ASP B OD1 1 
ATOM   734  O  OD2 . ASP B 1 32 ? -17.901 2.523   -7.037  1.00 30.20  ? 32  ASP B OD2 1 
ATOM   735  N  N   . ILE B 1 33 ? -14.670 -0.438  -5.402  1.00 19.48  ? 33  ILE B N   1 
ATOM   736  C  CA  . ILE B 1 33 ? -13.448 -0.896  -6.024  1.00 18.92  ? 33  ILE B CA  1 
ATOM   737  C  C   . ILE B 1 33 ? -13.803 -1.923  -7.094  1.00 18.90  ? 33  ILE B C   1 
ATOM   738  O  O   . ILE B 1 33 ? -14.384 -2.972  -6.788  1.00 19.08  ? 33  ILE B O   1 
ATOM   739  C  CB  . ILE B 1 33 ? -12.495 -1.534  -4.973  1.00 19.18  ? 33  ILE B CB  1 
ATOM   740  C  CG1 . ILE B 1 33 ? -12.072 -0.502  -3.910  1.00 17.89  ? 33  ILE B CG1 1 
ATOM   741  C  CG2 . ILE B 1 33 ? -11.282 -2.181  -5.652  1.00 17.90  ? 33  ILE B CG2 1 
ATOM   742  C  CD1 . ILE B 1 33 ? -11.495 -1.142  -2.622  1.00 18.69  ? 33  ILE B CD1 1 
ATOM   743  N  N   . ASP B 1 34 ? -13.478 -1.605  -8.341  1.00 18.28  ? 34  ASP B N   1 
ATOM   744  C  CA  . ASP B 1 34 ? -13.699 -2.520  -9.454  1.00 18.57  ? 34  ASP B CA  1 
ATOM   745  C  C   . ASP B 1 34 ? -12.364 -3.151  -9.836  1.00 18.46  ? 34  ASP B C   1 
ATOM   746  O  O   . ASP B 1 34 ? -11.632 -2.614  -10.689 1.00 18.57  ? 34  ASP B O   1 
ATOM   747  C  CB  . ASP B 1 34 ? -14.321 -1.777  -10.641 1.00 18.66  ? 34  ASP B CB  1 
ATOM   748  C  CG  . ASP B 1 34 ? -14.717 -2.705  -11.780 1.00 20.17  ? 34  ASP B CG  1 
ATOM   749  O  OD1 . ASP B 1 34 ? -14.430 -3.922  -11.729 1.00 21.06  ? 34  ASP B OD1 1 
ATOM   750  O  OD2 . ASP B 1 34 ? -15.334 -2.211  -12.742 1.00 20.70  ? 34  ASP B OD2 1 
ATOM   751  N  N   . LEU B 1 35 ? -12.068 -4.294  -9.214  1.00 17.56  ? 35  LEU B N   1 
ATOM   752  C  CA  . LEU B 1 35 ? -10.781 -4.988  -9.383  1.00 17.27  ? 35  LEU B CA  1 
ATOM   753  C  C   . LEU B 1 35 ? -10.375 -5.295  -10.846 1.00 16.76  ? 35  LEU B C   1 
ATOM   754  O  O   . LEU B 1 35 ? -9.294  -4.880  -11.264 1.00 16.78  ? 35  LEU B O   1 
ATOM   755  C  CB  . LEU B 1 35 ? -10.695 -6.245  -8.487  1.00 17.13  ? 35  LEU B CB  1 
ATOM   756  C  CG  . LEU B 1 35 ? -9.426  -7.123  -8.573  1.00 18.23  ? 35  LEU B CG  1 
ATOM   757  C  CD1 . LEU B 1 35 ? -8.178  -6.324  -8.184  1.00 16.46  ? 35  LEU B CD1 1 
ATOM   758  C  CD2 . LEU B 1 35 ? -9.530  -8.378  -7.689  1.00 15.58  ? 35  LEU B CD2 1 
ATOM   759  N  N   . PRO B 1 36 ? -11.230 -5.996  -11.629 1.00 16.39  ? 36  PRO B N   1 
ATOM   760  C  CA  . PRO B 1 36 ? -10.813 -6.299  -13.011 1.00 16.38  ? 36  PRO B CA  1 
ATOM   761  C  C   . PRO B 1 36 ? -10.603 -5.086  -13.913 1.00 16.15  ? 36  PRO B C   1 
ATOM   762  O  O   . PRO B 1 36 ? -9.856  -5.169  -14.878 1.00 15.87  ? 36  PRO B O   1 
ATOM   763  C  CB  . PRO B 1 36 ? -11.954 -7.179  -13.564 1.00 16.35  ? 36  PRO B CB  1 
ATOM   764  C  CG  . PRO B 1 36 ? -13.095 -6.976  -12.644 1.00 17.40  ? 36  PRO B CG  1 
ATOM   765  C  CD  . PRO B 1 36 ? -12.528 -6.611  -11.297 1.00 16.28  ? 36  PRO B CD  1 
ATOM   766  N  N   . ASN B 1 37 ? -11.258 -3.972  -13.616 1.00 16.30  ? 37  ASN B N   1 
ATOM   767  C  CA  . ASN B 1 37 ? -11.050 -2.754  -14.399 1.00 16.29  ? 37  ASN B CA  1 
ATOM   768  C  C   . ASN B 1 37 ? -10.065 -1.779  -13.762 1.00 16.22  ? 37  ASN B C   1 
ATOM   769  O  O   . ASN B 1 37 ? -9.823  -0.704  -14.299 1.00 16.06  ? 37  ASN B O   1 
ATOM   770  C  CB  . ASN B 1 37 ? -12.390 -2.091  -14.721 1.00 16.08  ? 37  ASN B CB  1 
ATOM   771  C  CG  . ASN B 1 37 ? -13.245 -2.959  -15.627 1.00 16.60  ? 37  ASN B CG  1 
ATOM   772  O  OD1 . ASN B 1 37 ? -12.791 -3.367  -16.692 1.00 17.15  ? 37  ASN B OD1 1 
ATOM   773  N  ND2 . ASN B 1 37 ? -14.469 -3.271  -15.199 1.00 14.58  ? 37  ASN B ND2 1 
ATOM   774  N  N   . LYS B 1 38 ? -9.492  -2.168  -12.627 1.00 16.44  ? 38  LYS B N   1 
ATOM   775  C  CA  . LYS B 1 38 ? -8.479  -1.360  -11.933 1.00 17.93  ? 38  LYS B CA  1 
ATOM   776  C  C   . LYS B 1 38 ? -8.960  0.065   -11.663 1.00 18.48  ? 38  LYS B C   1 
ATOM   777  O  O   . LYS B 1 38 ? -8.222  1.035   -11.908 1.00 18.75  ? 38  LYS B O   1 
ATOM   778  C  CB  . LYS B 1 38 ? -7.160  -1.322  -12.738 1.00 18.01  ? 38  LYS B CB  1 
ATOM   779  C  CG  . LYS B 1 38 ? -6.513  -2.695  -12.979 1.00 18.88  ? 38  LYS B CG  1 
ATOM   780  C  CD  . LYS B 1 38 ? -5.207  -2.541  -13.737 1.00 20.53  ? 38  LYS B CD  1 
ATOM   781  C  CE  . LYS B 1 38 ? -4.336  -3.779  -13.612 1.00 23.64  ? 38  LYS B CE  1 
ATOM   782  N  NZ  . LYS B 1 38 ? -4.871  -4.898  -14.422 1.00 26.75  ? 38  LYS B NZ  1 
ATOM   783  N  N   . LYS B 1 39 ? -10.197 0.186   -11.184 1.00 19.06  ? 39  LYS B N   1 
ATOM   784  C  CA  . LYS B 1 39 ? -10.831 1.483   -10.949 1.00 19.89  ? 39  LYS B CA  1 
ATOM   785  C  C   . LYS B 1 39 ? -11.399 1.590   -9.551  1.00 19.86  ? 39  LYS B C   1 
ATOM   786  O  O   . LYS B 1 39 ? -12.014 0.652   -9.036  1.00 19.42  ? 39  LYS B O   1 
ATOM   787  C  CB  . LYS B 1 39 ? -11.944 1.760   -11.965 1.00 20.45  ? 39  LYS B CB  1 
ATOM   788  C  CG  . LYS B 1 39 ? -11.416 2.002   -13.351 1.00 23.51  ? 39  LYS B CG  1 
ATOM   789  C  CD  . LYS B 1 39 ? -12.511 2.311   -14.357 1.00 28.09  ? 39  LYS B CD  1 
ATOM   790  C  CE  . LYS B 1 39 ? -11.894 2.454   -15.751 1.00 28.70  ? 39  LYS B CE  1 
ATOM   791  N  NZ  . LYS B 1 39 ? -12.936 2.760   -16.765 1.00 31.29  ? 39  LYS B NZ  1 
ATOM   792  N  N   . VAL B 1 40 ? -11.180 2.749   -8.942  1.00 19.60  ? 40  VAL B N   1 
ATOM   793  C  CA  . VAL B 1 40 ? -11.688 3.026   -7.609  1.00 19.78  ? 40  VAL B CA  1 
ATOM   794  C  C   . VAL B 1 40 ? -12.478 4.335   -7.699  1.00 20.22  ? 40  VAL B C   1 
ATOM   795  O  O   . VAL B 1 40 ? -11.933 5.378   -8.094  1.00 19.25  ? 40  VAL B O   1 
ATOM   796  C  CB  . VAL B 1 40 ? -10.530 3.141   -6.588  1.00 19.80  ? 40  VAL B CB  1 
ATOM   797  C  CG1 . VAL B 1 40 ? -11.061 3.457   -5.182  1.00 20.11  ? 40  VAL B CG1 1 
ATOM   798  C  CG2 . VAL B 1 40 ? -9.701  1.848   -6.574  1.00 18.98  ? 40  VAL B CG2 1 
ATOM   799  N  N   . CYS B 1 41 ? -13.770 4.260   -7.383  1.00 20.51  ? 41  CYS B N   1 
ATOM   800  C  CA  . CYS B 1 41 ? -14.619 5.450   -7.330  1.00 21.49  ? 41  CYS B CA  1 
ATOM   801  C  C   . CYS B 1 41 ? -14.781 5.868   -5.890  1.00 21.35  ? 41  CYS B C   1 
ATOM   802  O  O   . CYS B 1 41 ? -15.046 5.024   -5.030  1.00 21.73  ? 41  CYS B O   1 
ATOM   803  C  CB  . CYS B 1 41 ? -15.992 5.167   -7.936  1.00 21.50  ? 41  CYS B CB  1 
ATOM   804  S  SG  . CYS B 1 41 ? -15.907 4.784   -9.699  1.00 25.78  ? 41  CYS B SG  1 
ATOM   805  N  N   . ILE B 1 42 ? -14.629 7.166   -5.626  1.00 21.40  ? 42  ILE B N   1 
ATOM   806  C  CA  . ILE B 1 42 ? -14.681 7.693   -4.264  1.00 21.17  ? 42  ILE B CA  1 
ATOM   807  C  C   . ILE B 1 42 ? -15.525 8.955   -4.188  1.00 21.50  ? 42  ILE B C   1 
ATOM   808  O  O   . ILE B 1 42 ? -15.217 9.965   -4.838  1.00 21.53  ? 42  ILE B O   1 
ATOM   809  C  CB  . ILE B 1 42 ? -13.268 8.010   -3.691  1.00 21.01  ? 42  ILE B CB  1 
ATOM   810  C  CG1 . ILE B 1 42 ? -12.352 6.783   -3.760  1.00 20.55  ? 42  ILE B CG1 1 
ATOM   811  C  CG2 . ILE B 1 42 ? -13.385 8.548   -2.259  1.00 20.18  ? 42  ILE B CG2 1 
ATOM   812  C  CD1 . ILE B 1 42 ? -10.870 7.090   -3.560  1.00 19.55  ? 42  ILE B CD1 1 
ATOM   813  N  N   . GLU B 1 43 ? -16.585 8.899   -3.386  1.00 21.42  ? 43  GLU B N   1 
ATOM   814  C  CA  . GLU B 1 43 ? -17.356 10.100  -3.081  1.00 21.72  ? 43  GLU B CA  1 
ATOM   815  C  C   . GLU B 1 43 ? -16.912 10.594  -1.720  1.00 21.29  ? 43  GLU B C   1 
ATOM   816  O  O   . GLU B 1 43 ? -16.917 9.839   -0.754  1.00 21.77  ? 43  GLU B O   1 
ATOM   817  C  CB  . GLU B 1 43 ? -18.862 9.836   -3.098  1.00 21.98  ? 43  GLU B CB  1 
ATOM   818  C  CG  . GLU B 1 43 ? -19.679 11.112  -2.894  1.00 23.70  ? 43  GLU B CG  1 
ATOM   819  C  CD  . GLU B 1 43 ? -21.170 10.883  -2.948  1.00 26.21  ? 43  GLU B CD  1 
ATOM   820  O  OE1 . GLU B 1 43 ? -21.607 9.719   -2.833  1.00 27.08  ? 43  GLU B OE1 1 
ATOM   821  O  OE2 . GLU B 1 43 ? -21.908 11.880  -3.099  1.00 28.97  ? 43  GLU B OE2 1 
ATOM   822  N  N   . SER B 1 44 ? -16.513 11.860  -1.654  1.00 21.20  ? 44  SER B N   1 
ATOM   823  C  CA  . SER B 1 44 ? -15.877 12.406  -0.462  1.00 21.03  ? 44  SER B CA  1 
ATOM   824  C  C   . SER B 1 44 ? -15.913 13.921  -0.478  1.00 21.35  ? 44  SER B C   1 
ATOM   825  O  O   . SER B 1 44 ? -16.004 14.543  -1.542  1.00 21.51  ? 44  SER B O   1 
ATOM   826  C  CB  . SER B 1 44 ? -14.413 11.950  -0.395  1.00 20.83  ? 44  SER B CB  1 
ATOM   827  O  OG  . SER B 1 44 ? -13.844 12.233  0.868   1.00 19.98  ? 44  SER B OG  1 
ATOM   828  N  N   . GLU B 1 45 ? -15.833 14.506  0.713   1.00 21.42  ? 45  GLU B N   1 
ATOM   829  C  CA  . GLU B 1 45 ? -15.536 15.922  0.842   1.00 21.62  ? 45  GLU B CA  1 
ATOM   830  C  C   . GLU B 1 45 ? -14.030 16.173  0.860   1.00 21.23  ? 45  GLU B C   1 
ATOM   831  O  O   . GLU B 1 45 ? -13.595 17.316  0.728   1.00 21.33  ? 45  GLU B O   1 
ATOM   832  C  CB  . GLU B 1 45 ? -16.212 16.522  2.078   1.00 21.68  ? 45  GLU B CB  1 
ATOM   833  C  CG  . GLU B 1 45 ? -17.733 16.624  1.954   1.00 23.56  ? 45  GLU B CG  1 
ATOM   834  C  CD  . GLU B 1 45 ? -18.183 17.365  0.701   1.00 25.58  ? 45  GLU B CD  1 
ATOM   835  O  OE1 . GLU B 1 45 ? -17.522 18.345  0.306   1.00 27.74  ? 45  GLU B OE1 1 
ATOM   836  O  OE2 . GLU B 1 45 ? -19.204 16.970  0.103   1.00 27.71  ? 45  GLU B OE2 1 
ATOM   837  N  N   . HIS B 1 46 ? -13.237 15.109  1.012   1.00 20.54  ? 46  HIS B N   1 
ATOM   838  C  CA  . HIS B 1 46 ? -11.780 15.222  0.923   1.00 20.15  ? 46  HIS B CA  1 
ATOM   839  C  C   . HIS B 1 46 ? -11.351 15.702  -0.463  1.00 19.81  ? 46  HIS B C   1 
ATOM   840  O  O   . HIS B 1 46 ? -11.935 15.302  -1.470  1.00 19.58  ? 46  HIS B O   1 
ATOM   841  C  CB  . HIS B 1 46 ? -11.097 13.893  1.272   1.00 20.02  ? 46  HIS B CB  1 
ATOM   842  C  CG  . HIS B 1 46 ? -11.169 13.552  2.726   1.00 21.17  ? 46  HIS B CG  1 
ATOM   843  N  ND1 . HIS B 1 46 ? -11.794 12.416  3.198   1.00 21.62  ? 46  HIS B ND1 1 
ATOM   844  C  CD2 . HIS B 1 46 ? -10.724 14.217  3.817   1.00 20.90  ? 46  HIS B CD2 1 
ATOM   845  C  CE1 . HIS B 1 46 ? -11.719 12.393  4.515   1.00 20.55  ? 46  HIS B CE1 1 
ATOM   846  N  NE2 . HIS B 1 46 ? -11.074 13.472  4.917   1.00 22.49  ? 46  HIS B NE2 1 
ATOM   847  N  N   . SER B 1 47 ? -10.339 16.567  -0.506  1.00 19.43  ? 47  SER B N   1 
ATOM   848  C  CA  . SER B 1 47 ? -9.814  17.077  -1.772  1.00 19.55  ? 47  SER B CA  1 
ATOM   849  C  C   . SER B 1 47 ? -9.290  15.948  -2.659  1.00 19.65  ? 47  SER B C   1 
ATOM   850  O  O   . SER B 1 47 ? -8.938  14.866  -2.176  1.00 19.65  ? 47  SER B O   1 
ATOM   851  C  CB  . SER B 1 47 ? -8.682  18.073  -1.523  1.00 19.62  ? 47  SER B CB  1 
ATOM   852  O  OG  . SER B 1 47 ? -7.596  17.415  -0.887  1.00 18.79  ? 47  SER B OG  1 
ATOM   853  N  N   . MET B 1 48 ? -9.240  16.206  -3.961  1.00 19.70  ? 48  MET B N   1 
ATOM   854  C  CA  . MET B 1 48 ? -8.616  15.273  -4.886  1.00 19.57  ? 48  MET B CA  1 
ATOM   855  C  C   . MET B 1 48 ? -7.185  14.952  -4.442  1.00 19.76  ? 48  MET B C   1 
ATOM   856  O  O   . MET B 1 48 ? -6.774  13.789  -4.474  1.00 19.80  ? 48  MET B O   1 
ATOM   857  C  CB  . MET B 1 48 ? -8.666  15.828  -6.317  1.00 20.12  ? 48  MET B CB  1 
ATOM   858  C  CG  . MET B 1 48 ? -8.061  14.920  -7.384  1.00 19.32  ? 48  MET B CG  1 
ATOM   859  S  SD  . MET B 1 48 ? -6.280  15.185  -7.450  1.00 21.62  ? 48  MET B SD  1 
ATOM   860  C  CE  . MET B 1 48 ? -5.827  14.220  -8.895  1.00 20.29  ? 48  MET B CE  1 
ATOM   861  N  N   . ASP B 1 49 ? -6.442  15.975  -4.013  1.00 19.33  ? 49  ASP B N   1 
ATOM   862  C  CA  . ASP B 1 49 ? -5.057  15.811  -3.546  1.00 19.55  ? 49  ASP B CA  1 
ATOM   863  C  C   . ASP B 1 49 ? -4.945  14.773  -2.427  1.00 19.48  ? 49  ASP B C   1 
ATOM   864  O  O   . ASP B 1 49 ? -4.079  13.888  -2.468  1.00 19.27  ? 49  ASP B O   1 
ATOM   865  C  CB  . ASP B 1 49 ? -4.486  17.152  -3.049  1.00 19.67  ? 49  ASP B CB  1 
ATOM   866  C  CG  . ASP B 1 49 ? -4.781  18.303  -4.000  1.00 20.52  ? 49  ASP B CG  1 
ATOM   867  O  OD1 . ASP B 1 49 ? -3.832  18.815  -4.626  1.00 19.73  ? 49  ASP B OD1 1 
ATOM   868  O  OD2 . ASP B 1 49 ? -5.973  18.675  -4.147  1.00 22.41  ? 49  ASP B OD2 1 
ATOM   869  N  N   . THR B 1 50 ? -5.832  14.884  -1.441  1.00 19.18  ? 50  THR B N   1 
ATOM   870  C  CA  . THR B 1 50 ? -5.826  13.996  -0.283  1.00 19.17  ? 50  THR B CA  1 
ATOM   871  C  C   . THR B 1 50 ? -6.139  12.555  -0.680  1.00 18.83  ? 50  THR B C   1 
ATOM   872  O  O   . THR B 1 50 ? -5.443  11.631  -0.269  1.00 19.49  ? 50  THR B O   1 
ATOM   873  C  CB  . THR B 1 50 ? -6.805  14.489  0.802   1.00 19.22  ? 50  THR B CB  1 
ATOM   874  O  OG1 . THR B 1 50 ? -6.324  15.723  1.336   1.00 19.11  ? 50  THR B OG1 1 
ATOM   875  C  CG2 . THR B 1 50 ? -6.958  13.463  1.948   1.00 19.02  ? 50  THR B CG2 1 
ATOM   876  N  N   . LEU B 1 51 ? -7.172  12.378  -1.487  1.00 18.74  ? 51  LEU B N   1 
ATOM   877  C  CA  . LEU B 1 51 ? -7.534  11.061  -2.006  1.00 18.22  ? 51  LEU B CA  1 
ATOM   878  C  C   . LEU B 1 51 ? -6.412  10.455  -2.826  1.00 18.17  ? 51  LEU B C   1 
ATOM   879  O  O   . LEU B 1 51 ? -6.082  9.282   -2.647  1.00 18.38  ? 51  LEU B O   1 
ATOM   880  C  CB  . LEU B 1 51 ? -8.802  11.145  -2.850  1.00 18.30  ? 51  LEU B CB  1 
ATOM   881  C  CG  . LEU B 1 51 ? -10.057 11.649  -2.136  1.00 18.66  ? 51  LEU B CG  1 
ATOM   882  C  CD1 . LEU B 1 51 ? -11.205 11.705  -3.142  1.00 16.62  ? 51  LEU B CD1 1 
ATOM   883  C  CD2 . LEU B 1 51 ? -10.413 10.766  -0.931  1.00 18.56  ? 51  LEU B CD2 1 
ATOM   884  N  N   . LEU B 1 52 ? -5.826  11.253  -3.723  1.00 17.82  ? 52  LEU B N   1 
ATOM   885  C  CA  . LEU B 1 52 ? -4.687  10.809  -4.515  1.00 17.58  ? 52  LEU B CA  1 
ATOM   886  C  C   . LEU B 1 52 ? -3.522  10.360  -3.636  1.00 17.44  ? 52  LEU B C   1 
ATOM   887  O  O   . LEU B 1 52 ? -2.939  9.297   -3.863  1.00 16.58  ? 52  LEU B O   1 
ATOM   888  C  CB  . LEU B 1 52 ? -4.210  11.908  -5.478  1.00 17.52  ? 52  LEU B CB  1 
ATOM   889  C  CG  . LEU B 1 52 ? -3.023  11.513  -6.360  1.00 17.70  ? 52  LEU B CG  1 
ATOM   890  C  CD1 . LEU B 1 52 ? -3.416  10.416  -7.342  1.00 17.26  ? 52  LEU B CD1 1 
ATOM   891  C  CD2 . LEU B 1 52 ? -2.394  12.717  -7.077  1.00 17.59  ? 52  LEU B CD2 1 
ATOM   892  N  N   . ALA B 1 53 ? -3.169  11.188  -2.652  1.00 17.52  ? 53  ALA B N   1 
ATOM   893  C  CA  . ALA B 1 53 ? -2.047  10.882  -1.778  1.00 17.53  ? 53  ALA B CA  1 
ATOM   894  C  C   . ALA B 1 53 ? -2.312  9.613   -0.952  1.00 17.84  ? 53  ALA B C   1 
ATOM   895  O  O   . ALA B 1 53 ? -1.406  8.804   -0.755  1.00 18.34  ? 53  ALA B O   1 
ATOM   896  C  CB  . ALA B 1 53 ? -1.713  12.081  -0.870  1.00 17.43  ? 53  ALA B CB  1 
ATOM   897  N  N   . THR B 1 54 ? -3.548  9.450   -0.481  1.00 18.30  ? 54  THR B N   1 
ATOM   898  C  CA  . THR B 1 54 ? -3.971  8.268   0.282   1.00 18.91  ? 54  THR B CA  1 
ATOM   899  C  C   . THR B 1 54 ? -3.842  6.977   -0.547  1.00 18.99  ? 54  THR B C   1 
ATOM   900  O  O   . THR B 1 54 ? -3.330  5.967   -0.061  1.00 18.11  ? 54  THR B O   1 
ATOM   901  C  CB  . THR B 1 54 ? -5.427  8.421   0.777   1.00 19.44  ? 54  THR B CB  1 
ATOM   902  O  OG1 . THR B 1 54 ? -5.539  9.607   1.570   1.00 20.16  ? 54  THR B OG1 1 
ATOM   903  C  CG2 . THR B 1 54 ? -5.874  7.216   1.620   1.00 19.84  ? 54  THR B CG2 1 
ATOM   904  N  N   . LEU B 1 55 ? -4.298  7.026   -1.797  1.00 18.94  ? 55  LEU B N   1 
ATOM   905  C  CA  . LEU B 1 55 ? -4.155  5.898   -2.720  1.00 19.79  ? 55  LEU B CA  1 
ATOM   906  C  C   . LEU B 1 55 ? -2.696  5.606   -3.048  1.00 20.41  ? 55  LEU B C   1 
ATOM   907  O  O   . LEU B 1 55 ? -2.302  4.450   -3.101  1.00 20.77  ? 55  LEU B O   1 
ATOM   908  C  CB  . LEU B 1 55 ? -4.964  6.130   -4.014  1.00 18.78  ? 55  LEU B CB  1 
ATOM   909  C  CG  . LEU B 1 55 ? -6.485  6.162   -3.853  1.00 19.26  ? 55  LEU B CG  1 
ATOM   910  C  CD1 . LEU B 1 55 ? -7.123  6.572   -5.165  1.00 18.71  ? 55  LEU B CD1 1 
ATOM   911  C  CD2 . LEU B 1 55 ? -7.075  4.813   -3.367  1.00 17.09  ? 55  LEU B CD2 1 
ATOM   912  N  N   . LYS B 1 56 ? -1.896  6.647   -3.256  1.00 21.30  ? 56  LYS B N   1 
ATOM   913  C  CA  . LYS B 1 56 ? -0.492  6.461   -3.613  1.00 22.73  ? 56  LYS B CA  1 
ATOM   914  C  C   . LYS B 1 56 ? 0.323   5.892   -2.449  1.00 23.60  ? 56  LYS B C   1 
ATOM   915  O  O   . LYS B 1 56 ? 1.462   5.471   -2.641  1.00 23.28  ? 56  LYS B O   1 
ATOM   916  C  CB  . LYS B 1 56 ? 0.141   7.771   -4.082  1.00 22.79  ? 56  LYS B CB  1 
ATOM   917  C  CG  . LYS B 1 56 ? -0.219  8.186   -5.488  1.00 23.96  ? 56  LYS B CG  1 
ATOM   918  C  CD  . LYS B 1 56 ? 0.538   9.452   -5.869  1.00 26.14  ? 56  LYS B CD  1 
ATOM   919  C  CE  . LYS B 1 56 ? 0.353   9.821   -7.327  1.00 27.42  ? 56  LYS B CE  1 
ATOM   920  N  NZ  . LYS B 1 56 ? 1.317   9.107   -8.215  1.00 28.52  ? 56  LYS B NZ  1 
ATOM   921  N  N   . LYS B 1 57 ? -0.271  5.887   -1.252  1.00 24.48  ? 57  LYS B N   1 
ATOM   922  C  CA  . LYS B 1 57 ? 0.353   5.318   -0.056  1.00 25.13  ? 57  LYS B CA  1 
ATOM   923  C  C   . LYS B 1 57 ? 0.553   3.814   -0.167  1.00 24.66  ? 57  LYS B C   1 
ATOM   924  O  O   . LYS B 1 57 ? 1.513   3.271   0.380   1.00 25.32  ? 57  LYS B O   1 
ATOM   925  C  CB  . LYS B 1 57 ? -0.496  5.608   1.188   1.00 25.23  ? 57  LYS B CB  1 
ATOM   926  C  CG  . LYS B 1 57 ? -0.147  6.915   1.849   1.00 27.27  ? 57  LYS B CG  1 
ATOM   927  C  CD  . LYS B 1 57 ? -1.019  7.198   3.070   1.00 29.27  ? 57  LYS B CD  1 
ATOM   928  C  CE  . LYS B 1 57 ? -0.606  8.548   3.661   1.00 31.74  ? 57  LYS B CE  1 
ATOM   929  N  NZ  . LYS B 1 57 ? -1.268  8.870   4.953   1.00 33.47  ? 57  LYS B NZ  1 
ATOM   930  N  N   . THR B 1 58 ? -0.374  3.151   -0.851  1.00 24.06  ? 58  THR B N   1 
ATOM   931  C  CA  . THR B 1 58 ? -0.335  1.707   -1.053  1.00 23.12  ? 58  THR B CA  1 
ATOM   932  C  C   . THR B 1 58 ? 0.959   1.283   -1.747  1.00 22.50  ? 58  THR B C   1 
ATOM   933  O  O   . THR B 1 58 ? 1.360   0.118   -1.656  1.00 22.63  ? 58  THR B O   1 
ATOM   934  C  CB  . THR B 1 58 ? -1.496  1.251   -1.950  1.00 23.31  ? 58  THR B CB  1 
ATOM   935  O  OG1 . THR B 1 58 ? -1.448  1.983   -3.177  1.00 21.57  ? 58  THR B OG1 1 
ATOM   936  C  CG2 . THR B 1 58 ? -2.856  1.477   -1.281  1.00 24.01  ? 58  THR B CG2 1 
ATOM   937  N  N   . GLY B 1 59 ? 1.592   2.229   -2.445  1.00 21.15  ? 59  GLY B N   1 
ATOM   938  C  CA  . GLY B 1 59 ? 2.747   1.952   -3.297  1.00 20.32  ? 59  GLY B CA  1 
ATOM   939  C  C   . GLY B 1 59 ? 2.370   1.382   -4.664  1.00 19.89  ? 59  GLY B C   1 
ATOM   940  O  O   . GLY B 1 59 ? 3.237   0.928   -5.412  1.00 19.08  ? 59  GLY B O   1 
ATOM   941  N  N   . LYS B 1 60 ? 1.071   1.400   -4.973  1.00 19.08  ? 60  LYS B N   1 
ATOM   942  C  CA  . LYS B 1 60 ? 0.556   1.007   -6.283  1.00 19.30  ? 60  LYS B CA  1 
ATOM   943  C  C   . LYS B 1 60 ? 0.527   2.216   -7.223  1.00 19.25  ? 60  LYS B C   1 
ATOM   944  O  O   . LYS B 1 60 ? 0.507   3.369   -6.769  1.00 19.67  ? 60  LYS B O   1 
ATOM   945  C  CB  . LYS B 1 60 ? -0.847  0.411   -6.132  1.00 19.57  ? 60  LYS B CB  1 
ATOM   946  C  CG  . LYS B 1 60 ? -0.879  -0.823  -5.222  1.00 20.21  ? 60  LYS B CG  1 
ATOM   947  C  CD  . LYS B 1 60 ? -2.294  -1.305  -4.970  1.00 24.17  ? 60  LYS B CD  1 
ATOM   948  C  CE  . LYS B 1 60 ? -2.389  -2.102  -3.669  1.00 24.25  ? 60  LYS B CE  1 
ATOM   949  N  NZ  . LYS B 1 60 ? -1.294  -3.113  -3.534  1.00 26.53  ? 60  LYS B NZ  1 
ATOM   950  N  N   . THR B 1 61 ? 0.528   1.954   -8.525  1.00 18.51  ? 61  THR B N   1 
ATOM   951  C  CA  . THR B 1 61 ? 0.447   3.011   -9.523  1.00 18.00  ? 61  THR B CA  1 
ATOM   952  C  C   . THR B 1 61 ? -0.961  3.605   -9.553  1.00 17.48  ? 61  THR B C   1 
ATOM   953  O  O   . THR B 1 61 ? -1.936  2.887   -9.753  1.00 17.27  ? 61  THR B O   1 
ATOM   954  C  CB  . THR B 1 61 ? 0.824   2.483   -10.914 1.00 18.07  ? 61  THR B CB  1 
ATOM   955  O  OG1 . THR B 1 61 ? 2.103   1.850   -10.843 1.00 18.78  ? 61  THR B OG1 1 
ATOM   956  C  CG2 . THR B 1 61 ? 0.872   3.622   -11.955 1.00 17.87  ? 61  THR B CG2 1 
ATOM   957  N  N   . VAL B 1 62 ? -1.055  4.916   -9.342  1.00 17.36  ? 62  VAL B N   1 
ATOM   958  C  CA  . VAL B 1 62 ? -2.351  5.609   -9.254  1.00 17.04  ? 62  VAL B CA  1 
ATOM   959  C  C   . VAL B 1 62 ? -2.436  6.759   -10.270 1.00 17.51  ? 62  VAL B C   1 
ATOM   960  O  O   . VAL B 1 62 ? -1.488  7.527   -10.447 1.00 17.02  ? 62  VAL B O   1 
ATOM   961  C  CB  . VAL B 1 62 ? -2.619  6.167   -7.839  1.00 17.30  ? 62  VAL B CB  1 
ATOM   962  C  CG1 . VAL B 1 62 ? -3.987  6.873   -7.763  1.00 16.04  ? 62  VAL B CG1 1 
ATOM   963  C  CG2 . VAL B 1 62 ? -2.528  5.062   -6.770  1.00 17.16  ? 62  VAL B CG2 1 
ATOM   964  N  N   . SER B 1 63 ? -3.586  6.871   -10.923 1.00 17.07  ? 63  SER B N   1 
ATOM   965  C  CA  . SER B 1 63 ? -3.843  7.992   -11.798 1.00 17.19  ? 63  SER B CA  1 
ATOM   966  C  C   . SER B 1 63 ? -5.274  8.477   -11.587 1.00 16.46  ? 63  SER B C   1 
ATOM   967  O  O   . SER B 1 63 ? -6.067  7.808   -10.933 1.00 15.99  ? 63  SER B O   1 
ATOM   968  C  CB  . SER B 1 63 ? -3.631  7.587   -13.246 1.00 17.02  ? 63  SER B CB  1 
ATOM   969  O  OG  . SER B 1 63 ? -3.296  8.738   -13.985 1.00 21.36  ? 63  SER B OG  1 
ATOM   970  N  N   . TYR B 1 64 ? -5.605  9.635   -12.148 1.00 15.99  ? 64  TYR B N   1 
ATOM   971  C  CA  . TYR B 1 64 ? -6.899  10.255  -11.897 1.00 15.93  ? 64  TYR B CA  1 
ATOM   972  C  C   . TYR B 1 64 ? -7.754  10.167  -13.137 1.00 15.88  ? 64  TYR B C   1 
ATOM   973  O  O   . TYR B 1 64 ? -7.335  10.603  -14.214 1.00 15.58  ? 64  TYR B O   1 
ATOM   974  C  CB  . TYR B 1 64 ? -6.707  11.712  -11.498 1.00 15.70  ? 64  TYR B CB  1 
ATOM   975  C  CG  . TYR B 1 64 ? -7.955  12.468  -11.093 1.00 15.95  ? 64  TYR B CG  1 
ATOM   976  C  CD1 . TYR B 1 64 ? -8.786  11.999  -10.073 1.00 14.78  ? 64  TYR B CD1 1 
ATOM   977  C  CD2 . TYR B 1 64 ? -8.270  13.691  -11.689 1.00 15.93  ? 64  TYR B CD2 1 
ATOM   978  C  CE1 . TYR B 1 64 ? -9.911  12.704  -9.683  1.00 14.69  ? 64  TYR B CE1 1 
ATOM   979  C  CE2 . TYR B 1 64 ? -9.393  14.414  -11.298 1.00 14.96  ? 64  TYR B CE2 1 
ATOM   980  C  CZ  . TYR B 1 64 ? -10.202 13.917  -10.289 1.00 15.22  ? 64  TYR B CZ  1 
ATOM   981  O  OH  . TYR B 1 64 ? -11.319 14.614  -9.901  1.00 13.91  ? 64  TYR B OH  1 
ATOM   982  N  N   . LEU B 1 65 ? -8.945  9.593   -12.988 1.00 15.97  ? 65  LEU B N   1 
ATOM   983  C  CA  . LEU B 1 65 ? -9.856  9.417   -14.126 1.00 16.97  ? 65  LEU B CA  1 
ATOM   984  C  C   . LEU B 1 65 ? -10.915 10.500  -14.152 1.00 17.08  ? 65  LEU B C   1 
ATOM   985  O  O   . LEU B 1 65 ? -11.781 10.512  -15.022 1.00 16.83  ? 65  LEU B O   1 
ATOM   986  C  CB  . LEU B 1 65 ? -10.515 8.026   -14.095 1.00 17.12  ? 65  LEU B CB  1 
ATOM   987  C  CG  . LEU B 1 65 ? -9.559  6.834   -14.095 1.00 17.98  ? 65  LEU B CG  1 
ATOM   988  C  CD1 . LEU B 1 65 ? -10.366 5.543   -14.062 1.00 19.48  ? 65  LEU B CD1 1 
ATOM   989  C  CD2 . LEU B 1 65 ? -8.668  6.873   -15.337 1.00 18.32  ? 65  LEU B CD2 1 
ATOM   990  N  N   . GLY B 1 66 ? -10.836 11.414  -13.195 1.00 17.69  ? 66  GLY B N   1 
ATOM   991  C  CA  . GLY B 1 66 ? -11.645 12.613  -13.242 1.00 18.72  ? 66  GLY B CA  1 
ATOM   992  C  C   . GLY B 1 66 ? -12.881 12.583  -12.374 1.00 20.04  ? 66  GLY B C   1 
ATOM   993  O  O   . GLY B 1 66 ? -13.124 11.631  -11.616 1.00 19.54  ? 66  GLY B O   1 
ATOM   994  N  N   . LEU B 1 67 ? -13.652 13.656  -12.477 1.00 21.08  ? 67  LEU B N   1 
ATOM   995  C  CA  . LEU B 1 67 ? -14.941 13.725  -11.842 1.00 22.85  ? 67  LEU B CA  1 
ATOM   996  C  C   . LEU B 1 67 ? -15.907 12.917  -12.682 1.00 24.29  ? 67  LEU B C   1 
ATOM   997  O  O   . LEU B 1 67 ? -15.813 12.888  -13.922 1.00 24.89  ? 67  LEU B O   1 
ATOM   998  C  CB  . LEU B 1 67 ? -15.404 15.180  -11.735 1.00 22.66  ? 67  LEU B CB  1 
ATOM   999  C  CG  . LEU B 1 67 ? -14.557 16.041  -10.782 1.00 22.27  ? 67  LEU B CG  1 
ATOM   1000 C  CD1 . LEU B 1 67 ? -14.699 17.518  -11.103 1.00 21.42  ? 67  LEU B CD1 1 
ATOM   1001 C  CD2 . LEU B 1 67 ? -14.914 15.766  -9.328  1.00 21.09  ? 67  LEU B CD2 1 
ATOM   1002 N  N   . GLU B 1 68 ? -16.827 12.247  -12.005 1.00 25.42  ? 68  GLU B N   1 
ATOM   1003 C  CA  . GLU B 1 68 ? -17.867 11.488  -12.680 1.00 26.67  ? 68  GLU B CA  1 
ATOM   1004 C  C   . GLU B 1 68 ? -18.658 12.406  -13.611 1.00 27.11  ? 68  GLU B C   1 
ATOM   1005 O  O   . GLU B 1 68 ? -18.983 13.547  -13.252 1.00 27.33  ? 68  GLU B O   1 
ATOM   1006 C  CB  . GLU B 1 68 ? -18.785 10.843  -11.642 1.00 26.64  ? 68  GLU B CB  1 
ATOM   1007 C  CG  . GLU B 1 68 ? -19.932 10.039  -12.224 1.00 28.41  ? 68  GLU B CG  1 
ATOM   1008 C  CD  . GLU B 1 68 ? -20.970 9.699   -11.177 1.00 29.47  ? 68  GLU B CD  1 
ATOM   1009 O  OE1 . GLU B 1 68 ? -20.607 9.021   -10.192 1.00 29.62  ? 68  GLU B OE1 1 
ATOM   1010 O  OE2 . GLU B 1 68 ? -22.139 10.122  -11.339 1.00 30.27  ? 68  GLU B OE2 1 
ATOM   1011 O  OXT . GLU B 1 68 ? -18.976 12.040  -14.752 1.00 27.78  ? 68  GLU B OXT 1 
HETATM 1012 PT PT1 . CPT C 2 .  ? -1.935  -8.159  -4.943  0.40 37.23  ? 69  CPT A PT1 1 
HETATM 1013 N  N1  . CPT C 2 .  ? -1.140  -9.958  -4.635  0.40 64.07  ? 69  CPT A N1  1 
HETATM 1014 N  N2  . CPT C 2 .  ? -2.728  -8.326  -6.549  0.40 63.86  ? 69  CPT A N2  1 
HETATM 1015 S  S   . SO4 D 3 .  ? 14.182  6.842   11.885  1.00 72.06  ? 71  SO4 A S   1 
HETATM 1016 O  O1  . SO4 D 3 .  ? 13.609  7.631   12.966  1.00 73.11  ? 71  SO4 A O1  1 
HETATM 1017 O  O2  . SO4 D 3 .  ? 13.841  5.451   12.141  1.00 73.53  ? 71  SO4 A O2  1 
HETATM 1018 O  O3  . SO4 D 3 .  ? 13.633  7.271   10.604  1.00 73.31  ? 71  SO4 A O3  1 
HETATM 1019 O  O4  . SO4 D 3 .  ? 15.632  6.993   11.842  1.00 72.83  ? 71  SO4 A O4  1 
HETATM 1020 S  S   . SO4 E 3 .  ? -16.075 8.192   8.862   1.00 102.03 ? 70  SO4 B S   1 
HETATM 1021 O  O1  . SO4 E 3 .  ? -17.307 8.490   9.588   1.00 102.23 ? 70  SO4 B O1  1 
HETATM 1022 O  O2  . SO4 E 3 .  ? -15.500 6.943   9.352   1.00 101.92 ? 70  SO4 B O2  1 
HETATM 1023 O  O3  . SO4 E 3 .  ? -16.390 8.065   7.443   1.00 102.14 ? 70  SO4 B O3  1 
HETATM 1024 O  O4  . SO4 E 3 .  ? -15.114 9.273   9.060   1.00 102.15 ? 70  SO4 B O4  1 
HETATM 1025 S  S   . SO4 F 3 .  ? -8.888  17.360  3.158   1.00 68.13  ? 71  SO4 B S   1 
HETATM 1026 O  O1  . SO4 F 3 .  ? -10.099 17.283  3.968   1.00 68.76  ? 71  SO4 B O1  1 
HETATM 1027 O  O2  . SO4 F 3 .  ? -8.115  16.145  3.350   1.00 69.76  ? 71  SO4 B O2  1 
HETATM 1028 O  O3  . SO4 F 3 .  ? -9.216  17.486  1.748   1.00 69.13  ? 71  SO4 B O3  1 
HETATM 1029 O  O4  . SO4 F 3 .  ? -8.095  18.505  3.579   1.00 69.12  ? 71  SO4 B O4  1 
HETATM 1030 O  O   . HOH G 4 .  ? 18.716  -7.582  2.228   1.00 38.13  ? 72  HOH A O   1 
HETATM 1031 O  O   . HOH G 4 .  ? 16.013  7.433   4.446   1.00 37.57  ? 73  HOH A O   1 
HETATM 1032 O  O   . HOH G 4 .  ? 18.646  6.059   0.047   1.00 32.12  ? 74  HOH A O   1 
HETATM 1033 O  O   . HOH G 4 .  ? 4.653   5.450   0.550   1.00 29.98  ? 75  HOH A O   1 
HETATM 1034 O  O   . HOH G 4 .  ? 10.152  2.853   -6.652  1.00 27.62  ? 76  HOH A O   1 
HETATM 1035 O  O   . HOH G 4 .  ? 17.343  -3.542  -1.826  1.00 24.38  ? 77  HOH A O   1 
HETATM 1036 O  O   . HOH G 4 .  ? 19.661  3.373   6.891   1.00 23.90  ? 78  HOH A O   1 
HETATM 1037 O  O   . HOH G 4 .  ? -0.920  -4.678  9.807   1.00 28.04  ? 79  HOH A O   1 
HETATM 1038 O  O   . HOH G 4 .  ? 12.500  -11.994 2.684   1.00 28.64  ? 80  HOH A O   1 
HETATM 1039 O  O   . HOH G 4 .  ? 25.769  2.128   12.468  1.00 40.95  ? 81  HOH A O   1 
HETATM 1040 O  O   . HOH G 4 .  ? -0.339  -1.881  -1.187  1.00 28.31  ? 82  HOH A O   1 
HETATM 1041 O  O   . HOH G 4 .  ? 1.306   -10.326 7.857   1.00 30.72  ? 83  HOH A O   1 
HETATM 1042 O  O   . HOH G 4 .  ? 12.528  -14.944 3.581   1.00 35.81  ? 84  HOH A O   1 
HETATM 1043 O  O   . HOH G 4 .  ? 4.048   -12.640 13.597  1.00 48.06  ? 85  HOH A O   1 
HETATM 1044 O  O   . HOH G 4 .  ? 5.234   -14.541 6.664   1.00 31.37  ? 86  HOH A O   1 
HETATM 1045 O  O   . HOH G 4 .  ? 3.184   -1.947  -7.533  1.00 35.57  ? 87  HOH A O   1 
HETATM 1046 O  O   . HOH G 4 .  ? 10.765  -18.038 -1.946  1.00 42.50  ? 88  HOH A O   1 
HETATM 1047 O  O   . HOH G 4 .  ? 7.359   -0.610  -11.775 1.00 50.21  ? 89  HOH A O   1 
HETATM 1048 O  O   . HOH G 4 .  ? -2.747  -7.945  4.130   1.00 50.26  ? 90  HOH A O   1 
HETATM 1049 O  O   . HOH G 4 .  ? 1.183   -15.424 -4.204  1.00 35.65  ? 91  HOH A O   1 
HETATM 1050 O  O   . HOH G 4 .  ? 8.235   7.185   3.538   1.00 39.98  ? 92  HOH A O   1 
HETATM 1051 O  O   . HOH G 4 .  ? 24.582  -2.893  10.153  1.00 46.10  ? 93  HOH A O   1 
HETATM 1052 O  O   . HOH G 4 .  ? 16.982  2.818   -0.040  1.00 53.62  ? 94  HOH A O   1 
HETATM 1053 O  O   . HOH G 4 .  ? 7.102   5.092   2.055   1.00 25.12  ? 95  HOH A O   1 
HETATM 1054 O  O   . HOH G 4 .  ? 21.928  0.618   6.930   1.00 30.76  ? 96  HOH A O   1 
HETATM 1055 O  O   . HOH G 4 .  ? 3.143   -17.201 -3.954  1.00 36.36  ? 97  HOH A O   1 
HETATM 1056 O  O   . HOH G 4 .  ? 9.853   -3.382  -9.603  1.00 47.58  ? 98  HOH A O   1 
HETATM 1057 O  O   . HOH G 4 .  ? 1.231   -4.592  -1.106  1.00 32.60  ? 99  HOH A O   1 
HETATM 1058 O  O   . HOH G 4 .  ? -1.654  -1.855  6.908   1.00 25.14  ? 100 HOH A O   1 
HETATM 1059 O  O   . HOH G 4 .  ? 20.982  -0.299  4.301   1.00 33.35  ? 101 HOH A O   1 
HETATM 1060 O  O   . HOH G 4 .  ? 14.725  10.907  6.305   1.00 68.30  ? 102 HOH A O   1 
HETATM 1061 O  O   . HOH G 4 .  ? 15.720  1.395   -2.168  1.00 33.23  ? 103 HOH A O   1 
HETATM 1062 O  O   . HOH G 4 .  ? 4.325   -6.366  14.990  1.00 28.47  ? 104 HOH A O   1 
HETATM 1063 O  O   . HOH G 4 .  ? 2.348   -15.289 -1.013  1.00 18.51  ? 105 HOH A O   1 
HETATM 1064 O  O   . HOH G 4 .  ? 17.406  -0.344  12.367  1.00 20.38  ? 106 HOH A O   1 
HETATM 1065 O  O   . HOH G 4 .  ? 18.699  6.926   6.282   1.00 45.92  ? 107 HOH A O   1 
HETATM 1066 O  O   . HOH G 4 .  ? 1.115   -10.770 10.376  1.00 33.72  ? 108 HOH A O   1 
HETATM 1067 O  O   . HOH G 4 .  ? 10.441  4.527   -8.590  1.00 70.67  ? 109 HOH A O   1 
HETATM 1068 O  O   . HOH G 4 .  ? 11.276  0.439   -8.974  1.00 42.25  ? 110 HOH A O   1 
HETATM 1069 O  O   . HOH G 4 .  ? 10.992  -2.553  -7.515  1.00 49.86  ? 111 HOH A O   1 
HETATM 1070 O  O   . HOH G 4 .  ? 19.092  -6.807  -1.064  1.00 31.16  ? 112 HOH A O   1 
HETATM 1071 O  O   . HOH G 4 .  ? 5.287   -0.940  17.477  1.00 51.70  ? 113 HOH A O   1 
HETATM 1072 O  O   . HOH H 4 .  ? -11.876 11.669  7.410   1.00 33.70  ? 72  HOH B O   1 
HETATM 1073 O  O   . HOH H 4 .  ? -14.837 10.874  -15.149 1.00 27.76  ? 73  HOH B O   1 
HETATM 1074 O  O   . HOH H 4 .  ? -10.294 -2.266  -17.980 1.00 43.31  ? 74  HOH B O   1 
HETATM 1075 O  O   . HOH H 4 .  ? -17.199 1.571   0.806   1.00 23.76  ? 75  HOH B O   1 
HETATM 1076 O  O   . HOH H 4 .  ? -19.254 3.323   -8.996  1.00 29.75  ? 76  HOH B O   1 
HETATM 1077 O  O   . HOH H 4 .  ? -18.295 -7.282  -16.869 1.00 42.35  ? 77  HOH B O   1 
HETATM 1078 O  O   . HOH H 4 .  ? -15.369 3.832   4.830   1.00 45.67  ? 78  HOH B O   1 
HETATM 1079 O  O   . HOH H 4 .  ? -0.877  11.861  3.246   1.00 63.21  ? 79  HOH B O   1 
HETATM 1080 O  O   . HOH H 4 .  ? -24.805 4.040   -3.314  1.00 53.10  ? 80  HOH B O   1 
HETATM 1081 O  O   . HOH H 4 .  ? -6.544  19.413  0.668   1.00 37.28  ? 81  HOH B O   1 
HETATM 1082 O  O   . HOH H 4 .  ? -2.827  -2.415  -16.517 1.00 41.94  ? 82  HOH B O   1 
HETATM 1083 O  O   . HOH H 4 .  ? -13.680 16.157  -3.221  1.00 27.12  ? 83  HOH B O   1 
HETATM 1084 O  O   . HOH H 4 .  ? -5.570  -12.359 -3.615  1.00 14.20  ? 84  HOH B O   1 
HETATM 1085 O  O   . HOH H 4 .  ? -7.231  -6.127  -11.948 1.00 14.43  ? 85  HOH B O   1 
HETATM 1086 O  O   . HOH H 4 .  ? 1.272   6.469   -8.757  1.00 24.51  ? 86  HOH B O   1 
HETATM 1087 O  O   . HOH H 4 .  ? -21.199 0.681   -5.951  1.00 42.74  ? 87  HOH B O   1 
HETATM 1088 O  O   . HOH H 4 .  ? -18.152 -0.064  -9.977  1.00 35.44  ? 88  HOH B O   1 
HETATM 1089 O  O   . HOH H 4 .  ? 1.250   9.477   -0.592  1.00 24.06  ? 89  HOH B O   1 
HETATM 1090 O  O   . HOH H 4 .  ? -18.513 9.804   4.239   1.00 34.87  ? 90  HOH B O   1 
HETATM 1091 O  O   . HOH H 4 .  ? -11.278 19.341  1.006   1.00 39.27  ? 91  HOH B O   1 
HETATM 1092 O  O   . HOH H 4 .  ? -14.164 -5.495  -7.649  1.00 13.16  ? 92  HOH B O   1 
HETATM 1093 O  O   . HOH H 4 .  ? -15.852 -5.823  -9.749  1.00 15.98  ? 93  HOH B O   1 
HETATM 1094 O  O   . HOH H 4 .  ? 0.120   7.282   6.748   1.00 42.55  ? 94  HOH B O   1 
HETATM 1095 O  O   . HOH H 4 .  ? -5.882  -0.079  9.359   1.00 42.31  ? 95  HOH B O   1 
HETATM 1096 O  O   . HOH H 4 .  ? -14.152 11.832  8.557   1.00 41.58  ? 96  HOH B O   1 
HETATM 1097 O  O   . HOH H 4 .  ? -8.102  10.581  8.715   1.00 27.16  ? 97  HOH B O   1 
HETATM 1098 O  O   . HOH H 4 .  ? -15.071 1.565   -9.417  1.00 26.77  ? 98  HOH B O   1 
HETATM 1099 O  O   . HOH H 4 .  ? -0.120  12.380  -4.148  1.00 27.72  ? 99  HOH B O   1 
HETATM 1100 O  O   . HOH H 4 .  ? -9.235  -4.143  8.013   1.00 32.51  ? 100 HOH B O   1 
HETATM 1101 O  O   . HOH H 4 .  ? -10.265 -1.659  7.367   1.00 23.66  ? 101 HOH B O   1 
HETATM 1102 O  O   . HOH H 4 .  ? -15.959 13.513  3.251   1.00 19.34  ? 102 HOH B O   1 
HETATM 1103 O  O   . HOH H 4 .  ? -16.498 0.070   -17.985 1.00 42.72  ? 103 HOH B O   1 
HETATM 1104 O  O   . HOH H 4 .  ? 4.154   8.469   2.315   1.00 51.96  ? 104 HOH B O   1 
HETATM 1105 O  O   . HOH H 4 .  ? -19.581 10.535  1.266   1.00 36.24  ? 105 HOH B O   1 
HETATM 1106 O  O   . HOH H 4 .  ? -16.047 -5.504  -13.311 1.00 28.40  ? 106 HOH B O   1 
HETATM 1107 O  O   . HOH H 4 .  ? 1.476   10.610  1.821   1.00 35.76  ? 107 HOH B O   1 
HETATM 1108 O  O   . HOH H 4 .  ? -4.884  6.096   4.879   1.00 25.75  ? 108 HOH B O   1 
HETATM 1109 O  O   . HOH H 4 .  ? -18.191 7.791   -10.097 1.00 35.30  ? 109 HOH B O   1 
HETATM 1110 O  O   . HOH H 4 .  ? 2.072   4.927   -5.309  1.00 31.63  ? 110 HOH B O   1 
HETATM 1111 O  O   . HOH H 4 .  ? -4.581  -7.608  2.167   1.00 28.30  ? 111 HOH B O   1 
HETATM 1112 O  O   . HOH H 4 .  ? -14.440 4.745   -13.239 1.00 41.18  ? 112 HOH B O   1 
HETATM 1113 O  O   . HOH H 4 .  ? -3.122  3.218   -12.190 1.00 21.19  ? 113 HOH B O   1 
HETATM 1114 O  O   . HOH H 4 .  ? -15.124 6.349   5.749   1.00 26.37  ? 114 HOH B O   1 
HETATM 1115 O  O   . HOH H 4 .  ? 3.396   8.322   -1.896  1.00 33.17  ? 115 HOH B O   1 
HETATM 1116 O  O   . HOH H 4 .  ? 3.310   5.901   -10.568 1.00 50.79  ? 116 HOH B O   1 
HETATM 1117 O  O   . HOH H 4 .  ? -3.923  9.193   4.044   1.00 49.56  ? 117 HOH B O   1 
HETATM 1118 O  O   . HOH H 4 .  ? -6.935  14.499  5.713   1.00 44.29  ? 118 HOH B O   1 
HETATM 1119 O  O   . HOH H 4 .  ? -7.862  0.413   7.739   1.00 26.12  ? 119 HOH B O   1 
HETATM 1120 O  O   . HOH H 4 .  ? -9.497  20.458  5.091   1.00 55.83  ? 120 HOH B O   1 
HETATM 1121 O  O   . HOH H 4 .  ? -19.120 15.091  -11.321 1.00 28.91  ? 121 HOH B O   1 
HETATM 1122 O  O   . HOH H 4 .  ? -8.110  -8.661  -11.994 1.00 44.97  ? 122 HOH B O   1 
HETATM 1123 O  O   . HOH H 4 .  ? -9.558  -9.590  -13.908 1.00 46.89  ? 123 HOH B O   1 
HETATM 1124 O  O   . HOH H 4 .  ? -10.511 18.656  -4.766  1.00 23.28  ? 124 HOH B O   1 
HETATM 1125 O  O   . HOH H 4 .  ? -2.812  4.093   5.327   1.00 29.10  ? 125 HOH B O   1 
HETATM 1126 O  O   . HOH H 4 .  ? -13.819 5.053   7.753   1.00 37.49  ? 126 HOH B O   1 
HETATM 1127 O  O   . HOH H 4 .  ? -17.079 8.283   -7.747  1.00 41.91  ? 127 HOH B O   1 
HETATM 1128 O  O   . HOH H 4 .  ? -0.861  10.195  7.472   1.00 47.12  ? 128 HOH B O   1 
HETATM 1129 O  O   . HOH H 4 .  ? -15.561 -6.943  -16.126 1.00 39.47  ? 129 HOH B O   1 
HETATM 1130 O  O   . HOH H 4 .  ? 1.757   11.409  -2.429  1.00 37.86  ? 130 HOH B O   1 
HETATM 1131 O  O   . HOH H 4 .  ? -4.897  8.189   6.630   1.00 43.45  ? 131 HOH B O   1 
HETATM 1132 O  O   . HOH H 4 .  ? -14.288 0.408   -16.574 1.00 52.14  ? 132 HOH B O   1 
HETATM 1133 O  O   . HOH H 4 .  ? -8.104  1.807   -14.891 1.00 31.46  ? 133 HOH B O   1 
HETATM 1134 O  O   . HOH H 4 .  ? -1.097  -5.150  -2.015  1.00 34.47  ? 134 HOH B O   1 
# 
